data_5AX2
# 
_entry.id   5AX2 
# 
_audit_conform.dict_name       mmcif_pdbx.dic 
_audit_conform.dict_version    5.397 
_audit_conform.dict_location   http://mmcif.pdb.org/dictionaries/ascii/mmcif_pdbx.dic 
# 
loop_
_database_2.database_id 
_database_2.database_code 
_database_2.pdbx_database_accession 
_database_2.pdbx_DOI 
PDB   5AX2         pdb_00005ax2 10.2210/pdb5ax2/pdb 
WWPDB D_1300000102 ?            ?                   
# 
loop_
_pdbx_audit_revision_history.ordinal 
_pdbx_audit_revision_history.data_content_type 
_pdbx_audit_revision_history.major_revision 
_pdbx_audit_revision_history.minor_revision 
_pdbx_audit_revision_history.revision_date 
1 'Structure model' 1 0 2016-07-20 
2 'Structure model' 1 1 2019-02-20 
3 'Structure model' 1 2 2024-10-30 
# 
_pdbx_audit_revision_details.ordinal             1 
_pdbx_audit_revision_details.revision_ordinal    1 
_pdbx_audit_revision_details.data_content_type   'Structure model' 
_pdbx_audit_revision_details.provider            repository 
_pdbx_audit_revision_details.type                'Initial release' 
_pdbx_audit_revision_details.description         ? 
_pdbx_audit_revision_details.details             ? 
# 
loop_
_pdbx_audit_revision_group.ordinal 
_pdbx_audit_revision_group.revision_ordinal 
_pdbx_audit_revision_group.data_content_type 
_pdbx_audit_revision_group.group 
1 2 'Structure model' 'Data collection'      
2 2 'Structure model' 'Database references'  
3 2 'Structure model' 'Derived calculations' 
4 3 'Structure model' 'Data collection'      
5 3 'Structure model' 'Database references'  
6 3 'Structure model' 'Derived calculations' 
7 3 'Structure model' 'Structure summary'    
# 
loop_
_pdbx_audit_revision_category.ordinal 
_pdbx_audit_revision_category.revision_ordinal 
_pdbx_audit_revision_category.data_content_type 
_pdbx_audit_revision_category.category 
1  2 'Structure model' citation                  
2  2 'Structure model' citation_author           
3  2 'Structure model' pdbx_struct_oper_list     
4  3 'Structure model' chem_comp_atom            
5  3 'Structure model' chem_comp_bond            
6  3 'Structure model' database_2                
7  3 'Structure model' pdbx_entry_details        
8  3 'Structure model' pdbx_modification_feature 
9  3 'Structure model' pdbx_struct_conn_angle    
10 3 'Structure model' struct_conn               
# 
loop_
_pdbx_audit_revision_item.ordinal 
_pdbx_audit_revision_item.revision_ordinal 
_pdbx_audit_revision_item.data_content_type 
_pdbx_audit_revision_item.item 
1  2 'Structure model' '_citation.country'                           
2  2 'Structure model' '_citation.journal_abbrev'                    
3  2 'Structure model' '_citation.journal_id_ASTM'                   
4  2 'Structure model' '_citation.journal_id_CSD'                    
5  2 'Structure model' '_citation.journal_id_ISSN'                   
6  2 'Structure model' '_citation.journal_volume'                    
7  2 'Structure model' '_citation.page_first'                        
8  2 'Structure model' '_citation.page_last'                         
9  2 'Structure model' '_citation.pdbx_database_id_DOI'              
10 2 'Structure model' '_citation.pdbx_database_id_PubMed'           
11 2 'Structure model' '_citation.title'                             
12 2 'Structure model' '_citation.year'                              
13 2 'Structure model' '_pdbx_struct_oper_list.symmetry_operation'   
14 3 'Structure model' '_database_2.pdbx_DOI'                        
15 3 'Structure model' '_database_2.pdbx_database_accession'         
16 3 'Structure model' '_pdbx_struct_conn_angle.ptnr1_auth_comp_id'  
17 3 'Structure model' '_pdbx_struct_conn_angle.ptnr1_auth_seq_id'   
18 3 'Structure model' '_pdbx_struct_conn_angle.ptnr1_label_atom_id' 
19 3 'Structure model' '_pdbx_struct_conn_angle.ptnr1_label_comp_id' 
20 3 'Structure model' '_pdbx_struct_conn_angle.ptnr1_label_seq_id'  
21 3 'Structure model' '_pdbx_struct_conn_angle.ptnr2_auth_seq_id'   
22 3 'Structure model' '_pdbx_struct_conn_angle.ptnr2_label_alt_id'  
23 3 'Structure model' '_pdbx_struct_conn_angle.ptnr2_label_asym_id' 
24 3 'Structure model' '_pdbx_struct_conn_angle.ptnr2_symmetry'      
25 3 'Structure model' '_pdbx_struct_conn_angle.ptnr3_auth_comp_id'  
26 3 'Structure model' '_pdbx_struct_conn_angle.ptnr3_auth_seq_id'   
27 3 'Structure model' '_pdbx_struct_conn_angle.ptnr3_label_atom_id' 
28 3 'Structure model' '_pdbx_struct_conn_angle.ptnr3_label_comp_id' 
29 3 'Structure model' '_pdbx_struct_conn_angle.ptnr3_label_seq_id'  
30 3 'Structure model' '_pdbx_struct_conn_angle.value'               
31 3 'Structure model' '_struct_conn.pdbx_dist_value'                
32 3 'Structure model' '_struct_conn.pdbx_ptnr2_label_alt_id'        
33 3 'Structure model' '_struct_conn.ptnr1_auth_comp_id'             
34 3 'Structure model' '_struct_conn.ptnr1_auth_seq_id'              
35 3 'Structure model' '_struct_conn.ptnr1_label_atom_id'            
36 3 'Structure model' '_struct_conn.ptnr1_label_comp_id'            
37 3 'Structure model' '_struct_conn.ptnr1_label_seq_id'             
38 3 'Structure model' '_struct_conn.ptnr2_auth_seq_id'              
39 3 'Structure model' '_struct_conn.ptnr2_label_asym_id'            
40 3 'Structure model' '_struct_conn.ptnr2_symmetry'                 
# 
_pdbx_database_status.status_code                     REL 
_pdbx_database_status.status_code_sf                  REL 
_pdbx_database_status.status_code_mr                  ? 
_pdbx_database_status.entry_id                        5AX2 
_pdbx_database_status.recvd_initial_deposition_date   2015-07-13 
_pdbx_database_status.SG_entry                        N 
_pdbx_database_status.deposit_site                    PDBJ 
_pdbx_database_status.process_site                    PDBJ 
_pdbx_database_status.status_code_cs                  ? 
_pdbx_database_status.methods_development_category    ? 
_pdbx_database_status.pdb_format_compatible           Y 
_pdbx_database_status.status_code_nmr_data            ? 
# 
loop_
_audit_author.name 
_audit_author.pdbx_ordinal 
_audit_author.identifier_ORCID 
'Kumar, A.'        1 ? 
'Nagarathinam, K.' 2 ? 
'Tanabe, M.'       3 ? 
'Balbach, J.'      4 ? 
# 
_citation.abstract                  ? 
_citation.abstract_id_CAS           ? 
_citation.book_id_ISBN              ? 
_citation.book_publisher            ? 
_citation.book_publisher_city       ? 
_citation.book_title                ? 
_citation.coordinate_linkage        ? 
_citation.country                   US 
_citation.database_id_Medline       ? 
_citation.details                   ? 
_citation.id                        primary 
_citation.journal_abbrev            'J Phys Chem B' 
_citation.journal_id_ASTM           JPCBFK 
_citation.journal_id_CSD            1278 
_citation.journal_id_ISSN           1520-5207 
_citation.journal_full              ? 
_citation.journal_issue             ? 
_citation.journal_volume            123 
_citation.language                  ? 
_citation.page_first                792 
_citation.page_last                 801 
_citation.title                     
'Hyperbolic Pressure-Temperature Phase Diagram of the Zinc-Finger Protein apoKti11 Detected by NMR Spectroscopy.' 
_citation.year                      2019 
_citation.database_id_CSD           ? 
_citation.pdbx_database_id_DOI      10.1021/acs.jpcb.8b11019 
_citation.pdbx_database_id_PubMed   30608169 
_citation.unpublished_flag          ? 
# 
loop_
_citation_author.citation_id 
_citation_author.name 
_citation_author.ordinal 
_citation_author.identifier_ORCID 
primary 'Klamt, A.'        1 ?                   
primary 'Nagarathinam, K.' 2 ?                   
primary 'Tanabe, M.'       3 ?                   
primary 'Kumar, A.'        4 ?                   
primary 'Balbach, J.'      5 0000-0002-8171-8190 
# 
loop_
_entity.id 
_entity.type 
_entity.src_method 
_entity.pdbx_description 
_entity.formula_weight 
_entity.pdbx_number_of_molecules 
_entity.pdbx_ec 
_entity.pdbx_mutation 
_entity.pdbx_fragment 
_entity.details 
1 polymer     man 'Diphthamide biosynthesis protein 3' 10288.432 1 ? ? ? ? 
2 non-polymer syn 'CADMIUM ION'                        112.411   4 ? ? ? ? 
3 water       nat water                                18.015    5 ? ? ? ? 
# 
_entity_name_com.entity_id   1 
_entity_name_com.name        'Kti11p, Kluyveromyces lactis toxin-insensitive protein 11' 
# 
_entity_poly.entity_id                      1 
_entity_poly.type                           'polypeptide(L)' 
_entity_poly.nstd_linkage                   no 
_entity_poly.nstd_monomer                   no 
_entity_poly.pdbx_seq_one_letter_code       
;MVSTYDEIEIEDMTFEPENQMFTYPCPCGDRFQIYLDDMFEGEKVAVCPSCSLMIDVVFDKEDLAEYYEEAGIHPPEPIA
AAAHHHHHH
;
_entity_poly.pdbx_seq_one_letter_code_can   
;MVSTYDEIEIEDMTFEPENQMFTYPCPCGDRFQIYLDDMFEGEKVAVCPSCSLMIDVVFDKEDLAEYYEEAGIHPPEPIA
AAAHHHHHH
;
_entity_poly.pdbx_strand_id                 A 
_entity_poly.pdbx_target_identifier         ? 
# 
loop_
_pdbx_entity_nonpoly.entity_id 
_pdbx_entity_nonpoly.name 
_pdbx_entity_nonpoly.comp_id 
2 'CADMIUM ION' CD  
3 water         HOH 
# 
loop_
_entity_poly_seq.entity_id 
_entity_poly_seq.num 
_entity_poly_seq.mon_id 
_entity_poly_seq.hetero 
1 1  MET n 
1 2  VAL n 
1 3  SER n 
1 4  THR n 
1 5  TYR n 
1 6  ASP n 
1 7  GLU n 
1 8  ILE n 
1 9  GLU n 
1 10 ILE n 
1 11 GLU n 
1 12 ASP n 
1 13 MET n 
1 14 THR n 
1 15 PHE n 
1 16 GLU n 
1 17 PRO n 
1 18 GLU n 
1 19 ASN n 
1 20 GLN n 
1 21 MET n 
1 22 PHE n 
1 23 THR n 
1 24 TYR n 
1 25 PRO n 
1 26 CYS n 
1 27 PRO n 
1 28 CYS n 
1 29 GLY n 
1 30 ASP n 
1 31 ARG n 
1 32 PHE n 
1 33 GLN n 
1 34 ILE n 
1 35 TYR n 
1 36 LEU n 
1 37 ASP n 
1 38 ASP n 
1 39 MET n 
1 40 PHE n 
1 41 GLU n 
1 42 GLY n 
1 43 GLU n 
1 44 LYS n 
1 45 VAL n 
1 46 ALA n 
1 47 VAL n 
1 48 CYS n 
1 49 PRO n 
1 50 SER n 
1 51 CYS n 
1 52 SER n 
1 53 LEU n 
1 54 MET n 
1 55 ILE n 
1 56 ASP n 
1 57 VAL n 
1 58 VAL n 
1 59 PHE n 
1 60 ASP n 
1 61 LYS n 
1 62 GLU n 
1 63 ASP n 
1 64 LEU n 
1 65 ALA n 
1 66 GLU n 
1 67 TYR n 
1 68 TYR n 
1 69 GLU n 
1 70 GLU n 
1 71 ALA n 
1 72 GLY n 
1 73 ILE n 
1 74 HIS n 
1 75 PRO n 
1 76 PRO n 
1 77 GLU n 
1 78 PRO n 
1 79 ILE n 
1 80 ALA n 
1 81 ALA n 
1 82 ALA n 
1 83 ALA n 
1 84 HIS n 
1 85 HIS n 
1 86 HIS n 
1 87 HIS n 
1 88 HIS n 
1 89 HIS n 
# 
_entity_src_gen.entity_id                          1 
_entity_src_gen.pdbx_src_id                        1 
_entity_src_gen.pdbx_alt_source_flag               sample 
_entity_src_gen.pdbx_seq_type                      'Biological sequence' 
_entity_src_gen.pdbx_beg_seq_num                   1 
_entity_src_gen.pdbx_end_seq_num                   89 
_entity_src_gen.gene_src_common_name               
;Baker's yeast
;
_entity_src_gen.gene_src_genus                     ? 
_entity_src_gen.pdbx_gene_src_gene                 'KTI11, DPH3, YBL071W-A' 
_entity_src_gen.gene_src_species                   ? 
_entity_src_gen.gene_src_strain                    S288c 
_entity_src_gen.gene_src_tissue                    ? 
_entity_src_gen.gene_src_tissue_fraction           ? 
_entity_src_gen.gene_src_details                   ? 
_entity_src_gen.pdbx_gene_src_fragment             ? 
_entity_src_gen.pdbx_gene_src_scientific_name      'Saccharomyces cerevisiae S288c' 
_entity_src_gen.pdbx_gene_src_ncbi_taxonomy_id     559292 
_entity_src_gen.pdbx_gene_src_variant              ? 
_entity_src_gen.pdbx_gene_src_cell_line            ? 
_entity_src_gen.pdbx_gene_src_atcc                 ? 
_entity_src_gen.pdbx_gene_src_organ                ? 
_entity_src_gen.pdbx_gene_src_organelle            ? 
_entity_src_gen.pdbx_gene_src_cell                 ? 
_entity_src_gen.pdbx_gene_src_cellular_location    ? 
_entity_src_gen.host_org_common_name               ? 
_entity_src_gen.pdbx_host_org_scientific_name      'Escherichia coli' 
_entity_src_gen.pdbx_host_org_ncbi_taxonomy_id     562 
_entity_src_gen.host_org_genus                     ? 
_entity_src_gen.pdbx_host_org_gene                 ? 
_entity_src_gen.pdbx_host_org_organ                ? 
_entity_src_gen.host_org_species                   ? 
_entity_src_gen.pdbx_host_org_tissue               ? 
_entity_src_gen.pdbx_host_org_tissue_fraction      ? 
_entity_src_gen.pdbx_host_org_strain               ? 
_entity_src_gen.pdbx_host_org_variant              ? 
_entity_src_gen.pdbx_host_org_cell_line            ? 
_entity_src_gen.pdbx_host_org_atcc                 ? 
_entity_src_gen.pdbx_host_org_culture_collection   ? 
_entity_src_gen.pdbx_host_org_cell                 ? 
_entity_src_gen.pdbx_host_org_organelle            ? 
_entity_src_gen.pdbx_host_org_cellular_location    ? 
_entity_src_gen.pdbx_host_org_vector_type          ? 
_entity_src_gen.pdbx_host_org_vector               ? 
_entity_src_gen.host_org_details                   ? 
_entity_src_gen.expression_system_id               ? 
_entity_src_gen.plasmid_name                       ? 
_entity_src_gen.plasmid_details                    ? 
_entity_src_gen.pdbx_description                   ? 
# 
loop_
_chem_comp.id 
_chem_comp.type 
_chem_comp.mon_nstd_flag 
_chem_comp.name 
_chem_comp.pdbx_synonyms 
_chem_comp.formula 
_chem_comp.formula_weight 
ALA 'L-peptide linking' y ALANINE         ? 'C3 H7 N O2'     89.093  
ARG 'L-peptide linking' y ARGININE        ? 'C6 H15 N4 O2 1' 175.209 
ASN 'L-peptide linking' y ASPARAGINE      ? 'C4 H8 N2 O3'    132.118 
ASP 'L-peptide linking' y 'ASPARTIC ACID' ? 'C4 H7 N O4'     133.103 
CD  non-polymer         . 'CADMIUM ION'   ? 'Cd 2'           112.411 
CYS 'L-peptide linking' y CYSTEINE        ? 'C3 H7 N O2 S'   121.158 
GLN 'L-peptide linking' y GLUTAMINE       ? 'C5 H10 N2 O3'   146.144 
GLU 'L-peptide linking' y 'GLUTAMIC ACID' ? 'C5 H9 N O4'     147.129 
GLY 'peptide linking'   y GLYCINE         ? 'C2 H5 N O2'     75.067  
HIS 'L-peptide linking' y HISTIDINE       ? 'C6 H10 N3 O2 1' 156.162 
HOH non-polymer         . WATER           ? 'H2 O'           18.015  
ILE 'L-peptide linking' y ISOLEUCINE      ? 'C6 H13 N O2'    131.173 
LEU 'L-peptide linking' y LEUCINE         ? 'C6 H13 N O2'    131.173 
LYS 'L-peptide linking' y LYSINE          ? 'C6 H15 N2 O2 1' 147.195 
MET 'L-peptide linking' y METHIONINE      ? 'C5 H11 N O2 S'  149.211 
PHE 'L-peptide linking' y PHENYLALANINE   ? 'C9 H11 N O2'    165.189 
PRO 'L-peptide linking' y PROLINE         ? 'C5 H9 N O2'     115.130 
SER 'L-peptide linking' y SERINE          ? 'C3 H7 N O3'     105.093 
THR 'L-peptide linking' y THREONINE       ? 'C4 H9 N O3'     119.119 
TYR 'L-peptide linking' y TYROSINE        ? 'C9 H11 N O3'    181.189 
VAL 'L-peptide linking' y VALINE          ? 'C5 H11 N O2'    117.146 
# 
loop_
_pdbx_poly_seq_scheme.asym_id 
_pdbx_poly_seq_scheme.entity_id 
_pdbx_poly_seq_scheme.seq_id 
_pdbx_poly_seq_scheme.mon_id 
_pdbx_poly_seq_scheme.ndb_seq_num 
_pdbx_poly_seq_scheme.pdb_seq_num 
_pdbx_poly_seq_scheme.auth_seq_num 
_pdbx_poly_seq_scheme.pdb_mon_id 
_pdbx_poly_seq_scheme.auth_mon_id 
_pdbx_poly_seq_scheme.pdb_strand_id 
_pdbx_poly_seq_scheme.pdb_ins_code 
_pdbx_poly_seq_scheme.hetero 
A 1 1  MET 1  1  ?  ?   ?   A . n 
A 1 2  VAL 2  2  2  VAL VAL A . n 
A 1 3  SER 3  3  3  SER SER A . n 
A 1 4  THR 4  4  4  THR THR A . n 
A 1 5  TYR 5  5  5  TYR TYR A . n 
A 1 6  ASP 6  6  6  ASP ASP A . n 
A 1 7  GLU 7  7  7  GLU GLU A . n 
A 1 8  ILE 8  8  8  ILE ILE A . n 
A 1 9  GLU 9  9  9  GLU GLU A . n 
A 1 10 ILE 10 10 10 ILE ILE A . n 
A 1 11 GLU 11 11 11 GLU GLU A . n 
A 1 12 ASP 12 12 12 ASP ASP A . n 
A 1 13 MET 13 13 13 MET MET A . n 
A 1 14 THR 14 14 14 THR THR A . n 
A 1 15 PHE 15 15 15 PHE PHE A . n 
A 1 16 GLU 16 16 16 GLU GLU A . n 
A 1 17 PRO 17 17 17 PRO PRO A . n 
A 1 18 GLU 18 18 18 GLU GLU A . n 
A 1 19 ASN 19 19 19 ASN ASN A . n 
A 1 20 GLN 20 20 20 GLN GLN A . n 
A 1 21 MET 21 21 21 MET MET A . n 
A 1 22 PHE 22 22 22 PHE PHE A . n 
A 1 23 THR 23 23 23 THR THR A . n 
A 1 24 TYR 24 24 24 TYR TYR A . n 
A 1 25 PRO 25 25 25 PRO PRO A . n 
A 1 26 CYS 26 26 26 CYS CYS A . n 
A 1 27 PRO 27 27 27 PRO PRO A . n 
A 1 28 CYS 28 28 28 CYS CYS A . n 
A 1 29 GLY 29 29 29 GLY GLY A . n 
A 1 30 ASP 30 30 30 ASP ASP A . n 
A 1 31 ARG 31 31 31 ARG ARG A . n 
A 1 32 PHE 32 32 32 PHE PHE A . n 
A 1 33 GLN 33 33 33 GLN GLN A . n 
A 1 34 ILE 34 34 34 ILE ILE A . n 
A 1 35 TYR 35 35 35 TYR TYR A . n 
A 1 36 LEU 36 36 36 LEU LEU A . n 
A 1 37 ASP 37 37 37 ASP ASP A . n 
A 1 38 ASP 38 38 38 ASP ASP A . n 
A 1 39 MET 39 39 39 MET MET A . n 
A 1 40 PHE 40 40 40 PHE PHE A . n 
A 1 41 GLU 41 41 41 GLU GLU A . n 
A 1 42 GLY 42 42 42 GLY GLY A . n 
A 1 43 GLU 43 43 43 GLU GLU A . n 
A 1 44 LYS 44 44 44 LYS LYS A . n 
A 1 45 VAL 45 45 45 VAL VAL A . n 
A 1 46 ALA 46 46 46 ALA ALA A . n 
A 1 47 VAL 47 47 47 VAL VAL A . n 
A 1 48 CYS 48 48 48 CYS CYS A . n 
A 1 49 PRO 49 49 49 PRO PRO A . n 
A 1 50 SER 50 50 50 SER SER A . n 
A 1 51 CYS 51 51 51 CYS CYS A . n 
A 1 52 SER 52 52 52 SER SER A . n 
A 1 53 LEU 53 53 53 LEU LEU A . n 
A 1 54 MET 54 54 54 MET MET A . n 
A 1 55 ILE 55 55 55 ILE ILE A . n 
A 1 56 ASP 56 56 56 ASP ASP A . n 
A 1 57 VAL 57 57 57 VAL VAL A . n 
A 1 58 VAL 58 58 58 VAL VAL A . n 
A 1 59 PHE 59 59 59 PHE PHE A . n 
A 1 60 ASP 60 60 60 ASP ASP A . n 
A 1 61 LYS 61 61 61 LYS LYS A . n 
A 1 62 GLU 62 62 62 GLU GLU A . n 
A 1 63 ASP 63 63 63 ASP ASP A . n 
A 1 64 LEU 64 64 64 LEU LEU A . n 
A 1 65 ALA 65 65 65 ALA ALA A . n 
A 1 66 GLU 66 66 66 GLU GLU A . n 
A 1 67 TYR 67 67 67 TYR TYR A . n 
A 1 68 TYR 68 68 68 TYR TYR A . n 
A 1 69 GLU 69 69 69 GLU GLU A . n 
A 1 70 GLU 70 70 70 GLU GLU A . n 
A 1 71 ALA 71 71 71 ALA ALA A . n 
A 1 72 GLY 72 72 72 GLY GLY A . n 
A 1 73 ILE 73 73 73 ILE ILE A . n 
A 1 74 HIS 74 74 74 HIS HIS A . n 
A 1 75 PRO 75 75 75 PRO PRO A . n 
A 1 76 PRO 76 76 76 PRO PRO A . n 
A 1 77 GLU 77 77 77 GLU GLU A . n 
A 1 78 PRO 78 78 78 PRO PRO A . n 
A 1 79 ILE 79 79 79 ILE ILE A . n 
A 1 80 ALA 80 80 ?  ?   ?   A . n 
A 1 81 ALA 81 81 ?  ?   ?   A . n 
A 1 82 ALA 82 82 ?  ?   ?   A . n 
A 1 83 ALA 83 83 ?  ?   ?   A . n 
A 1 84 HIS 84 84 ?  ?   ?   A . n 
A 1 85 HIS 85 85 ?  ?   ?   A . n 
A 1 86 HIS 86 86 ?  ?   ?   A . n 
A 1 87 HIS 87 87 ?  ?   ?   A . n 
A 1 88 HIS 88 88 ?  ?   ?   A . n 
A 1 89 HIS 89 89 ?  ?   ?   A . n 
# 
loop_
_pdbx_nonpoly_scheme.asym_id 
_pdbx_nonpoly_scheme.entity_id 
_pdbx_nonpoly_scheme.mon_id 
_pdbx_nonpoly_scheme.ndb_seq_num 
_pdbx_nonpoly_scheme.pdb_seq_num 
_pdbx_nonpoly_scheme.auth_seq_num 
_pdbx_nonpoly_scheme.pdb_mon_id 
_pdbx_nonpoly_scheme.auth_mon_id 
_pdbx_nonpoly_scheme.pdb_strand_id 
_pdbx_nonpoly_scheme.pdb_ins_code 
B 2 CD  1 101 1 CD  CD  A . 
C 2 CD  1 102 2 CD  CD  A . 
D 2 CD  1 103 3 CD  CD  A . 
E 2 CD  1 104 4 CD  CD  A . 
F 3 HOH 1 201 4 HOH HOH A . 
F 3 HOH 2 202 1 HOH HOH A . 
F 3 HOH 3 203 5 HOH HOH A . 
F 3 HOH 4 204 3 HOH HOH A . 
F 3 HOH 5 205 6 HOH HOH A . 
# 
loop_
_software.citation_id 
_software.classification 
_software.compiler_name 
_software.compiler_version 
_software.contact_author 
_software.contact_author_email 
_software.date 
_software.description 
_software.dependencies 
_software.hardware 
_software.language 
_software.location 
_software.mods 
_software.name 
_software.os 
_software.os_version 
_software.type 
_software.version 
_software.pdbx_ordinal 
? refinement       ? ? ? ? ? ? ? ? ? ? ? REFMAC   ? ? ? 5.6.0117 1 
? 'data reduction' ? ? ? ? ? ? ? ? ? ? ? HKL-2000 ? ? ? .        2 
? 'data scaling'   ? ? ? ? ? ? ? ? ? ? ? HKL-2000 ? ? ? .        3 
? phasing          ? ? ? ? ? ? ? ? ? ? ? PHENIX   ? ? ? .        4 
# 
_cell.angle_alpha                  90.00 
_cell.angle_alpha_esd              ? 
_cell.angle_beta                   90.00 
_cell.angle_beta_esd               ? 
_cell.angle_gamma                  90.00 
_cell.angle_gamma_esd              ? 
_cell.entry_id                     5AX2 
_cell.details                      ? 
_cell.formula_units_Z              ? 
_cell.length_a                     40.875 
_cell.length_a_esd                 ? 
_cell.length_b                     53.656 
_cell.length_b_esd                 ? 
_cell.length_c                     84.196 
_cell.length_c_esd                 ? 
_cell.volume                       ? 
_cell.volume_esd                   ? 
_cell.Z_PDB                        8 
_cell.reciprocal_angle_alpha       ? 
_cell.reciprocal_angle_beta        ? 
_cell.reciprocal_angle_gamma       ? 
_cell.reciprocal_angle_alpha_esd   ? 
_cell.reciprocal_angle_beta_esd    ? 
_cell.reciprocal_angle_gamma_esd   ? 
_cell.reciprocal_length_a          ? 
_cell.reciprocal_length_b          ? 
_cell.reciprocal_length_c          ? 
_cell.reciprocal_length_a_esd      ? 
_cell.reciprocal_length_b_esd      ? 
_cell.reciprocal_length_c_esd      ? 
_cell.pdbx_unique_axis             ? 
# 
_symmetry.entry_id                         5AX2 
_symmetry.cell_setting                     ? 
_symmetry.Int_Tables_number                23 
_symmetry.space_group_name_Hall            ? 
_symmetry.space_group_name_H-M             'I 2 2 2' 
_symmetry.pdbx_full_space_group_name_H-M   ? 
# 
_exptl.absorpt_coefficient_mu     ? 
_exptl.absorpt_correction_T_max   ? 
_exptl.absorpt_correction_T_min   ? 
_exptl.absorpt_correction_type    ? 
_exptl.absorpt_process_details    ? 
_exptl.entry_id                   5AX2 
_exptl.crystals_number            ? 
_exptl.details                    ? 
_exptl.method                     'X-RAY DIFFRACTION' 
_exptl.method_details             ? 
# 
_exptl_crystal.colour                      ? 
_exptl_crystal.density_diffrn              ? 
_exptl_crystal.density_Matthews            2.24 
_exptl_crystal.density_method              ? 
_exptl_crystal.density_percent_sol         45.18 
_exptl_crystal.description                 ? 
_exptl_crystal.F_000                       ? 
_exptl_crystal.id                          1 
_exptl_crystal.preparation                 ? 
_exptl_crystal.size_max                    ? 
_exptl_crystal.size_mid                    ? 
_exptl_crystal.size_min                    ? 
_exptl_crystal.size_rad                    ? 
_exptl_crystal.colour_lustre               ? 
_exptl_crystal.colour_modifier             ? 
_exptl_crystal.colour_primary              ? 
_exptl_crystal.density_meas                ? 
_exptl_crystal.density_meas_esd            ? 
_exptl_crystal.density_meas_gt             ? 
_exptl_crystal.density_meas_lt             ? 
_exptl_crystal.density_meas_temp           ? 
_exptl_crystal.density_meas_temp_esd       ? 
_exptl_crystal.density_meas_temp_gt        ? 
_exptl_crystal.density_meas_temp_lt        ? 
_exptl_crystal.pdbx_crystal_image_url      ? 
_exptl_crystal.pdbx_crystal_image_format   ? 
_exptl_crystal.pdbx_mosaicity              ? 
_exptl_crystal.pdbx_mosaicity_esd          ? 
# 
_exptl_crystal_grow.apparatus       ? 
_exptl_crystal_grow.atmosphere      ? 
_exptl_crystal_grow.crystal_id      1 
_exptl_crystal_grow.details         ? 
_exptl_crystal_grow.method          'VAPOR DIFFUSION' 
_exptl_crystal_grow.method_ref      ? 
_exptl_crystal_grow.pH              5.5 
_exptl_crystal_grow.pressure        ? 
_exptl_crystal_grow.pressure_esd    ? 
_exptl_crystal_grow.seeding         ? 
_exptl_crystal_grow.seeding_ref     ? 
_exptl_crystal_grow.temp            288 
_exptl_crystal_grow.temp_details    ? 
_exptl_crystal_grow.temp_esd        ? 
_exptl_crystal_grow.time            ? 
_exptl_crystal_grow.pdbx_details    'Sodium acetate, Cadmium chloride, PEG 4000' 
_exptl_crystal_grow.pdbx_pH_range   ? 
# 
_diffrn.ambient_environment    ? 
_diffrn.ambient_temp           100 
_diffrn.ambient_temp_details   ? 
_diffrn.ambient_temp_esd       ? 
_diffrn.crystal_id             1 
_diffrn.crystal_support        ? 
_diffrn.crystal_treatment      ? 
_diffrn.details                ? 
_diffrn.id                     1 
_diffrn.ambient_pressure       ? 
_diffrn.ambient_pressure_esd   ? 
_diffrn.ambient_pressure_gt    ? 
_diffrn.ambient_pressure_lt    ? 
_diffrn.ambient_temp_gt        ? 
_diffrn.ambient_temp_lt        ? 
# 
_diffrn_detector.details                      ? 
_diffrn_detector.detector                     PIXEL 
_diffrn_detector.diffrn_id                    1 
_diffrn_detector.type                         'DECTRIS PILATUS 2M' 
_diffrn_detector.area_resol_mean              ? 
_diffrn_detector.dtime                        ? 
_diffrn_detector.pdbx_frames_total            ? 
_diffrn_detector.pdbx_collection_time_total   ? 
_diffrn_detector.pdbx_collection_date         2014-10-18 
# 
_diffrn_radiation.collimation                      ? 
_diffrn_radiation.diffrn_id                        1 
_diffrn_radiation.filter_edge                      ? 
_diffrn_radiation.inhomogeneity                    ? 
_diffrn_radiation.monochromator                    ? 
_diffrn_radiation.polarisn_norm                    ? 
_diffrn_radiation.polarisn_ratio                   ? 
_diffrn_radiation.probe                            ? 
_diffrn_radiation.type                             ? 
_diffrn_radiation.xray_symbol                      ? 
_diffrn_radiation.wavelength_id                    1 
_diffrn_radiation.pdbx_monochromatic_or_laue_m_l   M 
_diffrn_radiation.pdbx_wavelength_list             ? 
_diffrn_radiation.pdbx_wavelength                  ? 
_diffrn_radiation.pdbx_diffrn_protocol             'SINGLE WAVELENGTH' 
_diffrn_radiation.pdbx_analyzer                    ? 
_diffrn_radiation.pdbx_scattering_type             x-ray 
# 
_diffrn_radiation_wavelength.id           1 
_diffrn_radiation_wavelength.wavelength   1.078 
_diffrn_radiation_wavelength.wt           1.0 
# 
_diffrn_source.current                     ? 
_diffrn_source.details                     ? 
_diffrn_source.diffrn_id                   1 
_diffrn_source.power                       ? 
_diffrn_source.size                        ? 
_diffrn_source.source                      SYNCHROTRON 
_diffrn_source.target                      ? 
_diffrn_source.type                        'SLS BEAMLINE X06DA' 
_diffrn_source.voltage                     ? 
_diffrn_source.take-off_angle              ? 
_diffrn_source.pdbx_wavelength_list        1.078 
_diffrn_source.pdbx_wavelength             ? 
_diffrn_source.pdbx_synchrotron_beamline   X06DA 
_diffrn_source.pdbx_synchrotron_site       SLS 
# 
_reflns.B_iso_Wilson_estimate            ? 
_reflns.entry_id                         5AX2 
_reflns.data_reduction_details           ? 
_reflns.data_reduction_method            ? 
_reflns.d_resolution_high                2.4 
_reflns.d_resolution_low                 45 
_reflns.details                          ? 
_reflns.limit_h_max                      ? 
_reflns.limit_h_min                      ? 
_reflns.limit_k_max                      ? 
_reflns.limit_k_min                      ? 
_reflns.limit_l_max                      ? 
_reflns.limit_l_min                      ? 
_reflns.number_all                       ? 
_reflns.number_obs                       3858 
_reflns.observed_criterion               ? 
_reflns.observed_criterion_F_max         ? 
_reflns.observed_criterion_F_min         ? 
_reflns.observed_criterion_I_max         ? 
_reflns.observed_criterion_I_min         ? 
_reflns.observed_criterion_sigma_F       ? 
_reflns.observed_criterion_sigma_I       ? 
_reflns.percent_possible_obs             95.9 
_reflns.R_free_details                   ? 
_reflns.Rmerge_F_all                     ? 
_reflns.Rmerge_F_obs                     ? 
_reflns.Friedel_coverage                 ? 
_reflns.number_gt                        ? 
_reflns.threshold_expression             ? 
_reflns.pdbx_redundancy                  4.9 
_reflns.pdbx_Rmerge_I_obs                ? 
_reflns.pdbx_Rmerge_I_all                ? 
_reflns.pdbx_Rsym_value                  0.063 
_reflns.pdbx_netI_over_av_sigmaI         ? 
_reflns.pdbx_netI_over_sigmaI            21.4 
_reflns.pdbx_res_netI_over_av_sigmaI_2   ? 
_reflns.pdbx_res_netI_over_sigmaI_2      ? 
_reflns.pdbx_chi_squared                 ? 
_reflns.pdbx_scaling_rejects             ? 
_reflns.pdbx_d_res_high_opt              ? 
_reflns.pdbx_d_res_low_opt               ? 
_reflns.pdbx_d_res_opt_method            ? 
_reflns.phase_calculation_details        ? 
_reflns.pdbx_Rrim_I_all                  ? 
_reflns.pdbx_Rpim_I_all                  ? 
_reflns.pdbx_d_opt                       ? 
_reflns.pdbx_number_measured_all         ? 
_reflns.pdbx_diffrn_id                   1 
_reflns.pdbx_ordinal                     1 
_reflns.pdbx_CC_half                     ? 
_reflns.pdbx_R_split                     ? 
# 
_reflns_shell.d_res_high                  2.40 
_reflns_shell.d_res_low                   2.45 
_reflns_shell.meanI_over_sigI_all         ? 
_reflns_shell.meanI_over_sigI_obs         2.6 
_reflns_shell.number_measured_all         ? 
_reflns_shell.number_measured_obs         ? 
_reflns_shell.number_possible             ? 
_reflns_shell.number_unique_all           ? 
_reflns_shell.number_unique_obs           ? 
_reflns_shell.percent_possible_all        68.6 
_reflns_shell.percent_possible_obs        ? 
_reflns_shell.Rmerge_F_all                ? 
_reflns_shell.Rmerge_F_obs                ? 
_reflns_shell.Rmerge_I_all                ? 
_reflns_shell.Rmerge_I_obs                0.172 
_reflns_shell.meanI_over_sigI_gt          ? 
_reflns_shell.meanI_over_uI_all           ? 
_reflns_shell.meanI_over_uI_gt            ? 
_reflns_shell.number_measured_gt          ? 
_reflns_shell.number_unique_gt            ? 
_reflns_shell.percent_possible_gt         ? 
_reflns_shell.Rmerge_F_gt                 ? 
_reflns_shell.Rmerge_I_gt                 ? 
_reflns_shell.pdbx_redundancy             2.2 
_reflns_shell.pdbx_Rsym_value             ? 
_reflns_shell.pdbx_chi_squared            ? 
_reflns_shell.pdbx_netI_over_sigmaI_all   ? 
_reflns_shell.pdbx_netI_over_sigmaI_obs   ? 
_reflns_shell.pdbx_Rrim_I_all             ? 
_reflns_shell.pdbx_Rpim_I_all             ? 
_reflns_shell.pdbx_rejects                ? 
_reflns_shell.pdbx_ordinal                1 
_reflns_shell.pdbx_diffrn_id              1 
_reflns_shell.pdbx_CC_half                ? 
_reflns_shell.pdbx_R_split                ? 
# 
_refine.aniso_B[1][1]                            0.21 
_refine.aniso_B[1][2]                            0.00 
_refine.aniso_B[1][3]                            0.00 
_refine.aniso_B[2][2]                            -0.50 
_refine.aniso_B[2][3]                            0.00 
_refine.aniso_B[3][3]                            0.29 
_refine.B_iso_max                                ? 
_refine.B_iso_mean                               53.907 
_refine.B_iso_min                                ? 
_refine.correlation_coeff_Fo_to_Fc               0.929 
_refine.correlation_coeff_Fo_to_Fc_free          0.925 
_refine.details                                  'HYDROGENS HAVE BEEN USED IF PRESENT IN THE INPUT' 
_refine.diff_density_max                         ? 
_refine.diff_density_max_esd                     ? 
_refine.diff_density_min                         ? 
_refine.diff_density_min_esd                     ? 
_refine.diff_density_rms                         ? 
_refine.diff_density_rms_esd                     ? 
_refine.entry_id                                 5AX2 
_refine.pdbx_refine_id                           'X-RAY DIFFRACTION' 
_refine.ls_abs_structure_details                 ? 
_refine.ls_abs_structure_Flack                   ? 
_refine.ls_abs_structure_Flack_esd               ? 
_refine.ls_abs_structure_Rogers                  ? 
_refine.ls_abs_structure_Rogers_esd              ? 
_refine.ls_d_res_high                            2.40 
_refine.ls_d_res_low                             45 
_refine.ls_extinction_coef                       ? 
_refine.ls_extinction_coef_esd                   ? 
_refine.ls_extinction_expression                 ? 
_refine.ls_extinction_method                     ? 
_refine.ls_goodness_of_fit_all                   ? 
_refine.ls_goodness_of_fit_all_esd               ? 
_refine.ls_goodness_of_fit_obs                   ? 
_refine.ls_goodness_of_fit_obs_esd               ? 
_refine.ls_hydrogen_treatment                    ? 
_refine.ls_matrix_type                           ? 
_refine.ls_number_constraints                    ? 
_refine.ls_number_parameters                     ? 
_refine.ls_number_reflns_all                     ? 
_refine.ls_number_reflns_obs                     3329 
_refine.ls_number_reflns_R_free                  370 
_refine.ls_number_reflns_R_work                  ? 
_refine.ls_number_restraints                     ? 
_refine.ls_percent_reflns_obs                    95.90 
_refine.ls_percent_reflns_R_free                 10.0 
_refine.ls_R_factor_all                          ? 
_refine.ls_R_factor_obs                          0.23440 
_refine.ls_R_factor_R_free                       0.26170 
_refine.ls_R_factor_R_free_error                 ? 
_refine.ls_R_factor_R_free_error_details         ? 
_refine.ls_R_factor_R_work                       0.23124 
_refine.ls_R_Fsqd_factor_obs                     ? 
_refine.ls_R_I_factor_obs                        ? 
_refine.ls_redundancy_reflns_all                 ? 
_refine.ls_redundancy_reflns_obs                 ? 
_refine.ls_restrained_S_all                      ? 
_refine.ls_restrained_S_obs                      ? 
_refine.ls_shift_over_esd_max                    ? 
_refine.ls_shift_over_esd_mean                   ? 
_refine.ls_structure_factor_coef                 ? 
_refine.ls_weighting_details                     ? 
_refine.ls_weighting_scheme                      ? 
_refine.ls_wR_factor_all                         ? 
_refine.ls_wR_factor_obs                         ? 
_refine.ls_wR_factor_R_free                      ? 
_refine.ls_wR_factor_R_work                      ? 
_refine.occupancy_max                            ? 
_refine.occupancy_min                            ? 
_refine.solvent_model_details                    MASK 
_refine.solvent_model_param_bsol                 ? 
_refine.solvent_model_param_ksol                 ? 
_refine.ls_R_factor_gt                           ? 
_refine.ls_goodness_of_fit_gt                    ? 
_refine.ls_goodness_of_fit_ref                   ? 
_refine.ls_shift_over_su_max                     ? 
_refine.ls_shift_over_su_max_lt                  ? 
_refine.ls_shift_over_su_mean                    ? 
_refine.ls_shift_over_su_mean_lt                 ? 
_refine.pdbx_ls_sigma_I                          ? 
_refine.pdbx_ls_sigma_F                          ? 
_refine.pdbx_ls_sigma_Fsqd                       ? 
_refine.pdbx_data_cutoff_high_absF               ? 
_refine.pdbx_data_cutoff_high_rms_absF           ? 
_refine.pdbx_data_cutoff_low_absF                ? 
_refine.pdbx_isotropic_thermal_model             ? 
_refine.pdbx_ls_cross_valid_method               THROUGHOUT 
_refine.pdbx_method_to_determine_struct          SAD 
_refine.pdbx_starting_model                      ? 
_refine.pdbx_stereochemistry_target_values       'MAXIMUM LIKELIHOOD' 
_refine.pdbx_R_Free_selection_details            RANDOM 
_refine.pdbx_stereochem_target_val_spec_case     ? 
_refine.pdbx_overall_ESU_R                       0.564 
_refine.pdbx_overall_ESU_R_Free                  0.293 
_refine.pdbx_solvent_vdw_probe_radii             1.20 
_refine.pdbx_solvent_ion_probe_radii             0.80 
_refine.pdbx_solvent_shrinkage_radii             0.80 
_refine.pdbx_real_space_R                        ? 
_refine.pdbx_density_correlation                 ? 
_refine.pdbx_pd_number_of_powder_patterns        ? 
_refine.pdbx_pd_number_of_points                 ? 
_refine.pdbx_pd_meas_number_of_points            ? 
_refine.pdbx_pd_proc_ls_prof_R_factor            ? 
_refine.pdbx_pd_proc_ls_prof_wR_factor           ? 
_refine.pdbx_pd_Marquardt_correlation_coeff      ? 
_refine.pdbx_pd_Fsqrd_R_factor                   ? 
_refine.pdbx_pd_ls_matrix_band_width             ? 
_refine.pdbx_overall_phase_error                 ? 
_refine.pdbx_overall_SU_R_free_Cruickshank_DPI   ? 
_refine.pdbx_overall_SU_R_free_Blow_DPI          ? 
_refine.pdbx_overall_SU_R_Blow_DPI               ? 
_refine.pdbx_TLS_residual_ADP_flag               ? 
_refine.pdbx_diffrn_id                           1 
_refine.overall_SU_B                             ? 
_refine.overall_SU_ML                            ? 
_refine.overall_SU_R_Cruickshank_DPI             ? 
_refine.overall_SU_R_free                        ? 
_refine.overall_FOM_free_R_set                   ? 
_refine.overall_FOM_work_R_set                   ? 
_refine.pdbx_average_fsc_overall                 ? 
_refine.pdbx_average_fsc_work                    ? 
_refine.pdbx_average_fsc_free                    ? 
# 
_refine_hist.pdbx_refine_id                   'X-RAY DIFFRACTION' 
_refine_hist.cycle_id                         LAST 
_refine_hist.pdbx_number_atoms_protein        630 
_refine_hist.pdbx_number_atoms_nucleic_acid   0 
_refine_hist.pdbx_number_atoms_ligand         4 
_refine_hist.number_atoms_solvent             5 
_refine_hist.number_atoms_total               639 
_refine_hist.d_res_high                       2.40 
_refine_hist.d_res_low                        45 
# 
loop_
_refine_ls_restr.pdbx_refine_id 
_refine_ls_restr.criterion 
_refine_ls_restr.dev_ideal 
_refine_ls_restr.dev_ideal_target 
_refine_ls_restr.number 
_refine_ls_restr.rejects 
_refine_ls_restr.type 
_refine_ls_restr.weight 
_refine_ls_restr.pdbx_restraint_function 
'X-RAY DIFFRACTION' ? 0.013  0.020  669 ? r_bond_refined_d             ? ? 
'X-RAY DIFFRACTION' ? ?      ?      ?   ? r_bond_other_d               ? ? 
'X-RAY DIFFRACTION' ? 1.840  1.982  914 ? r_angle_refined_deg          ? ? 
'X-RAY DIFFRACTION' ? ?      ?      ?   ? r_angle_other_deg            ? ? 
'X-RAY DIFFRACTION' ? 8.042  5.000  81  ? r_dihedral_angle_1_deg       ? ? 
'X-RAY DIFFRACTION' ? 35.576 26.486 37  ? r_dihedral_angle_2_deg       ? ? 
'X-RAY DIFFRACTION' ? 15.899 15.000 108 ? r_dihedral_angle_3_deg       ? ? 
'X-RAY DIFFRACTION' ? 1.975  15.000 1   ? r_dihedral_angle_4_deg       ? ? 
'X-RAY DIFFRACTION' ? 0.130  0.200  94  ? r_chiral_restr               ? ? 
'X-RAY DIFFRACTION' ? 0.009  0.022  538 ? r_gen_planes_refined         ? ? 
'X-RAY DIFFRACTION' ? ?      ?      ?   ? r_gen_planes_other           ? ? 
'X-RAY DIFFRACTION' ? ?      ?      ?   ? r_nbd_refined                ? ? 
'X-RAY DIFFRACTION' ? ?      ?      ?   ? r_nbd_other                  ? ? 
'X-RAY DIFFRACTION' ? ?      ?      ?   ? r_nbtor_refined              ? ? 
'X-RAY DIFFRACTION' ? ?      ?      ?   ? r_nbtor_other                ? ? 
'X-RAY DIFFRACTION' ? ?      ?      ?   ? r_xyhbond_nbd_refined        ? ? 
'X-RAY DIFFRACTION' ? ?      ?      ?   ? r_xyhbond_nbd_other          ? ? 
'X-RAY DIFFRACTION' ? ?      ?      ?   ? r_metal_ion_refined          ? ? 
'X-RAY DIFFRACTION' ? ?      ?      ?   ? r_metal_ion_other            ? ? 
'X-RAY DIFFRACTION' ? ?      ?      ?   ? r_symmetry_vdw_refined       ? ? 
'X-RAY DIFFRACTION' ? ?      ?      ?   ? r_symmetry_vdw_other         ? ? 
'X-RAY DIFFRACTION' ? ?      ?      ?   ? r_symmetry_hbond_refined     ? ? 
'X-RAY DIFFRACTION' ? ?      ?      ?   ? r_symmetry_hbond_other       ? ? 
'X-RAY DIFFRACTION' ? ?      ?      ?   ? r_symmetry_metal_ion_refined ? ? 
'X-RAY DIFFRACTION' ? ?      ?      ?   ? r_symmetry_metal_ion_other   ? ? 
'X-RAY DIFFRACTION' ? ?      ?      ?   ? r_mcbond_it                  ? ? 
'X-RAY DIFFRACTION' ? ?      ?      ?   ? r_mcbond_other               ? ? 
'X-RAY DIFFRACTION' ? ?      ?      ?   ? r_mcangle_it                 ? ? 
'X-RAY DIFFRACTION' ? ?      ?      ?   ? r_mcangle_other              ? ? 
'X-RAY DIFFRACTION' ? ?      ?      ?   ? r_scbond_it                  ? ? 
'X-RAY DIFFRACTION' ? ?      ?      ?   ? r_scbond_other               ? ? 
'X-RAY DIFFRACTION' ? ?      ?      ?   ? r_scangle_it                 ? ? 
'X-RAY DIFFRACTION' ? ?      ?      ?   ? r_scangle_other              ? ? 
'X-RAY DIFFRACTION' ? ?      ?      ?   ? r_long_range_B_refined       ? ? 
'X-RAY DIFFRACTION' ? ?      ?      ?   ? r_long_range_B_other         ? ? 
'X-RAY DIFFRACTION' ? ?      ?      ?   ? r_rigid_bond_restr           ? ? 
'X-RAY DIFFRACTION' ? ?      ?      ?   ? r_sphericity_free            ? ? 
'X-RAY DIFFRACTION' ? ?      ?      ?   ? r_sphericity_bonded          ? ? 
# 
_refine_ls_shell.pdbx_refine_id                   'X-RAY DIFFRACTION' 
_refine_ls_shell.d_res_high                       2.398 
_refine_ls_shell.d_res_low                        2.460 
_refine_ls_shell.number_reflns_all                ? 
_refine_ls_shell.number_reflns_obs                ? 
_refine_ls_shell.number_reflns_R_free             18 
_refine_ls_shell.number_reflns_R_work             168 
_refine_ls_shell.percent_reflns_obs               68.13 
_refine_ls_shell.percent_reflns_R_free            ? 
_refine_ls_shell.R_factor_all                     ? 
_refine_ls_shell.R_factor_obs                     ? 
_refine_ls_shell.R_factor_R_free                  0.382 
_refine_ls_shell.R_factor_R_free_error            ? 
_refine_ls_shell.R_factor_R_work                  0.299 
_refine_ls_shell.redundancy_reflns_all            ? 
_refine_ls_shell.redundancy_reflns_obs            ? 
_refine_ls_shell.wR_factor_all                    ? 
_refine_ls_shell.wR_factor_obs                    ? 
_refine_ls_shell.wR_factor_R_free                 ? 
_refine_ls_shell.wR_factor_R_work                 ? 
_refine_ls_shell.pdbx_total_number_of_bins_used   20 
_refine_ls_shell.pdbx_phase_error                 ? 
_refine_ls_shell.pdbx_fsc_work                    ? 
_refine_ls_shell.pdbx_fsc_free                    ? 
# 
_struct.entry_id                     5AX2 
_struct.title                        'Crystal structure of S.cerevisiae Kti11p' 
_struct.pdbx_model_details           ? 
_struct.pdbx_formula_weight          ? 
_struct.pdbx_formula_weight_method   ? 
_struct.pdbx_model_type_details      ? 
_struct.pdbx_CASP_flag               ? 
# 
_struct_keywords.entry_id        5AX2 
_struct_keywords.text            'cytoplasm, metal binding, protein folding, high-pressure NMR, MR-SAD, METAL BINDING PROTEIN' 
_struct_keywords.pdbx_keywords   'METAL BINDING PROTEIN' 
# 
loop_
_struct_asym.id 
_struct_asym.pdbx_blank_PDB_chainid_flag 
_struct_asym.pdbx_modified 
_struct_asym.entity_id 
_struct_asym.details 
A N N 1 ? 
B N N 2 ? 
C N N 2 ? 
D N N 2 ? 
E N N 2 ? 
F N N 3 ? 
# 
_struct_ref.id                         1 
_struct_ref.db_name                    UNP 
_struct_ref.db_code                    DPH3_YEAST 
_struct_ref.pdbx_db_accession          Q3E840 
_struct_ref.pdbx_db_isoform            ? 
_struct_ref.entity_id                  1 
_struct_ref.pdbx_seq_one_letter_code   
;MSTYDEIEIEDMTFEPENQMFTYPCPCGDRFQIYLDDMFEGEKVAVCPSCSLMIDVVFDKEDLAEYYEEAGIHPPEPIAA
AA
;
_struct_ref.pdbx_align_begin           1 
# 
_struct_ref_seq.align_id                      1 
_struct_ref_seq.ref_id                        1 
_struct_ref_seq.pdbx_PDB_id_code              5AX2 
_struct_ref_seq.pdbx_strand_id                A 
_struct_ref_seq.seq_align_beg                 1 
_struct_ref_seq.pdbx_seq_align_beg_ins_code   ? 
_struct_ref_seq.seq_align_end                 83 
_struct_ref_seq.pdbx_seq_align_end_ins_code   ? 
_struct_ref_seq.pdbx_db_accession             Q3E840 
_struct_ref_seq.db_align_beg                  1 
_struct_ref_seq.pdbx_db_align_beg_ins_code    ? 
_struct_ref_seq.db_align_end                  82 
_struct_ref_seq.pdbx_db_align_end_ins_code    ? 
_struct_ref_seq.pdbx_auth_seq_align_beg       1 
_struct_ref_seq.pdbx_auth_seq_align_end       83 
# 
loop_
_struct_ref_seq_dif.align_id 
_struct_ref_seq_dif.pdbx_pdb_id_code 
_struct_ref_seq_dif.mon_id 
_struct_ref_seq_dif.pdbx_pdb_strand_id 
_struct_ref_seq_dif.seq_num 
_struct_ref_seq_dif.pdbx_pdb_ins_code 
_struct_ref_seq_dif.pdbx_seq_db_name 
_struct_ref_seq_dif.pdbx_seq_db_accession_code 
_struct_ref_seq_dif.db_mon_id 
_struct_ref_seq_dif.pdbx_seq_db_seq_num 
_struct_ref_seq_dif.details 
_struct_ref_seq_dif.pdbx_auth_seq_num 
_struct_ref_seq_dif.pdbx_ordinal 
1 5AX2 VAL A 2  ? UNP Q3E840 ? ? insertion        ?  1 
1 5AX2 HIS A 84 ? UNP Q3E840 ? ? 'expression tag' 84 2 
1 5AX2 HIS A 85 ? UNP Q3E840 ? ? 'expression tag' 85 3 
1 5AX2 HIS A 86 ? UNP Q3E840 ? ? 'expression tag' 86 4 
1 5AX2 HIS A 87 ? UNP Q3E840 ? ? 'expression tag' 87 5 
1 5AX2 HIS A 88 ? UNP Q3E840 ? ? 'expression tag' 88 6 
1 5AX2 HIS A 89 ? UNP Q3E840 ? ? 'expression tag' 89 7 
# 
_pdbx_struct_assembly.id                   1 
_pdbx_struct_assembly.details              author_and_software_defined_assembly 
_pdbx_struct_assembly.method_details       PISA 
_pdbx_struct_assembly.oligomeric_details   monomeric 
_pdbx_struct_assembly.oligomeric_count     1 
# 
loop_
_pdbx_struct_assembly_prop.biol_id 
_pdbx_struct_assembly_prop.type 
_pdbx_struct_assembly_prop.value 
_pdbx_struct_assembly_prop.details 
1 'ABSA (A^2)' 170  ? 
1 MORE         -8   ? 
1 'SSA (A^2)'  5200 ? 
# 
_pdbx_struct_assembly_gen.assembly_id       1 
_pdbx_struct_assembly_gen.oper_expression   1 
_pdbx_struct_assembly_gen.asym_id_list      A,B,C,D,E,F 
# 
_pdbx_struct_oper_list.id                   1 
_pdbx_struct_oper_list.type                 'identity operation' 
_pdbx_struct_oper_list.name                 1_555 
_pdbx_struct_oper_list.symmetry_operation   x,y,z 
_pdbx_struct_oper_list.matrix[1][1]         1.0000000000 
_pdbx_struct_oper_list.matrix[1][2]         0.0000000000 
_pdbx_struct_oper_list.matrix[1][3]         0.0000000000 
_pdbx_struct_oper_list.vector[1]            0.0000000000 
_pdbx_struct_oper_list.matrix[2][1]         0.0000000000 
_pdbx_struct_oper_list.matrix[2][2]         1.0000000000 
_pdbx_struct_oper_list.matrix[2][3]         0.0000000000 
_pdbx_struct_oper_list.vector[2]            0.0000000000 
_pdbx_struct_oper_list.matrix[3][1]         0.0000000000 
_pdbx_struct_oper_list.matrix[3][2]         0.0000000000 
_pdbx_struct_oper_list.matrix[3][3]         1.0000000000 
_pdbx_struct_oper_list.vector[3]            0.0000000000 
# 
loop_
_struct_conf.conf_type_id 
_struct_conf.id 
_struct_conf.pdbx_PDB_helix_id 
_struct_conf.beg_label_comp_id 
_struct_conf.beg_label_asym_id 
_struct_conf.beg_label_seq_id 
_struct_conf.pdbx_beg_PDB_ins_code 
_struct_conf.end_label_comp_id 
_struct_conf.end_label_asym_id 
_struct_conf.end_label_seq_id 
_struct_conf.pdbx_end_PDB_ins_code 
_struct_conf.beg_auth_comp_id 
_struct_conf.beg_auth_asym_id 
_struct_conf.beg_auth_seq_id 
_struct_conf.end_auth_comp_id 
_struct_conf.end_auth_asym_id 
_struct_conf.end_auth_seq_id 
_struct_conf.pdbx_PDB_helix_class 
_struct_conf.details 
_struct_conf.pdbx_PDB_helix_length 
HELX_P HELX_P1 AA1 GLU A 11 ? MET A 13 ? GLU A 11 MET A 13 5 ? 3  
HELX_P HELX_P2 AA2 LEU A 36 ? GLU A 41 ? LEU A 36 GLU A 41 1 ? 6  
HELX_P HELX_P3 AA3 ASP A 60 ? GLY A 72 ? ASP A 60 GLY A 72 1 ? 13 
# 
_struct_conf_type.id          HELX_P 
_struct_conf_type.criteria    ? 
_struct_conf_type.reference   ? 
# 
loop_
_struct_conn.id 
_struct_conn.conn_type_id 
_struct_conn.pdbx_leaving_atom_flag 
_struct_conn.pdbx_PDB_id 
_struct_conn.ptnr1_label_asym_id 
_struct_conn.ptnr1_label_comp_id 
_struct_conn.ptnr1_label_seq_id 
_struct_conn.ptnr1_label_atom_id 
_struct_conn.pdbx_ptnr1_label_alt_id 
_struct_conn.pdbx_ptnr1_PDB_ins_code 
_struct_conn.pdbx_ptnr1_standard_comp_id 
_struct_conn.ptnr1_symmetry 
_struct_conn.ptnr2_label_asym_id 
_struct_conn.ptnr2_label_comp_id 
_struct_conn.ptnr2_label_seq_id 
_struct_conn.ptnr2_label_atom_id 
_struct_conn.pdbx_ptnr2_label_alt_id 
_struct_conn.pdbx_ptnr2_PDB_ins_code 
_struct_conn.ptnr1_auth_asym_id 
_struct_conn.ptnr1_auth_comp_id 
_struct_conn.ptnr1_auth_seq_id 
_struct_conn.ptnr2_auth_asym_id 
_struct_conn.ptnr2_auth_comp_id 
_struct_conn.ptnr2_auth_seq_id 
_struct_conn.ptnr2_symmetry 
_struct_conn.pdbx_ptnr3_label_atom_id 
_struct_conn.pdbx_ptnr3_label_seq_id 
_struct_conn.pdbx_ptnr3_label_comp_id 
_struct_conn.pdbx_ptnr3_label_asym_id 
_struct_conn.pdbx_ptnr3_label_alt_id 
_struct_conn.pdbx_ptnr3_PDB_ins_code 
_struct_conn.details 
_struct_conn.pdbx_dist_value 
_struct_conn.pdbx_value_order 
_struct_conn.pdbx_role 
disulf1  disulf ? ? A CYS 26 SG  ? ? ? 1_555 A CYS 48 SG ? ? A CYS 26 A CYS 48  1_555 ? ? ? ? ? ? ? 2.016 ? ? 
disulf2  disulf ? ? A CYS 28 SG  ? ? ? 1_555 A CYS 51 SG ? ? A CYS 28 A CYS 51  1_555 ? ? ? ? ? ? ? 2.049 ? ? 
metalc1  metalc ? ? A ASP 37 OD1 ? ? ? 1_555 B CD  .  CD A ? A ASP 37 A CD  101 1_555 ? ? ? ? ? ? ? 2.342 ? ? 
metalc2  metalc ? ? A ASP 37 OD2 ? ? ? 1_555 B CD  .  CD A ? A ASP 37 A CD  101 1_555 ? ? ? ? ? ? ? 2.184 ? ? 
metalc3  metalc ? ? A ASP 37 OD1 ? ? ? 1_555 D CD  .  CD B ? A ASP 37 A CD  103 8_455 ? ? ? ? ? ? ? 2.343 ? ? 
metalc4  metalc ? ? A ASP 37 OD2 ? ? ? 1_555 D CD  .  CD B ? A ASP 37 A CD  103 8_455 ? ? ? ? ? ? ? 2.184 ? ? 
metalc5  metalc ? ? A GLU 43 OE1 ? ? ? 1_555 C CD  .  CD A ? A GLU 43 A CD  102 1_555 ? ? ? ? ? ? ? 2.229 ? ? 
metalc6  metalc ? ? A GLU 43 OE1 ? ? ? 1_555 E CD  .  CD B ? A GLU 43 A CD  104 7_555 ? ? ? ? ? ? ? 2.229 ? ? 
metalc7  metalc ? ? A ASP 60 OD2 ? ? ? 1_555 B CD  .  CD A ? A ASP 60 A CD  101 8_555 ? ? ? ? ? ? ? 2.276 ? ? 
metalc8  metalc ? ? A ASP 60 OD2 ? ? ? 1_555 D CD  .  CD B ? A ASP 60 A CD  103 1_555 ? ? ? ? ? ? ? 2.276 ? ? 
metalc9  metalc ? ? A ASP 63 OD1 ? ? ? 1_555 B CD  .  CD A ? A ASP 63 A CD  101 8_555 ? ? ? ? ? ? ? 2.165 ? ? 
metalc10 metalc ? ? A ASP 63 OD1 ? ? ? 1_555 D CD  .  CD B ? A ASP 63 A CD  103 1_555 ? ? ? ? ? ? ? 2.164 ? ? 
metalc11 metalc ? ? A GLU 69 OE1 ? ? ? 1_555 C CD  .  CD A ? A GLU 69 A CD  102 7_545 ? ? ? ? ? ? ? 2.346 ? ? 
metalc12 metalc ? ? A GLU 69 OE2 ? ? ? 1_555 C CD  .  CD A ? A GLU 69 A CD  102 7_545 ? ? ? ? ? ? ? 2.694 ? ? 
metalc13 metalc ? ? A GLU 69 OE1 ? ? ? 1_555 E CD  .  CD B ? A GLU 69 A CD  104 1_555 ? ? ? ? ? ? ? 2.345 ? ? 
metalc14 metalc ? ? A GLU 69 OE2 ? ? ? 1_555 E CD  .  CD B ? A GLU 69 A CD  104 1_555 ? ? ? ? ? ? ? 2.694 ? ? 
# 
loop_
_struct_conn_type.id 
_struct_conn_type.criteria 
_struct_conn_type.reference 
disulf ? ? 
metalc ? ? 
# 
loop_
_pdbx_struct_conn_angle.id 
_pdbx_struct_conn_angle.ptnr1_label_atom_id 
_pdbx_struct_conn_angle.ptnr1_label_alt_id 
_pdbx_struct_conn_angle.ptnr1_label_asym_id 
_pdbx_struct_conn_angle.ptnr1_label_comp_id 
_pdbx_struct_conn_angle.ptnr1_label_seq_id 
_pdbx_struct_conn_angle.ptnr1_auth_atom_id 
_pdbx_struct_conn_angle.ptnr1_auth_asym_id 
_pdbx_struct_conn_angle.ptnr1_auth_comp_id 
_pdbx_struct_conn_angle.ptnr1_auth_seq_id 
_pdbx_struct_conn_angle.ptnr1_PDB_ins_code 
_pdbx_struct_conn_angle.ptnr1_symmetry 
_pdbx_struct_conn_angle.ptnr2_label_atom_id 
_pdbx_struct_conn_angle.ptnr2_label_alt_id 
_pdbx_struct_conn_angle.ptnr2_label_asym_id 
_pdbx_struct_conn_angle.ptnr2_label_comp_id 
_pdbx_struct_conn_angle.ptnr2_label_seq_id 
_pdbx_struct_conn_angle.ptnr2_auth_atom_id 
_pdbx_struct_conn_angle.ptnr2_auth_asym_id 
_pdbx_struct_conn_angle.ptnr2_auth_comp_id 
_pdbx_struct_conn_angle.ptnr2_auth_seq_id 
_pdbx_struct_conn_angle.ptnr2_PDB_ins_code 
_pdbx_struct_conn_angle.ptnr2_symmetry 
_pdbx_struct_conn_angle.ptnr3_label_atom_id 
_pdbx_struct_conn_angle.ptnr3_label_alt_id 
_pdbx_struct_conn_angle.ptnr3_label_asym_id 
_pdbx_struct_conn_angle.ptnr3_label_comp_id 
_pdbx_struct_conn_angle.ptnr3_label_seq_id 
_pdbx_struct_conn_angle.ptnr3_auth_atom_id 
_pdbx_struct_conn_angle.ptnr3_auth_asym_id 
_pdbx_struct_conn_angle.ptnr3_auth_comp_id 
_pdbx_struct_conn_angle.ptnr3_auth_seq_id 
_pdbx_struct_conn_angle.ptnr3_PDB_ins_code 
_pdbx_struct_conn_angle.ptnr3_symmetry 
_pdbx_struct_conn_angle.value 
_pdbx_struct_conn_angle.value_esd 
1  OD1 ? A ASP 37 ? A ASP 37 ? 1_555 CD A B CD . ? A CD 101 ? 1_555 OD2 ? A ASP 37 ? A ASP 37 ? 1_555 59.3 ? 
2  OD1 ? A ASP 37 ? A ASP 37 ? 1_555 CD A B CD . ? A CD 101 ? 1_555 OD2 ? A ASP 60 ? A ASP 60 ? 1_555 8.5  ? 
3  OD2 ? A ASP 37 ? A ASP 37 ? 1_555 CD A B CD . ? A CD 101 ? 1_555 OD2 ? A ASP 60 ? A ASP 60 ? 1_555 65.6 ? 
4  OD1 ? A ASP 37 ? A ASP 37 ? 1_555 CD A B CD . ? A CD 101 ? 1_555 OD1 ? A ASP 63 ? A ASP 63 ? 1_555 17.2 ? 
5  OD2 ? A ASP 37 ? A ASP 37 ? 1_555 CD A B CD . ? A CD 101 ? 1_555 OD1 ? A ASP 63 ? A ASP 63 ? 1_555 67.9 ? 
6  OD2 ? A ASP 60 ? A ASP 60 ? 1_555 CD A B CD . ? A CD 101 ? 1_555 OD1 ? A ASP 63 ? A ASP 63 ? 1_555 9.7  ? 
7  OD1 ? A ASP 37 ? A ASP 37 ? 1_555 CD B D CD . ? A CD 103 ? 8_455 OD2 ? A ASP 37 ? A ASP 37 ? 1_555 59.3 ? 
8  OD1 ? A ASP 37 ? A ASP 37 ? 1_555 CD B D CD . ? A CD 103 ? 8_455 OD2 ? A ASP 60 ? A ASP 60 ? 1_555 8.5  ? 
9  OD2 ? A ASP 37 ? A ASP 37 ? 1_555 CD B D CD . ? A CD 103 ? 8_455 OD2 ? A ASP 60 ? A ASP 60 ? 1_555 65.6 ? 
10 OD1 ? A ASP 37 ? A ASP 37 ? 1_555 CD B D CD . ? A CD 103 ? 8_455 OD1 ? A ASP 63 ? A ASP 63 ? 1_555 17.2 ? 
11 OD2 ? A ASP 37 ? A ASP 37 ? 1_555 CD B D CD . ? A CD 103 ? 8_455 OD1 ? A ASP 63 ? A ASP 63 ? 1_555 67.9 ? 
12 OD2 ? A ASP 60 ? A ASP 60 ? 1_555 CD B D CD . ? A CD 103 ? 8_455 OD1 ? A ASP 63 ? A ASP 63 ? 1_555 9.7  ? 
13 OE1 ? A GLU 43 ? A GLU 43 ? 1_555 CD A C CD . ? A CD 102 ? 1_555 OE1 ? A GLU 69 ? A GLU 69 ? 1_555 23.4 ? 
14 OE1 ? A GLU 43 ? A GLU 43 ? 1_555 CD A C CD . ? A CD 102 ? 1_555 OE2 ? A GLU 69 ? A GLU 69 ? 1_555 23.5 ? 
15 OE1 ? A GLU 69 ? A GLU 69 ? 1_555 CD A C CD . ? A CD 102 ? 1_555 OE2 ? A GLU 69 ? A GLU 69 ? 1_555 4.7  ? 
16 OE1 ? A GLU 43 ? A GLU 43 ? 1_555 CD B E CD . ? A CD 104 ? 7_555 OE1 ? A GLU 69 ? A GLU 69 ? 1_555 23.4 ? 
17 OE1 ? A GLU 43 ? A GLU 43 ? 1_555 CD B E CD . ? A CD 104 ? 7_555 OE2 ? A GLU 69 ? A GLU 69 ? 1_555 23.5 ? 
18 OE1 ? A GLU 69 ? A GLU 69 ? 1_555 CD B E CD . ? A CD 104 ? 7_555 OE2 ? A GLU 69 ? A GLU 69 ? 1_555 4.7  ? 
# 
loop_
_pdbx_modification_feature.ordinal 
_pdbx_modification_feature.label_comp_id 
_pdbx_modification_feature.label_asym_id 
_pdbx_modification_feature.label_seq_id 
_pdbx_modification_feature.label_alt_id 
_pdbx_modification_feature.modified_residue_label_comp_id 
_pdbx_modification_feature.modified_residue_label_asym_id 
_pdbx_modification_feature.modified_residue_label_seq_id 
_pdbx_modification_feature.modified_residue_label_alt_id 
_pdbx_modification_feature.auth_comp_id 
_pdbx_modification_feature.auth_asym_id 
_pdbx_modification_feature.auth_seq_id 
_pdbx_modification_feature.PDB_ins_code 
_pdbx_modification_feature.symmetry 
_pdbx_modification_feature.modified_residue_auth_comp_id 
_pdbx_modification_feature.modified_residue_auth_asym_id 
_pdbx_modification_feature.modified_residue_auth_seq_id 
_pdbx_modification_feature.modified_residue_PDB_ins_code 
_pdbx_modification_feature.modified_residue_symmetry 
_pdbx_modification_feature.comp_id_linking_atom 
_pdbx_modification_feature.modified_residue_id_linking_atom 
_pdbx_modification_feature.modified_residue_id 
_pdbx_modification_feature.ref_pcm_id 
_pdbx_modification_feature.ref_comp_id 
_pdbx_modification_feature.type 
_pdbx_modification_feature.category 
1 CYS A 26 ? CYS A 48 ? CYS A 26 ? 1_555 CYS A 48 ? 1_555 SG SG . . . None 'Disulfide bridge' 
2 CYS A 28 ? CYS A 51 ? CYS A 28 ? 1_555 CYS A 51 ? 1_555 SG SG . . . None 'Disulfide bridge' 
# 
loop_
_struct_sheet.id 
_struct_sheet.type 
_struct_sheet.number_strands 
_struct_sheet.details 
AA1 ? 3 ? 
AA2 ? 3 ? 
# 
loop_
_struct_sheet_order.sheet_id 
_struct_sheet_order.range_id_1 
_struct_sheet_order.range_id_2 
_struct_sheet_order.offset 
_struct_sheet_order.sense 
AA1 1 2 ? parallel      
AA1 2 3 ? anti-parallel 
AA2 1 2 ? anti-parallel 
AA2 2 3 ? anti-parallel 
# 
loop_
_struct_sheet_range.sheet_id 
_struct_sheet_range.id 
_struct_sheet_range.beg_label_comp_id 
_struct_sheet_range.beg_label_asym_id 
_struct_sheet_range.beg_label_seq_id 
_struct_sheet_range.pdbx_beg_PDB_ins_code 
_struct_sheet_range.end_label_comp_id 
_struct_sheet_range.end_label_asym_id 
_struct_sheet_range.end_label_seq_id 
_struct_sheet_range.pdbx_end_PDB_ins_code 
_struct_sheet_range.beg_auth_comp_id 
_struct_sheet_range.beg_auth_asym_id 
_struct_sheet_range.beg_auth_seq_id 
_struct_sheet_range.end_auth_comp_id 
_struct_sheet_range.end_auth_asym_id 
_struct_sheet_range.end_auth_seq_id 
AA1 1 ASP A 6  ? GLU A 9  ? ASP A 6  GLU A 9  
AA1 2 MET A 54 ? VAL A 58 ? MET A 54 VAL A 58 
AA1 3 VAL A 45 ? VAL A 47 ? VAL A 45 VAL A 47 
AA2 1 THR A 14 ? GLU A 16 ? THR A 14 GLU A 16 
AA2 2 MET A 21 ? PRO A 25 ? MET A 21 PRO A 25 
AA2 3 ARG A 31 ? TYR A 35 ? ARG A 31 TYR A 35 
# 
loop_
_pdbx_struct_sheet_hbond.sheet_id 
_pdbx_struct_sheet_hbond.range_id_1 
_pdbx_struct_sheet_hbond.range_id_2 
_pdbx_struct_sheet_hbond.range_1_label_atom_id 
_pdbx_struct_sheet_hbond.range_1_label_comp_id 
_pdbx_struct_sheet_hbond.range_1_label_asym_id 
_pdbx_struct_sheet_hbond.range_1_label_seq_id 
_pdbx_struct_sheet_hbond.range_1_PDB_ins_code 
_pdbx_struct_sheet_hbond.range_1_auth_atom_id 
_pdbx_struct_sheet_hbond.range_1_auth_comp_id 
_pdbx_struct_sheet_hbond.range_1_auth_asym_id 
_pdbx_struct_sheet_hbond.range_1_auth_seq_id 
_pdbx_struct_sheet_hbond.range_2_label_atom_id 
_pdbx_struct_sheet_hbond.range_2_label_comp_id 
_pdbx_struct_sheet_hbond.range_2_label_asym_id 
_pdbx_struct_sheet_hbond.range_2_label_seq_id 
_pdbx_struct_sheet_hbond.range_2_PDB_ins_code 
_pdbx_struct_sheet_hbond.range_2_auth_atom_id 
_pdbx_struct_sheet_hbond.range_2_auth_comp_id 
_pdbx_struct_sheet_hbond.range_2_auth_asym_id 
_pdbx_struct_sheet_hbond.range_2_auth_seq_id 
AA1 1 2 N ILE A 8  ? N ILE A 8  O VAL A 58 ? O VAL A 58 
AA1 2 3 O ILE A 55 ? O ILE A 55 N ALA A 46 ? N ALA A 46 
AA2 1 2 N THR A 14 ? N THR A 14 O THR A 23 ? O THR A 23 
AA2 2 3 N PHE A 22 ? N PHE A 22 O ILE A 34 ? O ILE A 34 
# 
loop_
_struct_site.id 
_struct_site.pdbx_evidence_code 
_struct_site.pdbx_auth_asym_id 
_struct_site.pdbx_auth_comp_id 
_struct_site.pdbx_auth_seq_id 
_struct_site.pdbx_auth_ins_code 
_struct_site.pdbx_num_residues 
_struct_site.details 
AC1 Software A CD 101 ? 3 'binding site for residue CD A 101' 
AC2 Software A CD 102 ? 2 'binding site for residue CD A 102' 
AC3 Software A CD 103 ? 3 'binding site for residue CD A 103' 
AC4 Software A CD 104 ? 2 'binding site for residue CD A 104' 
# 
loop_
_struct_site_gen.id 
_struct_site_gen.site_id 
_struct_site_gen.pdbx_num_res 
_struct_site_gen.label_comp_id 
_struct_site_gen.label_asym_id 
_struct_site_gen.label_seq_id 
_struct_site_gen.pdbx_auth_ins_code 
_struct_site_gen.auth_comp_id 
_struct_site_gen.auth_asym_id 
_struct_site_gen.auth_seq_id 
_struct_site_gen.label_atom_id 
_struct_site_gen.label_alt_id 
_struct_site_gen.symmetry 
_struct_site_gen.details 
1  AC1 3 ASP A 37 ? ASP A 37 . ? 1_555 ? 
2  AC1 3 ASP A 60 ? ASP A 60 . ? 8_455 ? 
3  AC1 3 ASP A 63 ? ASP A 63 . ? 8_455 ? 
4  AC2 2 GLU A 43 ? GLU A 43 . ? 1_555 ? 
5  AC2 2 GLU A 69 ? GLU A 69 . ? 7_555 ? 
6  AC3 3 ASP A 37 ? ASP A 37 . ? 8_555 ? 
7  AC3 3 ASP A 60 ? ASP A 60 . ? 1_555 ? 
8  AC3 3 ASP A 63 ? ASP A 63 . ? 1_555 ? 
9  AC4 2 GLU A 43 ? GLU A 43 . ? 7_545 ? 
10 AC4 2 GLU A 69 ? GLU A 69 . ? 1_555 ? 
# 
_pdbx_entry_details.entry_id                   5AX2 
_pdbx_entry_details.compound_details           ? 
_pdbx_entry_details.source_details             ? 
_pdbx_entry_details.nonpolymer_details         ? 
_pdbx_entry_details.sequence_details           ? 
_pdbx_entry_details.has_ligand_of_interest     ? 
_pdbx_entry_details.has_protein_modification   Y 
# 
loop_
_pdbx_validate_torsion.id 
_pdbx_validate_torsion.PDB_model_num 
_pdbx_validate_torsion.auth_comp_id 
_pdbx_validate_torsion.auth_asym_id 
_pdbx_validate_torsion.auth_seq_id 
_pdbx_validate_torsion.PDB_ins_code 
_pdbx_validate_torsion.label_alt_id 
_pdbx_validate_torsion.phi 
_pdbx_validate_torsion.psi 
1 1 GLU A 11 ? B -64.89  9.83    
2 1 PRO A 27 ? ? -72.38  45.42   
3 1 CYS A 28 ? ? -140.81 -158.47 
4 1 ASP A 30 ? ? -117.51 -169.02 
5 1 GLU A 43 ? ? -36.12  121.60  
6 1 CYS A 51 ? ? -135.00 -159.24 
# 
loop_
_pdbx_unobs_or_zero_occ_residues.id 
_pdbx_unobs_or_zero_occ_residues.PDB_model_num 
_pdbx_unobs_or_zero_occ_residues.polymer_flag 
_pdbx_unobs_or_zero_occ_residues.occupancy_flag 
_pdbx_unobs_or_zero_occ_residues.auth_asym_id 
_pdbx_unobs_or_zero_occ_residues.auth_comp_id 
_pdbx_unobs_or_zero_occ_residues.auth_seq_id 
_pdbx_unobs_or_zero_occ_residues.PDB_ins_code 
_pdbx_unobs_or_zero_occ_residues.label_asym_id 
_pdbx_unobs_or_zero_occ_residues.label_comp_id 
_pdbx_unobs_or_zero_occ_residues.label_seq_id 
1  1 Y 1 A MET 1  ? A MET 1  
2  1 Y 1 A ALA 80 ? A ALA 80 
3  1 Y 1 A ALA 81 ? A ALA 81 
4  1 Y 1 A ALA 82 ? A ALA 82 
5  1 Y 1 A ALA 83 ? A ALA 83 
6  1 Y 1 A HIS 84 ? A HIS 84 
7  1 Y 1 A HIS 85 ? A HIS 85 
8  1 Y 1 A HIS 86 ? A HIS 86 
9  1 Y 1 A HIS 87 ? A HIS 87 
10 1 Y 1 A HIS 88 ? A HIS 88 
11 1 Y 1 A HIS 89 ? A HIS 89 
# 
loop_
_chem_comp_atom.comp_id 
_chem_comp_atom.atom_id 
_chem_comp_atom.type_symbol 
_chem_comp_atom.pdbx_aromatic_flag 
_chem_comp_atom.pdbx_stereo_config 
_chem_comp_atom.pdbx_ordinal 
ALA N    N  N N 1   
ALA CA   C  N S 2   
ALA C    C  N N 3   
ALA O    O  N N 4   
ALA CB   C  N N 5   
ALA OXT  O  N N 6   
ALA H    H  N N 7   
ALA H2   H  N N 8   
ALA HA   H  N N 9   
ALA HB1  H  N N 10  
ALA HB2  H  N N 11  
ALA HB3  H  N N 12  
ALA HXT  H  N N 13  
ARG N    N  N N 14  
ARG CA   C  N S 15  
ARG C    C  N N 16  
ARG O    O  N N 17  
ARG CB   C  N N 18  
ARG CG   C  N N 19  
ARG CD   C  N N 20  
ARG NE   N  N N 21  
ARG CZ   C  N N 22  
ARG NH1  N  N N 23  
ARG NH2  N  N N 24  
ARG OXT  O  N N 25  
ARG H    H  N N 26  
ARG H2   H  N N 27  
ARG HA   H  N N 28  
ARG HB2  H  N N 29  
ARG HB3  H  N N 30  
ARG HG2  H  N N 31  
ARG HG3  H  N N 32  
ARG HD2  H  N N 33  
ARG HD3  H  N N 34  
ARG HE   H  N N 35  
ARG HH11 H  N N 36  
ARG HH12 H  N N 37  
ARG HH21 H  N N 38  
ARG HH22 H  N N 39  
ARG HXT  H  N N 40  
ASN N    N  N N 41  
ASN CA   C  N S 42  
ASN C    C  N N 43  
ASN O    O  N N 44  
ASN CB   C  N N 45  
ASN CG   C  N N 46  
ASN OD1  O  N N 47  
ASN ND2  N  N N 48  
ASN OXT  O  N N 49  
ASN H    H  N N 50  
ASN H2   H  N N 51  
ASN HA   H  N N 52  
ASN HB2  H  N N 53  
ASN HB3  H  N N 54  
ASN HD21 H  N N 55  
ASN HD22 H  N N 56  
ASN HXT  H  N N 57  
ASP N    N  N N 58  
ASP CA   C  N S 59  
ASP C    C  N N 60  
ASP O    O  N N 61  
ASP CB   C  N N 62  
ASP CG   C  N N 63  
ASP OD1  O  N N 64  
ASP OD2  O  N N 65  
ASP OXT  O  N N 66  
ASP H    H  N N 67  
ASP H2   H  N N 68  
ASP HA   H  N N 69  
ASP HB2  H  N N 70  
ASP HB3  H  N N 71  
ASP HD2  H  N N 72  
ASP HXT  H  N N 73  
CD  CD   CD N N 74  
CYS N    N  N N 75  
CYS CA   C  N R 76  
CYS C    C  N N 77  
CYS O    O  N N 78  
CYS CB   C  N N 79  
CYS SG   S  N N 80  
CYS OXT  O  N N 81  
CYS H    H  N N 82  
CYS H2   H  N N 83  
CYS HA   H  N N 84  
CYS HB2  H  N N 85  
CYS HB3  H  N N 86  
CYS HG   H  N N 87  
CYS HXT  H  N N 88  
GLN N    N  N N 89  
GLN CA   C  N S 90  
GLN C    C  N N 91  
GLN O    O  N N 92  
GLN CB   C  N N 93  
GLN CG   C  N N 94  
GLN CD   C  N N 95  
GLN OE1  O  N N 96  
GLN NE2  N  N N 97  
GLN OXT  O  N N 98  
GLN H    H  N N 99  
GLN H2   H  N N 100 
GLN HA   H  N N 101 
GLN HB2  H  N N 102 
GLN HB3  H  N N 103 
GLN HG2  H  N N 104 
GLN HG3  H  N N 105 
GLN HE21 H  N N 106 
GLN HE22 H  N N 107 
GLN HXT  H  N N 108 
GLU N    N  N N 109 
GLU CA   C  N S 110 
GLU C    C  N N 111 
GLU O    O  N N 112 
GLU CB   C  N N 113 
GLU CG   C  N N 114 
GLU CD   C  N N 115 
GLU OE1  O  N N 116 
GLU OE2  O  N N 117 
GLU OXT  O  N N 118 
GLU H    H  N N 119 
GLU H2   H  N N 120 
GLU HA   H  N N 121 
GLU HB2  H  N N 122 
GLU HB3  H  N N 123 
GLU HG2  H  N N 124 
GLU HG3  H  N N 125 
GLU HE2  H  N N 126 
GLU HXT  H  N N 127 
GLY N    N  N N 128 
GLY CA   C  N N 129 
GLY C    C  N N 130 
GLY O    O  N N 131 
GLY OXT  O  N N 132 
GLY H    H  N N 133 
GLY H2   H  N N 134 
GLY HA2  H  N N 135 
GLY HA3  H  N N 136 
GLY HXT  H  N N 137 
HIS N    N  N N 138 
HIS CA   C  N S 139 
HIS C    C  N N 140 
HIS O    O  N N 141 
HIS CB   C  N N 142 
HIS CG   C  Y N 143 
HIS ND1  N  Y N 144 
HIS CD2  C  Y N 145 
HIS CE1  C  Y N 146 
HIS NE2  N  Y N 147 
HIS OXT  O  N N 148 
HIS H    H  N N 149 
HIS H2   H  N N 150 
HIS HA   H  N N 151 
HIS HB2  H  N N 152 
HIS HB3  H  N N 153 
HIS HD1  H  N N 154 
HIS HD2  H  N N 155 
HIS HE1  H  N N 156 
HIS HE2  H  N N 157 
HIS HXT  H  N N 158 
HOH O    O  N N 159 
HOH H1   H  N N 160 
HOH H2   H  N N 161 
ILE N    N  N N 162 
ILE CA   C  N S 163 
ILE C    C  N N 164 
ILE O    O  N N 165 
ILE CB   C  N S 166 
ILE CG1  C  N N 167 
ILE CG2  C  N N 168 
ILE CD1  C  N N 169 
ILE OXT  O  N N 170 
ILE H    H  N N 171 
ILE H2   H  N N 172 
ILE HA   H  N N 173 
ILE HB   H  N N 174 
ILE HG12 H  N N 175 
ILE HG13 H  N N 176 
ILE HG21 H  N N 177 
ILE HG22 H  N N 178 
ILE HG23 H  N N 179 
ILE HD11 H  N N 180 
ILE HD12 H  N N 181 
ILE HD13 H  N N 182 
ILE HXT  H  N N 183 
LEU N    N  N N 184 
LEU CA   C  N S 185 
LEU C    C  N N 186 
LEU O    O  N N 187 
LEU CB   C  N N 188 
LEU CG   C  N N 189 
LEU CD1  C  N N 190 
LEU CD2  C  N N 191 
LEU OXT  O  N N 192 
LEU H    H  N N 193 
LEU H2   H  N N 194 
LEU HA   H  N N 195 
LEU HB2  H  N N 196 
LEU HB3  H  N N 197 
LEU HG   H  N N 198 
LEU HD11 H  N N 199 
LEU HD12 H  N N 200 
LEU HD13 H  N N 201 
LEU HD21 H  N N 202 
LEU HD22 H  N N 203 
LEU HD23 H  N N 204 
LEU HXT  H  N N 205 
LYS N    N  N N 206 
LYS CA   C  N S 207 
LYS C    C  N N 208 
LYS O    O  N N 209 
LYS CB   C  N N 210 
LYS CG   C  N N 211 
LYS CD   C  N N 212 
LYS CE   C  N N 213 
LYS NZ   N  N N 214 
LYS OXT  O  N N 215 
LYS H    H  N N 216 
LYS H2   H  N N 217 
LYS HA   H  N N 218 
LYS HB2  H  N N 219 
LYS HB3  H  N N 220 
LYS HG2  H  N N 221 
LYS HG3  H  N N 222 
LYS HD2  H  N N 223 
LYS HD3  H  N N 224 
LYS HE2  H  N N 225 
LYS HE3  H  N N 226 
LYS HZ1  H  N N 227 
LYS HZ2  H  N N 228 
LYS HZ3  H  N N 229 
LYS HXT  H  N N 230 
MET N    N  N N 231 
MET CA   C  N S 232 
MET C    C  N N 233 
MET O    O  N N 234 
MET CB   C  N N 235 
MET CG   C  N N 236 
MET SD   S  N N 237 
MET CE   C  N N 238 
MET OXT  O  N N 239 
MET H    H  N N 240 
MET H2   H  N N 241 
MET HA   H  N N 242 
MET HB2  H  N N 243 
MET HB3  H  N N 244 
MET HG2  H  N N 245 
MET HG3  H  N N 246 
MET HE1  H  N N 247 
MET HE2  H  N N 248 
MET HE3  H  N N 249 
MET HXT  H  N N 250 
PHE N    N  N N 251 
PHE CA   C  N S 252 
PHE C    C  N N 253 
PHE O    O  N N 254 
PHE CB   C  N N 255 
PHE CG   C  Y N 256 
PHE CD1  C  Y N 257 
PHE CD2  C  Y N 258 
PHE CE1  C  Y N 259 
PHE CE2  C  Y N 260 
PHE CZ   C  Y N 261 
PHE OXT  O  N N 262 
PHE H    H  N N 263 
PHE H2   H  N N 264 
PHE HA   H  N N 265 
PHE HB2  H  N N 266 
PHE HB3  H  N N 267 
PHE HD1  H  N N 268 
PHE HD2  H  N N 269 
PHE HE1  H  N N 270 
PHE HE2  H  N N 271 
PHE HZ   H  N N 272 
PHE HXT  H  N N 273 
PRO N    N  N N 274 
PRO CA   C  N S 275 
PRO C    C  N N 276 
PRO O    O  N N 277 
PRO CB   C  N N 278 
PRO CG   C  N N 279 
PRO CD   C  N N 280 
PRO OXT  O  N N 281 
PRO H    H  N N 282 
PRO HA   H  N N 283 
PRO HB2  H  N N 284 
PRO HB3  H  N N 285 
PRO HG2  H  N N 286 
PRO HG3  H  N N 287 
PRO HD2  H  N N 288 
PRO HD3  H  N N 289 
PRO HXT  H  N N 290 
SER N    N  N N 291 
SER CA   C  N S 292 
SER C    C  N N 293 
SER O    O  N N 294 
SER CB   C  N N 295 
SER OG   O  N N 296 
SER OXT  O  N N 297 
SER H    H  N N 298 
SER H2   H  N N 299 
SER HA   H  N N 300 
SER HB2  H  N N 301 
SER HB3  H  N N 302 
SER HG   H  N N 303 
SER HXT  H  N N 304 
THR N    N  N N 305 
THR CA   C  N S 306 
THR C    C  N N 307 
THR O    O  N N 308 
THR CB   C  N R 309 
THR OG1  O  N N 310 
THR CG2  C  N N 311 
THR OXT  O  N N 312 
THR H    H  N N 313 
THR H2   H  N N 314 
THR HA   H  N N 315 
THR HB   H  N N 316 
THR HG1  H  N N 317 
THR HG21 H  N N 318 
THR HG22 H  N N 319 
THR HG23 H  N N 320 
THR HXT  H  N N 321 
TYR N    N  N N 322 
TYR CA   C  N S 323 
TYR C    C  N N 324 
TYR O    O  N N 325 
TYR CB   C  N N 326 
TYR CG   C  Y N 327 
TYR CD1  C  Y N 328 
TYR CD2  C  Y N 329 
TYR CE1  C  Y N 330 
TYR CE2  C  Y N 331 
TYR CZ   C  Y N 332 
TYR OH   O  N N 333 
TYR OXT  O  N N 334 
TYR H    H  N N 335 
TYR H2   H  N N 336 
TYR HA   H  N N 337 
TYR HB2  H  N N 338 
TYR HB3  H  N N 339 
TYR HD1  H  N N 340 
TYR HD2  H  N N 341 
TYR HE1  H  N N 342 
TYR HE2  H  N N 343 
TYR HH   H  N N 344 
TYR HXT  H  N N 345 
VAL N    N  N N 346 
VAL CA   C  N S 347 
VAL C    C  N N 348 
VAL O    O  N N 349 
VAL CB   C  N N 350 
VAL CG1  C  N N 351 
VAL CG2  C  N N 352 
VAL OXT  O  N N 353 
VAL H    H  N N 354 
VAL H2   H  N N 355 
VAL HA   H  N N 356 
VAL HB   H  N N 357 
VAL HG11 H  N N 358 
VAL HG12 H  N N 359 
VAL HG13 H  N N 360 
VAL HG21 H  N N 361 
VAL HG22 H  N N 362 
VAL HG23 H  N N 363 
VAL HXT  H  N N 364 
# 
loop_
_chem_comp_bond.comp_id 
_chem_comp_bond.atom_id_1 
_chem_comp_bond.atom_id_2 
_chem_comp_bond.value_order 
_chem_comp_bond.pdbx_aromatic_flag 
_chem_comp_bond.pdbx_stereo_config 
_chem_comp_bond.pdbx_ordinal 
ALA N   CA   sing N N 1   
ALA N   H    sing N N 2   
ALA N   H2   sing N N 3   
ALA CA  C    sing N N 4   
ALA CA  CB   sing N N 5   
ALA CA  HA   sing N N 6   
ALA C   O    doub N N 7   
ALA C   OXT  sing N N 8   
ALA CB  HB1  sing N N 9   
ALA CB  HB2  sing N N 10  
ALA CB  HB3  sing N N 11  
ALA OXT HXT  sing N N 12  
ARG N   CA   sing N N 13  
ARG N   H    sing N N 14  
ARG N   H2   sing N N 15  
ARG CA  C    sing N N 16  
ARG CA  CB   sing N N 17  
ARG CA  HA   sing N N 18  
ARG C   O    doub N N 19  
ARG C   OXT  sing N N 20  
ARG CB  CG   sing N N 21  
ARG CB  HB2  sing N N 22  
ARG CB  HB3  sing N N 23  
ARG CG  CD   sing N N 24  
ARG CG  HG2  sing N N 25  
ARG CG  HG3  sing N N 26  
ARG CD  NE   sing N N 27  
ARG CD  HD2  sing N N 28  
ARG CD  HD3  sing N N 29  
ARG NE  CZ   sing N N 30  
ARG NE  HE   sing N N 31  
ARG CZ  NH1  sing N N 32  
ARG CZ  NH2  doub N N 33  
ARG NH1 HH11 sing N N 34  
ARG NH1 HH12 sing N N 35  
ARG NH2 HH21 sing N N 36  
ARG NH2 HH22 sing N N 37  
ARG OXT HXT  sing N N 38  
ASN N   CA   sing N N 39  
ASN N   H    sing N N 40  
ASN N   H2   sing N N 41  
ASN CA  C    sing N N 42  
ASN CA  CB   sing N N 43  
ASN CA  HA   sing N N 44  
ASN C   O    doub N N 45  
ASN C   OXT  sing N N 46  
ASN CB  CG   sing N N 47  
ASN CB  HB2  sing N N 48  
ASN CB  HB3  sing N N 49  
ASN CG  OD1  doub N N 50  
ASN CG  ND2  sing N N 51  
ASN ND2 HD21 sing N N 52  
ASN ND2 HD22 sing N N 53  
ASN OXT HXT  sing N N 54  
ASP N   CA   sing N N 55  
ASP N   H    sing N N 56  
ASP N   H2   sing N N 57  
ASP CA  C    sing N N 58  
ASP CA  CB   sing N N 59  
ASP CA  HA   sing N N 60  
ASP C   O    doub N N 61  
ASP C   OXT  sing N N 62  
ASP CB  CG   sing N N 63  
ASP CB  HB2  sing N N 64  
ASP CB  HB3  sing N N 65  
ASP CG  OD1  doub N N 66  
ASP CG  OD2  sing N N 67  
ASP OD2 HD2  sing N N 68  
ASP OXT HXT  sing N N 69  
CYS N   CA   sing N N 70  
CYS N   H    sing N N 71  
CYS N   H2   sing N N 72  
CYS CA  C    sing N N 73  
CYS CA  CB   sing N N 74  
CYS CA  HA   sing N N 75  
CYS C   O    doub N N 76  
CYS C   OXT  sing N N 77  
CYS CB  SG   sing N N 78  
CYS CB  HB2  sing N N 79  
CYS CB  HB3  sing N N 80  
CYS SG  HG   sing N N 81  
CYS OXT HXT  sing N N 82  
GLN N   CA   sing N N 83  
GLN N   H    sing N N 84  
GLN N   H2   sing N N 85  
GLN CA  C    sing N N 86  
GLN CA  CB   sing N N 87  
GLN CA  HA   sing N N 88  
GLN C   O    doub N N 89  
GLN C   OXT  sing N N 90  
GLN CB  CG   sing N N 91  
GLN CB  HB2  sing N N 92  
GLN CB  HB3  sing N N 93  
GLN CG  CD   sing N N 94  
GLN CG  HG2  sing N N 95  
GLN CG  HG3  sing N N 96  
GLN CD  OE1  doub N N 97  
GLN CD  NE2  sing N N 98  
GLN NE2 HE21 sing N N 99  
GLN NE2 HE22 sing N N 100 
GLN OXT HXT  sing N N 101 
GLU N   CA   sing N N 102 
GLU N   H    sing N N 103 
GLU N   H2   sing N N 104 
GLU CA  C    sing N N 105 
GLU CA  CB   sing N N 106 
GLU CA  HA   sing N N 107 
GLU C   O    doub N N 108 
GLU C   OXT  sing N N 109 
GLU CB  CG   sing N N 110 
GLU CB  HB2  sing N N 111 
GLU CB  HB3  sing N N 112 
GLU CG  CD   sing N N 113 
GLU CG  HG2  sing N N 114 
GLU CG  HG3  sing N N 115 
GLU CD  OE1  doub N N 116 
GLU CD  OE2  sing N N 117 
GLU OE2 HE2  sing N N 118 
GLU OXT HXT  sing N N 119 
GLY N   CA   sing N N 120 
GLY N   H    sing N N 121 
GLY N   H2   sing N N 122 
GLY CA  C    sing N N 123 
GLY CA  HA2  sing N N 124 
GLY CA  HA3  sing N N 125 
GLY C   O    doub N N 126 
GLY C   OXT  sing N N 127 
GLY OXT HXT  sing N N 128 
HIS N   CA   sing N N 129 
HIS N   H    sing N N 130 
HIS N   H2   sing N N 131 
HIS CA  C    sing N N 132 
HIS CA  CB   sing N N 133 
HIS CA  HA   sing N N 134 
HIS C   O    doub N N 135 
HIS C   OXT  sing N N 136 
HIS CB  CG   sing N N 137 
HIS CB  HB2  sing N N 138 
HIS CB  HB3  sing N N 139 
HIS CG  ND1  sing Y N 140 
HIS CG  CD2  doub Y N 141 
HIS ND1 CE1  doub Y N 142 
HIS ND1 HD1  sing N N 143 
HIS CD2 NE2  sing Y N 144 
HIS CD2 HD2  sing N N 145 
HIS CE1 NE2  sing Y N 146 
HIS CE1 HE1  sing N N 147 
HIS NE2 HE2  sing N N 148 
HIS OXT HXT  sing N N 149 
HOH O   H1   sing N N 150 
HOH O   H2   sing N N 151 
ILE N   CA   sing N N 152 
ILE N   H    sing N N 153 
ILE N   H2   sing N N 154 
ILE CA  C    sing N N 155 
ILE CA  CB   sing N N 156 
ILE CA  HA   sing N N 157 
ILE C   O    doub N N 158 
ILE C   OXT  sing N N 159 
ILE CB  CG1  sing N N 160 
ILE CB  CG2  sing N N 161 
ILE CB  HB   sing N N 162 
ILE CG1 CD1  sing N N 163 
ILE CG1 HG12 sing N N 164 
ILE CG1 HG13 sing N N 165 
ILE CG2 HG21 sing N N 166 
ILE CG2 HG22 sing N N 167 
ILE CG2 HG23 sing N N 168 
ILE CD1 HD11 sing N N 169 
ILE CD1 HD12 sing N N 170 
ILE CD1 HD13 sing N N 171 
ILE OXT HXT  sing N N 172 
LEU N   CA   sing N N 173 
LEU N   H    sing N N 174 
LEU N   H2   sing N N 175 
LEU CA  C    sing N N 176 
LEU CA  CB   sing N N 177 
LEU CA  HA   sing N N 178 
LEU C   O    doub N N 179 
LEU C   OXT  sing N N 180 
LEU CB  CG   sing N N 181 
LEU CB  HB2  sing N N 182 
LEU CB  HB3  sing N N 183 
LEU CG  CD1  sing N N 184 
LEU CG  CD2  sing N N 185 
LEU CG  HG   sing N N 186 
LEU CD1 HD11 sing N N 187 
LEU CD1 HD12 sing N N 188 
LEU CD1 HD13 sing N N 189 
LEU CD2 HD21 sing N N 190 
LEU CD2 HD22 sing N N 191 
LEU CD2 HD23 sing N N 192 
LEU OXT HXT  sing N N 193 
LYS N   CA   sing N N 194 
LYS N   H    sing N N 195 
LYS N   H2   sing N N 196 
LYS CA  C    sing N N 197 
LYS CA  CB   sing N N 198 
LYS CA  HA   sing N N 199 
LYS C   O    doub N N 200 
LYS C   OXT  sing N N 201 
LYS CB  CG   sing N N 202 
LYS CB  HB2  sing N N 203 
LYS CB  HB3  sing N N 204 
LYS CG  CD   sing N N 205 
LYS CG  HG2  sing N N 206 
LYS CG  HG3  sing N N 207 
LYS CD  CE   sing N N 208 
LYS CD  HD2  sing N N 209 
LYS CD  HD3  sing N N 210 
LYS CE  NZ   sing N N 211 
LYS CE  HE2  sing N N 212 
LYS CE  HE3  sing N N 213 
LYS NZ  HZ1  sing N N 214 
LYS NZ  HZ2  sing N N 215 
LYS NZ  HZ3  sing N N 216 
LYS OXT HXT  sing N N 217 
MET N   CA   sing N N 218 
MET N   H    sing N N 219 
MET N   H2   sing N N 220 
MET CA  C    sing N N 221 
MET CA  CB   sing N N 222 
MET CA  HA   sing N N 223 
MET C   O    doub N N 224 
MET C   OXT  sing N N 225 
MET CB  CG   sing N N 226 
MET CB  HB2  sing N N 227 
MET CB  HB3  sing N N 228 
MET CG  SD   sing N N 229 
MET CG  HG2  sing N N 230 
MET CG  HG3  sing N N 231 
MET SD  CE   sing N N 232 
MET CE  HE1  sing N N 233 
MET CE  HE2  sing N N 234 
MET CE  HE3  sing N N 235 
MET OXT HXT  sing N N 236 
PHE N   CA   sing N N 237 
PHE N   H    sing N N 238 
PHE N   H2   sing N N 239 
PHE CA  C    sing N N 240 
PHE CA  CB   sing N N 241 
PHE CA  HA   sing N N 242 
PHE C   O    doub N N 243 
PHE C   OXT  sing N N 244 
PHE CB  CG   sing N N 245 
PHE CB  HB2  sing N N 246 
PHE CB  HB3  sing N N 247 
PHE CG  CD1  doub Y N 248 
PHE CG  CD2  sing Y N 249 
PHE CD1 CE1  sing Y N 250 
PHE CD1 HD1  sing N N 251 
PHE CD2 CE2  doub Y N 252 
PHE CD2 HD2  sing N N 253 
PHE CE1 CZ   doub Y N 254 
PHE CE1 HE1  sing N N 255 
PHE CE2 CZ   sing Y N 256 
PHE CE2 HE2  sing N N 257 
PHE CZ  HZ   sing N N 258 
PHE OXT HXT  sing N N 259 
PRO N   CA   sing N N 260 
PRO N   CD   sing N N 261 
PRO N   H    sing N N 262 
PRO CA  C    sing N N 263 
PRO CA  CB   sing N N 264 
PRO CA  HA   sing N N 265 
PRO C   O    doub N N 266 
PRO C   OXT  sing N N 267 
PRO CB  CG   sing N N 268 
PRO CB  HB2  sing N N 269 
PRO CB  HB3  sing N N 270 
PRO CG  CD   sing N N 271 
PRO CG  HG2  sing N N 272 
PRO CG  HG3  sing N N 273 
PRO CD  HD2  sing N N 274 
PRO CD  HD3  sing N N 275 
PRO OXT HXT  sing N N 276 
SER N   CA   sing N N 277 
SER N   H    sing N N 278 
SER N   H2   sing N N 279 
SER CA  C    sing N N 280 
SER CA  CB   sing N N 281 
SER CA  HA   sing N N 282 
SER C   O    doub N N 283 
SER C   OXT  sing N N 284 
SER CB  OG   sing N N 285 
SER CB  HB2  sing N N 286 
SER CB  HB3  sing N N 287 
SER OG  HG   sing N N 288 
SER OXT HXT  sing N N 289 
THR N   CA   sing N N 290 
THR N   H    sing N N 291 
THR N   H2   sing N N 292 
THR CA  C    sing N N 293 
THR CA  CB   sing N N 294 
THR CA  HA   sing N N 295 
THR C   O    doub N N 296 
THR C   OXT  sing N N 297 
THR CB  OG1  sing N N 298 
THR CB  CG2  sing N N 299 
THR CB  HB   sing N N 300 
THR OG1 HG1  sing N N 301 
THR CG2 HG21 sing N N 302 
THR CG2 HG22 sing N N 303 
THR CG2 HG23 sing N N 304 
THR OXT HXT  sing N N 305 
TYR N   CA   sing N N 306 
TYR N   H    sing N N 307 
TYR N   H2   sing N N 308 
TYR CA  C    sing N N 309 
TYR CA  CB   sing N N 310 
TYR CA  HA   sing N N 311 
TYR C   O    doub N N 312 
TYR C   OXT  sing N N 313 
TYR CB  CG   sing N N 314 
TYR CB  HB2  sing N N 315 
TYR CB  HB3  sing N N 316 
TYR CG  CD1  doub Y N 317 
TYR CG  CD2  sing Y N 318 
TYR CD1 CE1  sing Y N 319 
TYR CD1 HD1  sing N N 320 
TYR CD2 CE2  doub Y N 321 
TYR CD2 HD2  sing N N 322 
TYR CE1 CZ   doub Y N 323 
TYR CE1 HE1  sing N N 324 
TYR CE2 CZ   sing Y N 325 
TYR CE2 HE2  sing N N 326 
TYR CZ  OH   sing N N 327 
TYR OH  HH   sing N N 328 
TYR OXT HXT  sing N N 329 
VAL N   CA   sing N N 330 
VAL N   H    sing N N 331 
VAL N   H2   sing N N 332 
VAL CA  C    sing N N 333 
VAL CA  CB   sing N N 334 
VAL CA  HA   sing N N 335 
VAL C   O    doub N N 336 
VAL C   OXT  sing N N 337 
VAL CB  CG1  sing N N 338 
VAL CB  CG2  sing N N 339 
VAL CB  HB   sing N N 340 
VAL CG1 HG11 sing N N 341 
VAL CG1 HG12 sing N N 342 
VAL CG1 HG13 sing N N 343 
VAL CG2 HG21 sing N N 344 
VAL CG2 HG22 sing N N 345 
VAL CG2 HG23 sing N N 346 
VAL OXT HXT  sing N N 347 
# 
_pdbx_audit_support.funding_organization   ? 
_pdbx_audit_support.country                Germany 
_pdbx_audit_support.grant_number           ? 
_pdbx_audit_support.ordinal                1 
# 
_atom_sites.entry_id                    5AX2 
_atom_sites.fract_transf_matrix[1][1]   -0.01155441 
_atom_sites.fract_transf_matrix[1][2]   -0.01869974 
_atom_sites.fract_transf_matrix[1][3]   0.01074019 
_atom_sites.fract_transf_matrix[2][1]   0.01620377 
_atom_sites.fract_transf_matrix[2][2]   -0.00600186 
_atom_sites.fract_transf_matrix[2][3]   0.00698234 
_atom_sites.fract_transf_matrix[3][1]   -0.00172200 
_atom_sites.fract_transf_matrix[3][2]   0.00663482 
_atom_sites.fract_transf_matrix[3][3]   0.00969933 
_atom_sites.fract_transf_vector[1]      0.223836 
_atom_sites.fract_transf_vector[2]      0.286568 
_atom_sites.fract_transf_vector[3]      0.323488 
# 
loop_
_atom_type.symbol 
C  
CD 
N  
O  
S  
# 
loop_
_atom_site.group_PDB 
_atom_site.id 
_atom_site.type_symbol 
_atom_site.label_atom_id 
_atom_site.label_alt_id 
_atom_site.label_comp_id 
_atom_site.label_asym_id 
_atom_site.label_entity_id 
_atom_site.label_seq_id 
_atom_site.pdbx_PDB_ins_code 
_atom_site.Cartn_x 
_atom_site.Cartn_y 
_atom_site.Cartn_z 
_atom_site.occupancy 
_atom_site.B_iso_or_equiv 
_atom_site.pdbx_formal_charge 
_atom_site.auth_seq_id 
_atom_site.auth_comp_id 
_atom_site.auth_asym_id 
_atom_site.auth_atom_id 
_atom_site.pdbx_PDB_model_num 
ATOM   1   N  N   . VAL A 1 2  ? 11.970  -11.926 22.019  1.00 60.10  ? 2   VAL A N   1 
ATOM   2   C  CA  . VAL A 1 2  ? 10.679  -11.560 21.379  1.00 60.24  ? 2   VAL A CA  1 
ATOM   3   C  C   . VAL A 1 2  ? 10.875  -10.390 20.415  1.00 66.10  ? 2   VAL A C   1 
ATOM   4   O  O   . VAL A 1 2  ? 11.862  -9.656  20.483  1.00 67.81  ? 2   VAL A O   1 
ATOM   5   C  CB  . VAL A 1 2  ? 9.586   -11.140 22.404  1.00 65.90  ? 2   VAL A CB  1 
ATOM   6   C  CG1 . VAL A 1 2  ? 8.211   -11.677 22.001  1.00 57.76  ? 2   VAL A CG1 1 
ATOM   7   C  CG2 . VAL A 1 2  ? 9.954   -11.557 23.821  1.00 68.62  ? 2   VAL A CG2 1 
ATOM   8   N  N   . SER A 1 3  ? 9.915   -10.238 19.508  1.00 71.95  ? 3   SER A N   1 
ATOM   9   C  CA  . SER A 1 3  ? 9.777   -9.054  18.680  1.00 59.14  ? 3   SER A CA  1 
ATOM   10  C  C   . SER A 1 3  ? 8.300   -8.940  18.271  1.00 65.34  ? 3   SER A C   1 
ATOM   11  O  O   . SER A 1 3  ? 7.500   -9.883  18.409  1.00 63.82  ? 3   SER A O   1 
ATOM   12  C  CB  . SER A 1 3  ? 10.715  -9.128  17.500  1.00 54.00  ? 3   SER A CB  1 
ATOM   13  O  OG  . SER A 1 3  ? 10.608  -7.966  16.734  1.00 63.79  ? 3   SER A OG  1 
ATOM   14  N  N   . THR A 1 4  ? 7.913   -7.769  17.809  1.00 71.99  ? 4   THR A N   1 
ATOM   15  C  CA  . THR A 1 4  ? 6.512   -7.511  17.508  1.00 70.81  ? 4   THR A CA  1 
ATOM   16  C  C   . THR A 1 4  ? 6.370   -6.858  16.128  1.00 75.43  ? 4   THR A C   1 
ATOM   17  O  O   . THR A 1 4  ? 7.272   -6.139  15.674  1.00 71.89  ? 4   THR A O   1 
ATOM   18  C  CB  . THR A 1 4  ? 5.887   -6.637  18.594  1.00 69.74  ? 4   THR A CB  1 
ATOM   19  O  OG1 . THR A 1 4  ? 6.821   -5.613  18.950  1.00 71.00  ? 4   THR A OG1 1 
ATOM   20  C  CG2 . THR A 1 4  ? 5.580   -7.462  19.827  1.00 67.96  ? 4   THR A CG2 1 
ATOM   21  N  N   . TYR A 1 5  ? 5.257   -7.145  15.450  1.00 76.53  ? 5   TYR A N   1 
ATOM   22  C  CA  . TYR A 1 5  ? 5.060   -6.705  14.063  1.00 73.18  ? 5   TYR A CA  1 
ATOM   23  C  C   . TYR A 1 5  ? 3.608   -6.393  13.751  1.00 70.41  ? 5   TYR A C   1 
ATOM   24  O  O   . TYR A 1 5  ? 2.710   -7.147  14.129  1.00 58.96  ? 5   TYR A O   1 
ATOM   25  C  CB  . TYR A 1 5  ? 5.637   -7.728  13.078  1.00 76.85  ? 5   TYR A CB  1 
ATOM   26  C  CG  . TYR A 1 5  ? 7.099   -7.944  13.339  1.00 84.75  ? 5   TYR A CG  1 
ATOM   27  C  CD1 . TYR A 1 5  ? 8.041   -6.971  12.993  1.00 86.14  ? 5   TYR A CD1 1 
ATOM   28  C  CD2 . TYR A 1 5  ? 7.547   -9.091  13.999  1.00 88.44  ? 5   TYR A CD2 1 
ATOM   29  C  CE1 . TYR A 1 5  ? 9.398   -7.152  13.265  1.00 93.44  ? 5   TYR A CE1 1 
ATOM   30  C  CE2 . TYR A 1 5  ? 8.901   -9.282  14.278  1.00 90.67  ? 5   TYR A CE2 1 
ATOM   31  C  CZ  . TYR A 1 5  ? 9.820   -8.315  13.906  1.00 89.48  ? 5   TYR A CZ  1 
ATOM   32  O  OH  . TYR A 1 5  ? 11.149  -8.518  14.179  1.00 84.94  ? 5   TYR A OH  1 
ATOM   33  N  N   . ASP A 1 6  ? 3.392   -5.254  13.086  1.00 72.33  ? 6   ASP A N   1 
ATOM   34  C  CA  . ASP A 1 6  ? 2.052   -4.854  12.646  1.00 67.40  ? 6   ASP A CA  1 
ATOM   35  C  C   . ASP A 1 6  ? 1.758   -5.288  11.222  1.00 60.51  ? 6   ASP A C   1 
ATOM   36  O  O   . ASP A 1 6  ? 2.554   -5.107  10.297  1.00 62.06  ? 6   ASP A O   1 
ATOM   37  C  CB  . ASP A 1 6  ? 1.840   -3.336  12.763  1.00 71.72  ? 6   ASP A CB  1 
ATOM   38  C  CG  . ASP A 1 6  ? 2.342   -2.761  14.078  1.00 78.74  ? 6   ASP A CG  1 
ATOM   39  O  OD1 . ASP A 1 6  ? 2.071   -3.356  15.153  1.00 81.62  ? 6   ASP A OD1 1 
ATOM   40  O  OD2 . ASP A 1 6  ? 3.008   -1.702  14.024  1.00 75.56  ? 6   ASP A OD2 1 
ATOM   41  N  N   . GLU A 1 7  ? 0.578   -5.847  11.067  1.00 57.86  ? 7   GLU A N   1 
ATOM   42  C  CA  . GLU A 1 7  ? 0.026   -6.194  9.788   1.00 54.84  ? 7   GLU A CA  1 
ATOM   43  C  C   . GLU A 1 7  ? -1.256  -5.360  9.673   1.00 54.18  ? 7   GLU A C   1 
ATOM   44  O  O   . GLU A 1 7  ? -1.937  -5.123  10.682  1.00 52.51  ? 7   GLU A O   1 
ATOM   45  C  CB  . GLU A 1 7  ? -0.258  -7.706  9.772   1.00 58.00  ? 7   GLU A CB  1 
ATOM   46  C  CG  . GLU A 1 7  ? -0.854  -8.291  8.511   1.00 60.86  ? 7   GLU A CG  1 
ATOM   47  C  CD  . GLU A 1 7  ? -1.115  -9.787  8.622   1.00 70.69  ? 7   GLU A CD  1 
ATOM   48  O  OE1 . GLU A 1 7  ? -2.248  -10.166 8.979   1.00 74.63  ? 7   GLU A OE1 1 
ATOM   49  O  OE2 . GLU A 1 7  ? -0.193  -10.591 8.364   1.00 71.79  ? 7   GLU A OE2 1 
ATOM   50  N  N   . ILE A 1 8  ? -1.571  -4.912  8.452   1.00 53.32  ? 8   ILE A N   1 
ATOM   51  C  CA  . ILE A 1 8  ? -2.831  -4.215  8.153   1.00 51.74  ? 8   ILE A CA  1 
ATOM   52  C  C   . ILE A 1 8  ? -3.521  -4.660  6.832   1.00 50.33  ? 8   ILE A C   1 
ATOM   53  O  O   . ILE A 1 8  ? -2.893  -5.263  5.958   1.00 52.98  ? 8   ILE A O   1 
ATOM   54  C  CB  . ILE A 1 8  ? -2.615  -2.701  8.195   1.00 52.52  ? 8   ILE A CB  1 
ATOM   55  C  CG1 . ILE A 1 8  ? -3.913  -1.989  8.545   1.00 57.85  ? 8   ILE A CG1 1 
ATOM   56  C  CG2 . ILE A 1 8  ? -2.026  -2.193  6.881   1.00 53.82  ? 8   ILE A CG2 1 
ATOM   57  C  CD1 . ILE A 1 8  ? -3.859  -0.518  8.215   1.00 53.07  ? 8   ILE A CD1 1 
ATOM   58  N  N   . GLU A 1 9  ? -4.814  -4.356  6.698   1.00 52.87  ? 9   GLU A N   1 
ATOM   59  C  CA  . GLU A 1 9  ? -5.622  -4.707  5.515   1.00 47.64  ? 9   GLU A CA  1 
ATOM   60  C  C   . GLU A 1 9  ? -5.586  -3.591  4.515   1.00 47.65  ? 9   GLU A C   1 
ATOM   61  O  O   . GLU A 1 9  ? -5.580  -2.422  4.901   1.00 48.74  ? 9   GLU A O   1 
ATOM   62  C  CB  . GLU A 1 9  ? -7.075  -4.838  5.910   1.00 51.23  ? 9   GLU A CB  1 
ATOM   63  C  CG  . GLU A 1 9  ? -7.356  -5.738  7.097   1.00 62.81  ? 9   GLU A CG  1 
ATOM   64  C  CD  . GLU A 1 9  ? -7.484  -7.178  6.670   1.00 64.93  ? 9   GLU A CD  1 
ATOM   65  O  OE1 . GLU A 1 9  ? -7.780  -7.389  5.470   1.00 65.74  ? 9   GLU A OE1 1 
ATOM   66  O  OE2 . GLU A 1 9  ? -7.283  -8.078  7.523   1.00 65.47  ? 9   GLU A OE2 1 
ATOM   67  N  N   . ILE A 1 10 ? -5.613  -3.917  3.231   1.00 45.33  ? 10  ILE A N   1 
ATOM   68  C  CA  . ILE A 1 10 ? -5.518  -2.856  2.231   1.00 42.28  ? 10  ILE A CA  1 
ATOM   69  C  C   . ILE A 1 10 ? -6.669  -1.831  2.359   1.00 40.71  ? 10  ILE A C   1 
ATOM   70  O  O   . ILE A 1 10 ? -6.438  -0.616  2.343   1.00 39.93  ? 10  ILE A O   1 
ATOM   71  C  CB  . ILE A 1 10 ? -5.277  -3.403  0.795   1.00 38.94  ? 10  ILE A CB  1 
ATOM   72  C  CG1 . ILE A 1 10 ? -4.888  -2.256  -0.134  1.00 35.98  ? 10  ILE A CG1 1 
ATOM   73  C  CG2 . ILE A 1 10 ? -6.452  -4.264  0.302   1.00 35.44  ? 10  ILE A CG2 1 
ATOM   74  C  CD1 . ILE A 1 10 ? -4.901  -2.627  -1.607  1.00 33.47  ? 10  ILE A CD1 1 
ATOM   75  N  N   A GLU A 1 11 ? -7.893  -2.326  2.523   0.50 40.82  ? 11  GLU A N   1 
ATOM   76  N  N   B GLU A 1 11 ? -7.890  -2.322  2.522   0.50 44.19  ? 11  GLU A N   1 
ATOM   77  C  CA  A GLU A 1 11 ? -9.068  -1.474  2.794   0.50 41.35  ? 11  GLU A CA  1 
ATOM   78  C  CA  B GLU A 1 11 ? -9.035  -1.429  2.705   0.50 47.22  ? 11  GLU A CA  1 
ATOM   79  C  C   A GLU A 1 11 ? -8.825  -0.345  3.807   0.50 42.86  ? 11  GLU A C   1 
ATOM   80  C  C   B GLU A 1 11 ? -9.023  -0.578  3.999   0.50 47.27  ? 11  GLU A C   1 
ATOM   81  O  O   A GLU A 1 11 ? -9.475  0.711   3.738   0.50 42.18  ? 11  GLU A O   1 
ATOM   82  O  O   B GLU A 1 11 ? -10.034 0.067   4.302   0.50 49.22  ? 11  GLU A O   1 
ATOM   83  C  CB  A GLU A 1 11 ? -10.254 -2.316  3.273   0.50 39.67  ? 11  GLU A CB  1 
ATOM   84  C  CB  B GLU A 1 11 ? -10.368 -2.186  2.542   0.50 51.03  ? 11  GLU A CB  1 
ATOM   85  C  CG  A GLU A 1 11 ? -10.431 -3.618  2.515   0.50 43.15  ? 11  GLU A CG  1 
ATOM   86  C  CG  B GLU A 1 11 ? -10.498 -2.998  1.242   0.50 59.62  ? 11  GLU A CG  1 
ATOM   87  C  CD  A GLU A 1 11 ? -9.484  -4.687  3.019   0.50 45.39  ? 11  GLU A CD  1 
ATOM   88  C  CD  B GLU A 1 11 ? -11.006 -2.213  0.015   0.50 63.22  ? 11  GLU A CD  1 
ATOM   89  O  OE1 A GLU A 1 11 ? -9.187  -4.625  4.218   0.50 48.39  ? 11  GLU A OE1 1 
ATOM   90  O  OE1 B GLU A 1 11 ? -11.975 -1.416  0.143   0.50 61.19  ? 11  GLU A OE1 1 
ATOM   91  O  OE2 A GLU A 1 11 ? -9.051  -5.571  2.245   0.50 44.58  ? 11  GLU A OE2 1 
ATOM   92  O  OE2 B GLU A 1 11 ? -10.452 -2.427  -1.099  0.50 60.42  ? 11  GLU A OE2 1 
ATOM   93  N  N   . ASP A 1 12 ? -7.903  -0.560  4.744   1.00 41.54  ? 12  ASP A N   1 
ATOM   94  C  CA  . ASP A 1 12 ? -7.732  0.405   5.863   1.00 41.95  ? 12  ASP A CA  1 
ATOM   95  C  C   . ASP A 1 12 ? -6.855  1.548   5.486   1.00 40.82  ? 12  ASP A C   1 
ATOM   96  O  O   . ASP A 1 12 ? -6.641  2.468   6.263   1.00 44.89  ? 12  ASP A O   1 
ATOM   97  C  CB  . ASP A 1 12 ? -7.123  -0.199  7.128   1.00 45.15  ? 12  ASP A CB  1 
ATOM   98  C  CG  . ASP A 1 12 ? -7.907  -1.377  7.665   1.00 51.13  ? 12  ASP A CG  1 
ATOM   99  O  OD1 . ASP A 1 12 ? -9.169  -1.333  7.678   1.00 50.09  ? 12  ASP A OD1 1 
ATOM   100 O  OD2 . ASP A 1 12 ? -7.230  -2.350  8.091   1.00 51.59  ? 12  ASP A OD2 1 
ATOM   101 N  N   . MET A 1 13 ? -6.287  1.481   4.305   1.00 43.19  ? 13  MET A N   1 
ATOM   102 C  CA  . MET A 1 13 ? -5.369  2.521   3.914   1.00 40.78  ? 13  MET A CA  1 
ATOM   103 C  C   . MET A 1 13 ? -6.107  3.428   2.993   1.00 37.02  ? 13  MET A C   1 
ATOM   104 O  O   . MET A 1 13 ? -7.155  3.097   2.473   1.00 37.75  ? 13  MET A O   1 
ATOM   105 C  CB  . MET A 1 13 ? -4.145  1.937   3.217   1.00 42.39  ? 13  MET A CB  1 
ATOM   106 C  CG  . MET A 1 13 ? -3.293  1.079   4.124   1.00 45.42  ? 13  MET A CG  1 
ATOM   107 S  SD  . MET A 1 13 ? -1.903  0.464   3.160   1.00 47.65  ? 13  MET A SD  1 
ATOM   108 C  CE  . MET A 1 13 ? -0.770  1.845   3.313   1.00 44.35  ? 13  MET A CE  1 
ATOM   109 N  N   . THR A 1 14 ? -5.539  4.595   2.804   1.00 39.06  ? 14  THR A N   1 
ATOM   110 C  CA  . THR A 1 14 ? -6.058  5.588   1.895   1.00 36.06  ? 14  THR A CA  1 
ATOM   111 C  C   . THR A 1 14 ? -5.253  5.444   0.636   1.00 38.40  ? 14  THR A C   1 
ATOM   112 O  O   . THR A 1 14 ? -4.041  5.249   0.684   1.00 38.11  ? 14  THR A O   1 
ATOM   113 C  CB  . THR A 1 14 ? -5.783  6.963   2.498   1.00 34.23  ? 14  THR A CB  1 
ATOM   114 O  OG1 . THR A 1 14 ? -6.350  6.960   3.806   1.00 33.61  ? 14  THR A OG1 1 
ATOM   115 C  CG2 . THR A 1 14 ? -6.380  8.080   1.682   1.00 29.94  ? 14  THR A CG2 1 
ATOM   116 N  N   . PHE A 1 15 ? -5.926  5.509   -0.496  1.00 37.08  ? 15  PHE A N   1 
ATOM   117 C  CA  . PHE A 1 15 ? -5.241  5.509   -1.753  1.00 36.98  ? 15  PHE A CA  1 
ATOM   118 C  C   . PHE A 1 15 ? -5.330  6.939   -2.308  1.00 39.88  ? 15  PHE A C   1 
ATOM   119 O  O   . PHE A 1 15 ? -6.299  7.638   -2.081  1.00 43.91  ? 15  PHE A O   1 
ATOM   120 C  CB  . PHE A 1 15 ? -5.907  4.468   -2.639  1.00 37.09  ? 15  PHE A CB  1 
ATOM   121 C  CG  . PHE A 1 15 ? -5.376  4.428   -4.052  1.00 41.90  ? 15  PHE A CG  1 
ATOM   122 C  CD1 . PHE A 1 15 ? -4.080  3.981   -4.321  1.00 36.10  ? 15  PHE A CD1 1 
ATOM   123 C  CD2 . PHE A 1 15 ? -6.182  4.808   -5.118  1.00 38.83  ? 15  PHE A CD2 1 
ATOM   124 C  CE1 . PHE A 1 15 ? -3.606  3.943   -5.625  1.00 37.80  ? 15  PHE A CE1 1 
ATOM   125 C  CE2 . PHE A 1 15 ? -5.700  4.761   -6.417  1.00 39.52  ? 15  PHE A CE2 1 
ATOM   126 C  CZ  . PHE A 1 15 ? -4.417  4.329   -6.678  1.00 36.11  ? 15  PHE A CZ  1 
ATOM   127 N  N   . GLU A 1 16 ? -4.280  7.404   -2.965  1.00 43.85  ? 16  GLU A N   1 
ATOM   128 C  CA  . GLU A 1 16 ? -4.204  8.754   -3.505  1.00 40.84  ? 16  GLU A CA  1 
ATOM   129 C  C   . GLU A 1 16 ? -3.945  8.534   -4.974  1.00 43.06  ? 16  GLU A C   1 
ATOM   130 O  O   . GLU A 1 16 ? -2.816  8.250   -5.370  1.00 40.45  ? 16  GLU A O   1 
ATOM   131 C  CB  . GLU A 1 16 ? -3.035  9.533   -2.882  1.00 47.06  ? 16  GLU A CB  1 
ATOM   132 C  CG  . GLU A 1 16 ? -3.332  10.184  -1.536  1.00 48.08  ? 16  GLU A CG  1 
ATOM   133 C  CD  . GLU A 1 16 ? -2.099  10.320  -0.655  1.00 52.36  ? 16  GLU A CD  1 
ATOM   134 O  OE1 . GLU A 1 16 ? -1.081  10.921  -1.085  1.00 46.34  ? 16  GLU A OE1 1 
ATOM   135 O  OE2 . GLU A 1 16 ? -2.169  9.825   0.498   1.00 62.84  ? 16  GLU A OE2 1 
ATOM   136 N  N   . PRO A 1 17 ? -5.002  8.634   -5.795  1.00 47.28  ? 17  PRO A N   1 
ATOM   137 C  CA  . PRO A 1 17 ? -4.950  8.300   -7.214  1.00 45.49  ? 17  PRO A CA  1 
ATOM   138 C  C   . PRO A 1 17 ? -3.940  9.144   -8.025  1.00 49.86  ? 17  PRO A C   1 
ATOM   139 O  O   . PRO A 1 17 ? -3.336  8.642   -8.976  1.00 50.94  ? 17  PRO A O   1 
ATOM   140 C  CB  . PRO A 1 17 ? -6.397  8.574   -7.680  1.00 45.53  ? 17  PRO A CB  1 
ATOM   141 C  CG  . PRO A 1 17 ? -7.218  8.576   -6.426  1.00 43.31  ? 17  PRO A CG  1 
ATOM   142 C  CD  . PRO A 1 17 ? -6.326  9.170   -5.407  1.00 42.95  ? 17  PRO A CD  1 
ATOM   143 N  N   . GLU A 1 18 ? -3.759  10.417  -7.672  1.00 54.50  ? 18  GLU A N   1 
ATOM   144 C  CA  . GLU A 1 18 ? -2.792  11.244  -8.395  1.00 55.06  ? 18  GLU A CA  1 
ATOM   145 C  C   . GLU A 1 18 ? -1.393  10.651  -8.215  1.00 55.88  ? 18  GLU A C   1 
ATOM   146 O  O   . GLU A 1 18 ? -0.563  10.741  -9.121  1.00 54.78  ? 18  GLU A O   1 
ATOM   147 C  CB  . GLU A 1 18 ? -2.838  12.690  -7.909  1.00 61.77  ? 18  GLU A CB  1 
ATOM   148 C  CG  . GLU A 1 18 ? -3.918  13.527  -8.589  1.00 77.62  ? 18  GLU A CG  1 
ATOM   149 C  CD  . GLU A 1 18 ? -4.123  14.896  -7.937  1.00 88.82  ? 18  GLU A CD  1 
ATOM   150 O  OE1 . GLU A 1 18 ? -3.305  15.285  -7.062  1.00 88.76  ? 18  GLU A OE1 1 
ATOM   151 O  OE2 . GLU A 1 18 ? -5.108  15.588  -8.301  1.00 84.68  ? 18  GLU A OE2 1 
ATOM   152 N  N   . ASN A 1 19 ? -1.166  10.006  -7.066  1.00 47.15  ? 19  ASN A N   1 
ATOM   153 C  CA  . ASN A 1 19 ? 0.151   9.500   -6.679  1.00 42.27  ? 19  ASN A CA  1 
ATOM   154 C  C   . ASN A 1 19 ? 0.361   8.007   -6.792  1.00 45.36  ? 19  ASN A C   1 
ATOM   155 O  O   . ASN A 1 19 ? 1.487   7.531   -6.564  1.00 46.20  ? 19  ASN A O   1 
ATOM   156 C  CB  . ASN A 1 19 ? 0.418   9.922   -5.260  1.00 39.53  ? 19  ASN A CB  1 
ATOM   157 C  CG  . ASN A 1 19 ? 0.471   11.423  -5.143  1.00 46.76  ? 19  ASN A CG  1 
ATOM   158 O  OD1 . ASN A 1 19 ? 0.952   12.110  -6.083  1.00 46.31  ? 19  ASN A OD1 1 
ATOM   159 N  ND2 . ASN A 1 19 ? -0.039  11.960  -4.019  1.00 39.30  ? 19  ASN A ND2 1 
ATOM   160 N  N   . GLN A 1 20 ? -0.724  7.276   -7.111  1.00 43.43  ? 20  GLN A N   1 
ATOM   161 C  CA  . GLN A 1 20 ? -0.742  5.809   -7.120  1.00 44.24  ? 20  GLN A CA  1 
ATOM   162 C  C   . GLN A 1 20 ? -0.148  5.200   -5.846  1.00 41.54  ? 20  GLN A C   1 
ATOM   163 O  O   . GLN A 1 20 ? 0.649   4.275   -5.918  1.00 39.61  ? 20  GLN A O   1 
ATOM   164 C  CB  . GLN A 1 20 ? 0.020   5.293   -8.348  1.00 46.66  ? 20  GLN A CB  1 
ATOM   165 C  CG  . GLN A 1 20 ? -0.428  5.964   -9.630  1.00 46.62  ? 20  GLN A CG  1 
ATOM   166 C  CD  . GLN A 1 20 ? 0.339   5.478   -10.824 1.00 46.65  ? 20  GLN A CD  1 
ATOM   167 O  OE1 . GLN A 1 20 ? 1.190   4.607   -10.719 1.00 52.64  ? 20  GLN A OE1 1 
ATOM   168 N  NE2 . GLN A 1 20 ? 0.039   6.034   -11.965 1.00 45.36  ? 20  GLN A NE2 1 
ATOM   169 N  N   . MET A 1 21 ? -0.537  5.740   -4.693  1.00 42.93  ? 21  MET A N   1 
ATOM   170 C  CA  . MET A 1 21 ? 0.109   5.426   -3.442  1.00 46.35  ? 21  MET A CA  1 
ATOM   171 C  C   . MET A 1 21 ? -0.892  5.210   -2.301  1.00 44.29  ? 21  MET A C   1 
ATOM   172 O  O   . MET A 1 21 ? -1.861  5.943   -2.145  1.00 46.05  ? 21  MET A O   1 
ATOM   173 C  CB  . MET A 1 21 ? 1.075   6.568   -3.095  1.00 54.45  ? 21  MET A CB  1 
ATOM   174 C  CG  . MET A 1 21 ? 2.148   6.268   -2.049  1.00 59.75  ? 21  MET A CG  1 
ATOM   175 S  SD  . MET A 1 21 ? 3.239   7.690   -1.743  1.00 60.75  ? 21  MET A SD  1 
ATOM   176 C  CE  . MET A 1 21 ? 2.335   8.533   -0.450  1.00 55.83  ? 21  MET A CE  1 
ATOM   177 N  N   . PHE A 1 22 ? -0.631  4.207   -1.489  1.00 40.49  ? 22  PHE A N   1 
ATOM   178 C  CA  . PHE A 1 22 ? -1.460  3.951   -0.328  1.00 42.69  ? 22  PHE A CA  1 
ATOM   179 C  C   . PHE A 1 22 ? -0.741  4.502   0.886   1.00 45.72  ? 22  PHE A C   1 
ATOM   180 O  O   . PHE A 1 22 ? 0.464   4.273   1.044   1.00 50.92  ? 22  PHE A O   1 
ATOM   181 C  CB  . PHE A 1 22 ? -1.697  2.459   -0.147  1.00 37.85  ? 22  PHE A CB  1 
ATOM   182 C  CG  . PHE A 1 22 ? -2.457  1.834   -1.270  1.00 38.89  ? 22  PHE A CG  1 
ATOM   183 C  CD1 . PHE A 1 22 ? -1.802  1.426   -2.445  1.00 35.45  ? 22  PHE A CD1 1 
ATOM   184 C  CD2 . PHE A 1 22 ? -3.847  1.653   -1.167  1.00 39.53  ? 22  PHE A CD2 1 
ATOM   185 C  CE1 . PHE A 1 22 ? -2.544  0.855   -3.486  1.00 38.93  ? 22  PHE A CE1 1 
ATOM   186 C  CE2 . PHE A 1 22 ? -4.584  1.076   -2.193  1.00 34.29  ? 22  PHE A CE2 1 
ATOM   187 C  CZ  . PHE A 1 22 ? -3.931  0.686   -3.356  1.00 36.88  ? 22  PHE A CZ  1 
ATOM   188 N  N   . THR A 1 23 ? -1.468  5.245   1.714   1.00 39.65  ? 23  THR A N   1 
ATOM   189 C  CA  . THR A 1 23 ? -0.915  5.774   2.932   1.00 43.53  ? 23  THR A CA  1 
ATOM   190 C  C   . THR A 1 23 ? -1.671  5.301   4.151   1.00 44.84  ? 23  THR A C   1 
ATOM   191 O  O   . THR A 1 23 ? -2.764  4.744   4.031   1.00 46.91  ? 23  THR A O   1 
ATOM   192 C  CB  . THR A 1 23 ? -0.746  7.300   2.905   1.00 45.97  ? 23  THR A CB  1 
ATOM   193 O  OG1 . THR A 1 23 ? -2.003  7.926   2.681   1.00 54.95  ? 23  THR A OG1 1 
ATOM   194 C  CG2 . THR A 1 23 ? 0.225   7.719   1.810   1.00 44.07  ? 23  THR A CG2 1 
ATOM   195 N  N   . TYR A 1 24 ? -1.059  5.445   5.322   1.00 42.69  ? 24  TYR A N   1 
ATOM   196 C  CA  . TYR A 1 24 ? -1.708  5.067   6.569   1.00 42.93  ? 24  TYR A CA  1 
ATOM   197 C  C   . TYR A 1 24 ? -1.119  5.981   7.631   1.00 51.02  ? 24  TYR A C   1 
ATOM   198 O  O   . TYR A 1 24 ? 0.060   6.334   7.520   1.00 57.48  ? 24  TYR A O   1 
ATOM   199 C  CB  . TYR A 1 24 ? -1.507  3.583   6.869   1.00 40.71  ? 24  TYR A CB  1 
ATOM   200 C  CG  . TYR A 1 24 ? -2.292  3.115   8.066   1.00 46.62  ? 24  TYR A CG  1 
ATOM   201 C  CD1 . TYR A 1 24 ? -3.591  2.682   7.942   1.00 48.43  ? 24  TYR A CD1 1 
ATOM   202 C  CD2 . TYR A 1 24 ? -1.752  3.180   9.339   1.00 56.65  ? 24  TYR A CD2 1 
ATOM   203 C  CE1 . TYR A 1 24 ? -4.323  2.300   9.044   1.00 50.22  ? 24  TYR A CE1 1 
ATOM   204 C  CE2 . TYR A 1 24 ? -2.474  2.791   10.450  1.00 57.36  ? 24  TYR A CE2 1 
ATOM   205 C  CZ  . TYR A 1 24 ? -3.754  2.345   10.291  1.00 51.47  ? 24  TYR A CZ  1 
ATOM   206 O  OH  . TYR A 1 24 ? -4.468  1.964   11.394  1.00 56.23  ? 24  TYR A OH  1 
ATOM   207 N  N   . PRO A 1 25 ? -1.937  6.422   8.629   1.00 56.88  ? 25  PRO A N   1 
ATOM   208 C  CA  . PRO A 1 25 ? -1.398  7.254   9.727   1.00 57.04  ? 25  PRO A CA  1 
ATOM   209 C  C   . PRO A 1 25 ? -0.232  6.558   10.439  1.00 62.36  ? 25  PRO A C   1 
ATOM   210 O  O   . PRO A 1 25 ? -0.368  5.408   10.934  1.00 53.84  ? 25  PRO A O   1 
ATOM   211 C  CB  . PRO A 1 25 ? -2.586  7.405   10.708  1.00 50.98  ? 25  PRO A CB  1 
ATOM   212 C  CG  . PRO A 1 25 ? -3.794  7.105   9.905   1.00 54.76  ? 25  PRO A CG  1 
ATOM   213 C  CD  . PRO A 1 25 ? -3.369  6.115   8.837   1.00 59.04  ? 25  PRO A CD  1 
ATOM   214 N  N   . CYS A 1 26 ? 0.895   7.268   10.480  1.00 66.14  ? 26  CYS A N   1 
ATOM   215 C  CA  . CYS A 1 26 ? 2.116   6.769   11.096  1.00 77.29  ? 26  CYS A CA  1 
ATOM   216 C  C   . CYS A 1 26 ? 2.403   7.484   12.399  1.00 80.83  ? 26  CYS A C   1 
ATOM   217 O  O   . CYS A 1 26 ? 2.536   8.711   12.390  1.00 72.76  ? 26  CYS A O   1 
ATOM   218 C  CB  . CYS A 1 26 ? 3.296   6.978   10.154  1.00 78.05  ? 26  CYS A CB  1 
ATOM   219 S  SG  . CYS A 1 26 ? 4.877   6.660   10.957  1.00 75.95  ? 26  CYS A SG  1 
ATOM   220 N  N   . PRO A 1 27 ? 2.553   6.722   13.508  1.00 88.47  ? 27  PRO A N   1 
ATOM   221 C  CA  . PRO A 1 27 ? 2.664   7.318   14.843  1.00 92.90  ? 27  PRO A CA  1 
ATOM   222 C  C   . PRO A 1 27 ? 4.019   8.009   15.065  1.00 94.40  ? 27  PRO A C   1 
ATOM   223 O  O   . PRO A 1 27 ? 4.673   7.816   16.091  1.00 106.92 ? 27  PRO A O   1 
ATOM   224 C  CB  . PRO A 1 27 ? 2.453   6.124   15.791  1.00 91.59  ? 27  PRO A CB  1 
ATOM   225 C  CG  . PRO A 1 27 ? 2.302   4.906   14.922  1.00 87.86  ? 27  PRO A CG  1 
ATOM   226 C  CD  . PRO A 1 27 ? 2.803   5.272   13.555  1.00 87.33  ? 27  PRO A CD  1 
ATOM   227 N  N   . CYS A 1 28 ? 4.421   8.782   14.057  1.00 97.34  ? 28  CYS A N   1 
ATOM   228 C  CA  . CYS A 1 28 ? 5.548   9.691   14.064  1.00 96.44  ? 28  CYS A CA  1 
ATOM   229 C  C   . CYS A 1 28 ? 4.954   10.858  13.271  1.00 107.31 ? 28  CYS A C   1 
ATOM   230 O  O   . CYS A 1 28 ? 3.726   10.966  13.153  1.00 109.19 ? 28  CYS A O   1 
ATOM   231 C  CB  . CYS A 1 28 ? 6.731   9.125   13.277  1.00 104.51 ? 28  CYS A CB  1 
ATOM   232 S  SG  . CYS A 1 28 ? 7.544   7.612   13.867  1.00 124.80 ? 28  CYS A SG  1 
ATOM   233 N  N   . GLY A 1 29 ? 5.793   11.713  12.684  1.00 101.58 ? 29  GLY A N   1 
ATOM   234 C  CA  . GLY A 1 29 ? 5.259   12.895  11.999  1.00 93.99  ? 29  GLY A CA  1 
ATOM   235 C  C   . GLY A 1 29 ? 4.731   12.550  10.615  1.00 90.45  ? 29  GLY A C   1 
ATOM   236 O  O   . GLY A 1 29 ? 4.140   13.384  9.918   1.00 83.59  ? 29  GLY A O   1 
ATOM   237 N  N   . ASP A 1 30 ? 4.919   11.300  10.224  1.00 87.21  ? 30  ASP A N   1 
ATOM   238 C  CA  . ASP A 1 30 ? 4.882   10.959  8.820   1.00 76.57  ? 30  ASP A CA  1 
ATOM   239 C  C   . ASP A 1 30 ? 3.778   10.008  8.489   1.00 67.68  ? 30  ASP A C   1 
ATOM   240 O  O   . ASP A 1 30 ? 2.898   9.753   9.309   1.00 69.41  ? 30  ASP A O   1 
ATOM   241 C  CB  . ASP A 1 30 ? 6.202   10.315  8.444   1.00 86.97  ? 30  ASP A CB  1 
ATOM   242 C  CG  . ASP A 1 30 ? 6.775   10.879  7.190   1.00 86.29  ? 30  ASP A CG  1 
ATOM   243 O  OD1 . ASP A 1 30 ? 6.146   11.798  6.631   1.00 87.43  ? 30  ASP A OD1 1 
ATOM   244 O  OD2 . ASP A 1 30 ? 7.855   10.404  6.780   1.00 81.21  ? 30  ASP A OD2 1 
ATOM   245 N  N   . ARG A 1 31 ? 3.822   9.477   7.273   1.00 60.27  ? 31  ARG A N   1 
ATOM   246 C  CA  . ARG A 1 31 ? 2.842   8.469   6.892   1.00 61.80  ? 31  ARG A CA  1 
ATOM   247 C  C   . ARG A 1 31 ? 3.496   7.198   6.344   1.00 62.16  ? 31  ARG A C   1 
ATOM   248 O  O   . ARG A 1 31 ? 4.508   7.275   5.607   1.00 57.85  ? 31  ARG A O   1 
ATOM   249 C  CB  . ARG A 1 31 ? 1.847   9.063   5.906   1.00 58.39  ? 31  ARG A CB  1 
ATOM   250 C  CG  . ARG A 1 31 ? 0.921   10.078  6.564   1.00 60.64  ? 31  ARG A CG  1 
ATOM   251 C  CD  . ARG A 1 31 ? -0.055  10.686  5.566   1.00 70.93  ? 31  ARG A CD  1 
ATOM   252 N  NE  . ARG A 1 31 ? -1.025  9.703   5.073   1.00 72.45  ? 31  ARG A NE  1 
ATOM   253 C  CZ  . ARG A 1 31 ? -2.193  9.418   5.654   1.00 73.58  ? 31  ARG A CZ  1 
ATOM   254 N  NH1 . ARG A 1 31 ? -2.578  10.050  6.765   1.00 64.69  ? 31  ARG A NH1 1 
ATOM   255 N  NH2 . ARG A 1 31 ? -2.984  8.486   5.119   1.00 74.07  ? 31  ARG A NH2 1 
ATOM   256 N  N   . PHE A 1 32 ? 2.943   6.043   6.742   1.00 52.96  ? 32  PHE A N   1 
ATOM   257 C  CA  . PHE A 1 32 ? 3.239   4.763   6.079   1.00 53.91  ? 32  PHE A CA  1 
ATOM   258 C  C   . PHE A 1 32 ? 2.966   4.938   4.587   1.00 52.99  ? 32  PHE A C   1 
ATOM   259 O  O   . PHE A 1 32 ? 1.999   5.595   4.223   1.00 57.24  ? 32  PHE A O   1 
ATOM   260 C  CB  . PHE A 1 32 ? 2.375   3.625   6.649   1.00 54.44  ? 32  PHE A CB  1 
ATOM   261 C  CG  . PHE A 1 32 ? 2.833   3.136   8.006   1.00 59.44  ? 32  PHE A CG  1 
ATOM   262 C  CD1 . PHE A 1 32 ? 4.028   2.414   8.141   1.00 64.62  ? 32  PHE A CD1 1 
ATOM   263 C  CD2 . PHE A 1 32 ? 2.089   3.406   9.153   1.00 60.84  ? 32  PHE A CD2 1 
ATOM   264 C  CE1 . PHE A 1 32 ? 4.457   1.974   9.382   1.00 66.69  ? 32  PHE A CE1 1 
ATOM   265 C  CE2 . PHE A 1 32 ? 2.522   2.981   10.409  1.00 59.92  ? 32  PHE A CE2 1 
ATOM   266 C  CZ  . PHE A 1 32 ? 3.701   2.260   10.519  1.00 69.03  ? 32  PHE A CZ  1 
ATOM   267 N  N   . GLN A 1 33 ? 3.817   4.411   3.717   1.00 44.91  ? 33  GLN A N   1 
ATOM   268 C  CA  . GLN A 1 33 ? 3.594   4.592   2.288   1.00 45.83  ? 33  GLN A CA  1 
ATOM   269 C  C   . GLN A 1 33 ? 4.024   3.409   1.485   1.00 44.04  ? 33  GLN A C   1 
ATOM   270 O  O   . GLN A 1 33 ? 4.989   2.727   1.836   1.00 45.00  ? 33  GLN A O   1 
ATOM   271 C  CB  . GLN A 1 33 ? 4.230   5.872   1.730   1.00 53.77  ? 33  GLN A CB  1 
ATOM   272 C  CG  . GLN A 1 33 ? 5.599   6.214   2.285   1.00 65.98  ? 33  GLN A CG  1 
ATOM   273 C  CD  . GLN A 1 33 ? 5.881   7.703   2.200   1.00 74.74  ? 33  GLN A CD  1 
ATOM   274 O  OE1 . GLN A 1 33 ? 5.790   8.297   1.119   1.00 71.51  ? 33  GLN A OE1 1 
ATOM   275 N  NE2 . GLN A 1 33 ? 6.227   8.316   3.344   1.00 75.48  ? 33  GLN A NE2 1 
ATOM   276 N  N   . ILE A 1 34 ? 3.282   3.152   0.417   1.00 38.85  ? 34  ILE A N   1 
ATOM   277 C  CA  . ILE A 1 34 ? 3.507   1.997   -0.416  1.00 34.85  ? 34  ILE A CA  1 
ATOM   278 C  C   . ILE A 1 34 ? 2.827   2.230   -1.721  1.00 34.23  ? 34  ILE A C   1 
ATOM   279 O  O   . ILE A 1 34 ? 1.723   2.778   -1.741  1.00 34.95  ? 34  ILE A O   1 
ATOM   280 C  CB  . ILE A 1 34 ? 2.969   0.696   0.200   1.00 34.69  ? 34  ILE A CB  1 
ATOM   281 C  CG1 . ILE A 1 34 ? 3.284   -0.472  -0.759  1.00 32.12  ? 34  ILE A CG1 1 
ATOM   282 C  CG2 . ILE A 1 34 ? 1.486   0.802   0.530   1.00 34.40  ? 34  ILE A CG2 1 
ATOM   283 C  CD1 . ILE A 1 34 ? 3.120   -1.861  -0.156  1.00 29.30  ? 34  ILE A CD1 1 
ATOM   284 N  N   . TYR A 1 35 ? 3.491   1.804   -2.789  1.00 30.90  ? 35  TYR A N   1 
ATOM   285 C  CA  . TYR A 1 35 ? 3.129   2.172   -4.143  1.00 31.86  ? 35  TYR A CA  1 
ATOM   286 C  C   . TYR A 1 35 ? 2.410   1.042   -4.815  1.00 32.70  ? 35  TYR A C   1 
ATOM   287 O  O   . TYR A 1 35 ? 2.708   -0.114  -4.575  1.00 26.49  ? 35  TYR A O   1 
ATOM   288 C  CB  . TYR A 1 35 ? 4.363   2.530   -4.962  1.00 33.75  ? 35  TYR A CB  1 
ATOM   289 C  CG  . TYR A 1 35 ? 4.774   3.937   -4.700  1.00 38.96  ? 35  TYR A CG  1 
ATOM   290 C  CD1 . TYR A 1 35 ? 4.157   4.984   -5.371  1.00 38.94  ? 35  TYR A CD1 1 
ATOM   291 C  CD2 . TYR A 1 35 ? 5.754   4.246   -3.761  1.00 39.54  ? 35  TYR A CD2 1 
ATOM   292 C  CE1 . TYR A 1 35 ? 4.497   6.298   -5.118  1.00 38.56  ? 35  TYR A CE1 1 
ATOM   293 C  CE2 . TYR A 1 35 ? 6.104   5.576   -3.518  1.00 40.54  ? 35  TYR A CE2 1 
ATOM   294 C  CZ  . TYR A 1 35 ? 5.463   6.587   -4.200  1.00 39.12  ? 35  TYR A CZ  1 
ATOM   295 O  OH  . TYR A 1 35 ? 5.781   7.910   -3.995  1.00 42.12  ? 35  TYR A OH  1 
ATOM   296 N  N   . LEU A 1 36 ? 1.455   1.428   -5.662  1.00 33.76  ? 36  LEU A N   1 
ATOM   297 C  CA  . LEU A 1 36 ? 0.663   0.509   -6.404  1.00 33.80  ? 36  LEU A CA  1 
ATOM   298 C  C   . LEU A 1 36 ? 1.512   -0.415  -7.278  1.00 37.50  ? 36  LEU A C   1 
ATOM   299 O  O   . LEU A 1 36 ? 1.187   -1.623  -7.348  1.00 40.44  ? 36  LEU A O   1 
ATOM   300 C  CB  . LEU A 1 36 ? -0.346  1.249   -7.284  1.00 30.32  ? 36  LEU A CB  1 
ATOM   301 C  CG  . LEU A 1 36 ? -1.329  0.301   -8.013  1.00 29.53  ? 36  LEU A CG  1 
ATOM   302 C  CD1 . LEU A 1 36 ? -2.209  -0.540  -7.077  1.00 29.97  ? 36  LEU A CD1 1 
ATOM   303 C  CD2 . LEU A 1 36 ? -2.209  1.054   -8.979  1.00 28.01  ? 36  LEU A CD2 1 
ATOM   304 N  N   . ASP A 1 37 ? 2.543   0.115   -7.958  1.00 30.50  ? 37  ASP A N   1 
ATOM   305 C  CA  . ASP A 1 37 ? 3.224   -0.718  -8.987  1.00 33.27  ? 37  ASP A CA  1 
ATOM   306 C  C   . ASP A 1 37 ? 4.036   -1.814  -8.306  1.00 33.80  ? 37  ASP A C   1 
ATOM   307 O  O   . ASP A 1 37 ? 4.181   -2.902  -8.806  1.00 33.31  ? 37  ASP A O   1 
ATOM   308 C  CB  . ASP A 1 37 ? 4.049   0.066   -10.056 1.00 31.06  ? 37  ASP A CB  1 
ATOM   309 C  CG  . ASP A 1 37 ? 5.214   0.942   -9.471  1.00 37.65  ? 37  ASP A CG  1 
ATOM   310 O  OD1 . ASP A 1 37 ? 5.362   1.025   -8.213  1.00 40.44  ? 37  ASP A OD1 1 
ATOM   311 O  OD2 . ASP A 1 37 ? 6.001   1.573   -10.293 1.00 36.19  ? 37  ASP A OD2 1 
ATOM   312 N  N   . ASP A 1 38 ? 4.539   -1.497  -7.125  1.00 34.61  ? 38  ASP A N   1 
ATOM   313 C  CA  . ASP A 1 38 ? 5.298   -2.443  -6.327  1.00 34.91  ? 38  ASP A CA  1 
ATOM   314 C  C   . ASP A 1 38 ? 4.441   -3.587  -5.785  1.00 34.58  ? 38  ASP A C   1 
ATOM   315 O  O   . ASP A 1 38 ? 4.830   -4.760  -5.921  1.00 30.68  ? 38  ASP A O   1 
ATOM   316 C  CB  . ASP A 1 38 ? 6.044   -1.683  -5.241  1.00 34.62  ? 38  ASP A CB  1 
ATOM   317 C  CG  . ASP A 1 38 ? 6.971   -0.638  -5.840  1.00 38.45  ? 38  ASP A CG  1 
ATOM   318 O  OD1 . ASP A 1 38 ? 7.487   -0.875  -6.968  1.00 37.49  ? 38  ASP A OD1 1 
ATOM   319 O  OD2 . ASP A 1 38 ? 7.112   0.456   -5.247  1.00 42.82  ? 38  ASP A OD2 1 
ATOM   320 N  N   . MET A 1 39 ? 3.274   -3.230  -5.233  1.00 33.34  ? 39  MET A N   1 
ATOM   321 C  CA  . MET A 1 39 ? 2.297   -4.206  -4.752  1.00 40.74  ? 39  MET A CA  1 
ATOM   322 C  C   . MET A 1 39 ? 1.880   -5.233  -5.795  1.00 41.14  ? 39  MET A C   1 
ATOM   323 O  O   . MET A 1 39 ? 1.774   -6.389  -5.484  1.00 41.77  ? 39  MET A O   1 
ATOM   324 C  CB  . MET A 1 39 ? 1.054   -3.511  -4.214  1.00 38.98  ? 39  MET A CB  1 
ATOM   325 C  CG  . MET A 1 39 ? 1.342   -2.722  -2.956  1.00 37.18  ? 39  MET A CG  1 
ATOM   326 S  SD  . MET A 1 39 ? 0.021   -1.545  -2.634  1.00 40.09  ? 39  MET A SD  1 
ATOM   327 C  CE  . MET A 1 39 ? -1.061  -2.433  -1.509  1.00 34.75  ? 39  MET A CE  1 
ATOM   328 N  N   . PHE A 1 40 ? 1.618   -4.787  -7.020  1.00 46.18  ? 40  PHE A N   1 
ATOM   329 C  CA  . PHE A 1 40 ? 1.379   -5.695  -8.129  1.00 45.39  ? 40  PHE A CA  1 
ATOM   330 C  C   . PHE A 1 40 ? 2.514   -6.707  -8.236  1.00 43.74  ? 40  PHE A C   1 
ATOM   331 O  O   . PHE A 1 40 ? 2.259   -7.877  -8.465  1.00 41.74  ? 40  PHE A O   1 
ATOM   332 C  CB  . PHE A 1 40 ? 1.188   -4.958  -9.473  1.00 46.48  ? 40  PHE A CB  1 
ATOM   333 C  CG  . PHE A 1 40 ? 0.669   -5.851  -10.575 1.00 48.61  ? 40  PHE A CG  1 
ATOM   334 C  CD1 . PHE A 1 40 ? -0.701  -6.041  -10.751 1.00 47.65  ? 40  PHE A CD1 1 
ATOM   335 C  CD2 . PHE A 1 40 ? 1.560   -6.533  -11.426 1.00 51.89  ? 40  PHE A CD2 1 
ATOM   336 C  CE1 . PHE A 1 40 ? -1.171  -6.887  -11.744 1.00 49.77  ? 40  PHE A CE1 1 
ATOM   337 C  CE2 . PHE A 1 40 ? 1.094   -7.378  -12.427 1.00 50.57  ? 40  PHE A CE2 1 
ATOM   338 C  CZ  . PHE A 1 40 ? -0.277  -7.558  -12.587 1.00 51.03  ? 40  PHE A CZ  1 
ATOM   339 N  N   A GLU A 1 41 ? 3.746   -6.240  -8.063  0.48 41.99  ? 41  GLU A N   1 
ATOM   340 N  N   B GLU A 1 41 ? 3.754   -6.285  -8.057  0.52 43.37  ? 41  GLU A N   1 
ATOM   341 C  CA  A GLU A 1 41 ? 4.926   -7.093  -8.151  0.48 41.90  ? 41  GLU A CA  1 
ATOM   342 C  CA  B GLU A 1 41 ? 4.858   -7.225  -8.228  0.52 44.60  ? 41  GLU A CA  1 
ATOM   343 C  C   A GLU A 1 41 ? 5.311   -7.762  -6.822  0.48 40.64  ? 41  GLU A C   1 
ATOM   344 C  C   B GLU A 1 41 ? 5.018   -8.223  -7.058  0.52 43.28  ? 41  GLU A C   1 
ATOM   345 O  O   A GLU A 1 41 ? 6.476   -8.071  -6.611  0.48 37.03  ? 41  GLU A O   1 
ATOM   346 O  O   B GLU A 1 41 ? 5.708   -9.230  -7.203  0.52 42.29  ? 41  GLU A O   1 
ATOM   347 C  CB  A GLU A 1 41 ? 6.125   -6.308  -8.707  0.48 41.61  ? 41  GLU A CB  1 
ATOM   348 C  CB  B GLU A 1 41 ? 6.167   -6.488  -8.574  0.52 45.52  ? 41  GLU A CB  1 
ATOM   349 C  CG  A GLU A 1 41 ? 6.051   -5.998  -10.196 0.48 42.15  ? 41  GLU A CG  1 
ATOM   350 C  CG  B GLU A 1 41 ? 6.043   -5.583  -9.801  0.52 48.39  ? 41  GLU A CG  1 
ATOM   351 C  CD  A GLU A 1 41 ? 5.712   -7.223  -11.011 0.48 43.00  ? 41  GLU A CD  1 
ATOM   352 C  CD  B GLU A 1 41 ? 7.371   -5.101  -10.363 0.52 52.81  ? 41  GLU A CD  1 
ATOM   353 O  OE1 A GLU A 1 41 ? 5.461   -8.272  -10.394 0.48 47.89  ? 41  GLU A OE1 1 
ATOM   354 O  OE1 B GLU A 1 41 ? 8.185   -4.513  -9.609  0.52 54.95  ? 41  GLU A OE1 1 
ATOM   355 O  OE2 A GLU A 1 41 ? 5.690   -7.153  -12.256 0.48 43.66  ? 41  GLU A OE2 1 
ATOM   356 O  OE2 B GLU A 1 41 ? 7.599   -5.296  -11.580 0.52 54.71  ? 41  GLU A OE2 1 
ATOM   357 N  N   . GLY A 1 42 ? 4.344   -7.976  -5.931  1.00 39.96  ? 42  GLY A N   1 
ATOM   358 C  CA  . GLY A 1 42 ? 4.581   -8.759  -4.695  1.00 37.98  ? 42  GLY A CA  1 
ATOM   359 C  C   . GLY A 1 42 ? 4.860   -7.996  -3.391  1.00 39.62  ? 42  GLY A C   1 
ATOM   360 O  O   . GLY A 1 42 ? 4.442   -8.423  -2.335  1.00 44.73  ? 42  GLY A O   1 
ATOM   361 N  N   . GLU A 1 43 ? 5.554   -6.865  -3.464  1.00 39.08  ? 43  GLU A N   1 
ATOM   362 C  CA  . GLU A 1 43 ? 5.796   -5.963  -2.316  1.00 37.69  ? 43  GLU A CA  1 
ATOM   363 C  C   . GLU A 1 43 ? 4.642   -5.861  -1.352  1.00 37.75  ? 43  GLU A C   1 
ATOM   364 O  O   . GLU A 1 43 ? 3.556   -5.472  -1.739  1.00 37.91  ? 43  GLU A O   1 
ATOM   365 C  CB  . GLU A 1 43 ? 6.106   -4.556  -2.827  1.00 37.82  ? 43  GLU A CB  1 
ATOM   366 C  CG  . GLU A 1 43 ? 6.411   -3.578  -1.717  1.00 42.20  ? 43  GLU A CG  1 
ATOM   367 C  CD  . GLU A 1 43 ? 7.538   -4.093  -0.849  1.00 47.52  ? 43  GLU A CD  1 
ATOM   368 O  OE1 . GLU A 1 43 ? 8.683   -4.195  -1.355  1.00 41.34  ? 43  GLU A OE1 1 
ATOM   369 O  OE2 . GLU A 1 43 ? 7.268   -4.412  0.330   1.00 50.89  ? 43  GLU A OE2 1 
ATOM   370 N  N   . LYS A 1 44 ? 4.860   -6.193  -0.085  1.00 42.45  ? 44  LYS A N   1 
ATOM   371 C  CA  . LYS A 1 44 ? 3.762   -6.162  0.875   1.00 41.15  ? 44  LYS A CA  1 
ATOM   372 C  C   . LYS A 1 44 ? 4.078   -5.280  2.070   1.00 38.77  ? 44  LYS A C   1 
ATOM   373 O  O   . LYS A 1 44 ? 3.330   -5.207  3.038   1.00 45.66  ? 44  LYS A O   1 
ATOM   374 C  CB  . LYS A 1 44 ? 3.277   -7.592  1.236   1.00 44.29  ? 44  LYS A CB  1 
ATOM   375 C  CG  . LYS A 1 44 ? 3.963   -8.267  2.410   1.00 55.62  ? 44  LYS A CG  1 
ATOM   376 C  CD  . LYS A 1 44 ? 3.427   -9.679  2.654   1.00 65.50  ? 44  LYS A CD  1 
ATOM   377 C  CE  . LYS A 1 44 ? 4.445   -10.545 3.423   1.00 70.42  ? 44  LYS A CE  1 
ATOM   378 N  NZ  . LYS A 1 44 ? 3.939   -11.867 3.924   1.00 64.08  ? 44  LYS A NZ  1 
ATOM   379 N  N   . VAL A 1 45 ? 5.175   -4.554  1.986   1.00 39.14  ? 45  VAL A N   1 
ATOM   380 C  CA  . VAL A 1 45 ? 5.656   -3.824  3.156   1.00 38.69  ? 45  VAL A CA  1 
ATOM   381 C  C   . VAL A 1 45 ? 5.506   -2.324  2.951   1.00 39.32  ? 45  VAL A C   1 
ATOM   382 O  O   . VAL A 1 45 ? 6.054   -1.749  1.998   1.00 38.23  ? 45  VAL A O   1 
ATOM   383 C  CB  . VAL A 1 45 ? 7.140   -4.198  3.456   1.00 37.88  ? 45  VAL A CB  1 
ATOM   384 C  CG1 . VAL A 1 45 ? 7.784   -3.248  4.471   1.00 35.52  ? 45  VAL A CG1 1 
ATOM   385 C  CG2 . VAL A 1 45 ? 7.245   -5.665  3.874   1.00 34.01  ? 45  VAL A CG2 1 
ATOM   386 N  N   . ALA A 1 46 ? 4.754   -1.695  3.842   1.00 42.78  ? 46  ALA A N   1 
ATOM   387 C  CA  . ALA A 1 46 ? 4.698   -0.239  3.894   1.00 49.31  ? 46  ALA A CA  1 
ATOM   388 C  C   . ALA A 1 46 ? 5.681   0.299   4.932   1.00 54.71  ? 46  ALA A C   1 
ATOM   389 O  O   . ALA A 1 46 ? 5.738   -0.206  6.074   1.00 50.50  ? 46  ALA A O   1 
ATOM   390 C  CB  . ALA A 1 46 ? 3.292   0.251   4.196   1.00 50.84  ? 46  ALA A CB  1 
ATOM   391 N  N   . VAL A 1 47 ? 6.417   1.327   4.492   1.00 55.73  ? 47  VAL A N   1 
ATOM   392 C  CA  . VAL A 1 47 ? 7.498   1.993   5.198   1.00 63.42  ? 47  VAL A CA  1 
ATOM   393 C  C   . VAL A 1 47 ? 7.096   3.388   5.713   1.00 72.70  ? 47  VAL A C   1 
ATOM   394 O  O   . VAL A 1 47 ? 6.663   4.253   4.936   1.00 62.09  ? 47  VAL A O   1 
ATOM   395 C  CB  . VAL A 1 47 ? 8.688   2.208   4.231   1.00 65.81  ? 47  VAL A CB  1 
ATOM   396 C  CG1 . VAL A 1 47 ? 9.896   2.815   4.948   1.00 69.58  ? 47  VAL A CG1 1 
ATOM   397 C  CG2 . VAL A 1 47 ? 9.054   0.905   3.540   1.00 64.33  ? 47  VAL A CG2 1 
ATOM   398 N  N   . CYS A 1 48 ? 7.274   3.620   7.013   1.00 78.48  ? 48  CYS A N   1 
ATOM   399 C  CA  . CYS A 1 48 ? 7.186   4.974   7.544   1.00 79.20  ? 48  CYS A CA  1 
ATOM   400 C  C   . CYS A 1 48 ? 8.572   5.614   7.845   1.00 81.44  ? 48  CYS A C   1 
ATOM   401 O  O   . CYS A 1 48 ? 9.157   5.323   8.900   1.00 83.56  ? 48  CYS A O   1 
ATOM   402 C  CB  . CYS A 1 48 ? 6.280   5.021   8.785   1.00 76.74  ? 48  CYS A CB  1 
ATOM   403 S  SG  . CYS A 1 48 ? 6.211   6.707   9.446   1.00 80.36  ? 48  CYS A SG  1 
ATOM   404 N  N   . PRO A 1 49 ? 9.073   6.504   6.941   1.00 79.74  ? 49  PRO A N   1 
ATOM   405 C  CA  . PRO A 1 49 ? 10.395  7.169   7.008   1.00 95.08  ? 49  PRO A CA  1 
ATOM   406 C  C   . PRO A 1 49 ? 10.532  8.573   7.707   1.00 114.73 ? 49  PRO A C   1 
ATOM   407 O  O   . PRO A 1 49 ? 11.456  9.329   7.376   1.00 112.34 ? 49  PRO A O   1 
ATOM   408 C  CB  . PRO A 1 49 ? 10.780  7.281   5.530   1.00 87.60  ? 49  PRO A CB  1 
ATOM   409 C  CG  . PRO A 1 49 ? 9.470   7.416   4.812   1.00 77.22  ? 49  PRO A CG  1 
ATOM   410 C  CD  . PRO A 1 49 ? 8.366   6.907   5.712   1.00 79.00  ? 49  PRO A CD  1 
ATOM   411 N  N   . SER A 1 50 ? 9.647   8.912   8.655   1.00 138.47 ? 50  SER A N   1 
ATOM   412 C  CA  . SER A 1 50 ? 9.879   10.049  9.592   1.00 136.23 ? 50  SER A CA  1 
ATOM   413 C  C   . SER A 1 50 ? 10.638  9.492   10.785  1.00 141.42 ? 50  SER A C   1 
ATOM   414 O  O   . SER A 1 50 ? 11.216  10.219  11.603  1.00 148.71 ? 50  SER A O   1 
ATOM   415 C  CB  . SER A 1 50 ? 8.569   10.625  10.120  1.00 133.05 ? 50  SER A CB  1 
ATOM   416 O  OG  . SER A 1 50 ? 7.939   9.705   11.005  1.00 112.19 ? 50  SER A OG  1 
ATOM   417 N  N   . CYS A 1 51 ? 10.518  8.174   10.897  1.00 120.22 ? 51  CYS A N   1 
ATOM   418 C  CA  . CYS A 1 51 ? 11.286  7.351   11.776  1.00 107.43 ? 51  CYS A CA  1 
ATOM   419 C  C   . CYS A 1 51 ? 11.631  6.222   10.830  1.00 106.33 ? 51  CYS A C   1 
ATOM   420 O  O   . CYS A 1 51 ? 11.594  6.407   9.621   1.00 94.27  ? 51  CYS A O   1 
ATOM   421 C  CB  . CYS A 1 51 ? 10.345  6.866   12.858  1.00 102.66 ? 51  CYS A CB  1 
ATOM   422 S  SG  . CYS A 1 51 ? 8.652   6.976   12.266  1.00 99.41  ? 51  CYS A SG  1 
ATOM   423 N  N   . SER A 1 52 ? 11.984  5.054   11.347  1.00 109.01 ? 52  SER A N   1 
ATOM   424 C  CA  . SER A 1 52 ? 11.741  3.860   10.565  1.00 103.38 ? 52  SER A CA  1 
ATOM   425 C  C   . SER A 1 52 ? 10.783  3.029   11.386  1.00 103.06 ? 52  SER A C   1 
ATOM   426 O  O   . SER A 1 52 ? 10.878  2.978   12.620  1.00 92.43  ? 52  SER A O   1 
ATOM   427 C  CB  . SER A 1 52 ? 13.008  3.086   10.191  1.00 96.88  ? 52  SER A CB  1 
ATOM   428 O  OG  . SER A 1 52 ? 12.783  2.364   8.981   1.00 76.50  ? 52  SER A OG  1 
ATOM   429 N  N   . LEU A 1 53 ? 9.828   2.438   10.681  1.00 95.65  ? 53  LEU A N   1 
ATOM   430 C  CA  . LEU A 1 53 ? 8.838   1.546   11.242  1.00 82.57  ? 53  LEU A CA  1 
ATOM   431 C  C   . LEU A 1 53 ? 8.243   0.954   9.986   1.00 76.24  ? 53  LEU A C   1 
ATOM   432 O  O   . LEU A 1 53 ? 8.310   1.578   8.917   1.00 71.18  ? 53  LEU A O   1 
ATOM   433 C  CB  . LEU A 1 53 ? 7.794   2.341   12.012  1.00 87.64  ? 53  LEU A CB  1 
ATOM   434 C  CG  . LEU A 1 53 ? 7.080   1.676   13.185  1.00 92.42  ? 53  LEU A CG  1 
ATOM   435 C  CD1 . LEU A 1 53 ? 6.346   2.760   13.974  1.00 90.77  ? 53  LEU A CD1 1 
ATOM   436 C  CD2 . LEU A 1 53 ? 6.123   0.577   12.721  1.00 93.66  ? 53  LEU A CD2 1 
ATOM   437 N  N   . MET A 1 54 ? 7.693   -0.249  10.084  1.00 61.47  ? 54  MET A N   1 
ATOM   438 C  CA  . MET A 1 54 ? 7.362   -0.980  8.887   1.00 64.03  ? 54  MET A CA  1 
ATOM   439 C  C   . MET A 1 54 ? 6.156   -1.868  9.112   1.00 65.88  ? 54  MET A C   1 
ATOM   440 O  O   . MET A 1 54 ? 6.128   -2.666  10.062  1.00 62.43  ? 54  MET A O   1 
ATOM   441 C  CB  . MET A 1 54 ? 8.579   -1.785  8.332   1.00 65.39  ? 54  MET A CB  1 
ATOM   442 C  CG  . MET A 1 54 ? 9.641   -0.933  7.616   1.00 63.49  ? 54  MET A CG  1 
ATOM   443 S  SD  . MET A 1 54 ? 10.957  -1.803  6.718   1.00 68.51  ? 54  MET A SD  1 
ATOM   444 C  CE  . MET A 1 54 ? 11.917  -0.491  5.928   1.00 52.52  ? 54  MET A CE  1 
ATOM   445 N  N   . ILE A 1 55 ? 5.172   -1.732  8.219   1.00 60.44  ? 55  ILE A N   1 
ATOM   446 C  CA  . ILE A 1 55 ? 3.921   -2.462  8.346   1.00 60.38  ? 55  ILE A CA  1 
ATOM   447 C  C   . ILE A 1 55 ? 3.629   -3.311  7.095   1.00 56.41  ? 55  ILE A C   1 
ATOM   448 O  O   . ILE A 1 55 ? 3.927   -2.892  5.978   1.00 56.54  ? 55  ILE A O   1 
ATOM   449 C  CB  . ILE A 1 55 ? 2.769   -1.491  8.708   1.00 59.46  ? 55  ILE A CB  1 
ATOM   450 C  CG1 . ILE A 1 55 ? 1.512   -2.246  9.154   1.00 62.51  ? 55  ILE A CG1 1 
ATOM   451 C  CG2 . ILE A 1 55 ? 2.496   -0.524  7.566   1.00 59.17  ? 55  ILE A CG2 1 
ATOM   452 C  CD1 . ILE A 1 55 ? 0.539   -1.374  9.930   1.00 61.04  ? 55  ILE A CD1 1 
ATOM   453 N  N   . ASP A 1 56 ? 3.057   -4.498  7.328   1.00 50.41  ? 56  ASP A N   1 
ATOM   454 C  CA  . ASP A 1 56 ? 2.741   -5.506  6.329   1.00 45.35  ? 56  ASP A CA  1 
ATOM   455 C  C   . ASP A 1 56 ? 1.345   -5.270  5.834   1.00 49.90  ? 56  ASP A C   1 
ATOM   456 O  O   . ASP A 1 56 ? 0.416   -5.342  6.642   1.00 48.13  ? 56  ASP A O   1 
ATOM   457 C  CB  . ASP A 1 56 ? 2.656   -6.881  7.005   1.00 49.32  ? 56  ASP A CB  1 
ATOM   458 C  CG  . ASP A 1 56 ? 4.015   -7.628  7.123   1.00 55.47  ? 56  ASP A CG  1 
ATOM   459 O  OD1 . ASP A 1 56 ? 5.111   -7.073  6.868   1.00 55.99  ? 56  ASP A OD1 1 
ATOM   460 O  OD2 . ASP A 1 56 ? 3.954   -8.823  7.500   1.00 53.69  ? 56  ASP A OD2 1 
ATOM   461 N  N   . VAL A 1 57 ? 1.161   -5.075  4.519   1.00 48.96  ? 57  VAL A N   1 
ATOM   462 C  CA  . VAL A 1 57 ? -0.187  -4.873  3.931   1.00 42.85  ? 57  VAL A CA  1 
ATOM   463 C  C   . VAL A 1 57 ? -0.736  -6.167  3.320   1.00 41.90  ? 57  VAL A C   1 
ATOM   464 O  O   . VAL A 1 57 ? -0.151  -6.724  2.395   1.00 41.30  ? 57  VAL A O   1 
ATOM   465 C  CB  . VAL A 1 57 ? -0.170  -3.807  2.806   1.00 45.24  ? 57  VAL A CB  1 
ATOM   466 C  CG1 . VAL A 1 57 ? -1.579  -3.517  2.289   1.00 46.53  ? 57  VAL A CG1 1 
ATOM   467 C  CG2 . VAL A 1 57 ? 0.501   -2.539  3.258   1.00 41.18  ? 57  VAL A CG2 1 
ATOM   468 N  N   . VAL A 1 58 ? -1.874  -6.626  3.817   1.00 41.68  ? 58  VAL A N   1 
ATOM   469 C  CA  . VAL A 1 58 ? -2.565  -7.785  3.266   1.00 36.22  ? 58  VAL A CA  1 
ATOM   470 C  C   . VAL A 1 58 ? -3.494  -7.405  2.101   1.00 42.64  ? 58  VAL A C   1 
ATOM   471 O  O   . VAL A 1 58 ? -4.481  -6.638  2.285   1.00 39.15  ? 58  VAL A O   1 
ATOM   472 C  CB  . VAL A 1 58 ? -3.506  -8.369  4.302   1.00 41.37  ? 58  VAL A CB  1 
ATOM   473 C  CG1 . VAL A 1 58 ? -4.199  -9.624  3.747   1.00 40.97  ? 58  VAL A CG1 1 
ATOM   474 C  CG2 . VAL A 1 58 ? -2.797  -8.565  5.649   1.00 40.47  ? 58  VAL A CG2 1 
ATOM   475 N  N   . PHE A 1 59 ? -3.218  -7.981  0.922   1.00 37.95  ? 59  PHE A N   1 
ATOM   476 C  CA  . PHE A 1 59 ? -4.021  -7.765  -0.246  1.00 33.06  ? 59  PHE A CA  1 
ATOM   477 C  C   . PHE A 1 59 ? -3.755  -8.934  -1.220  1.00 35.77  ? 59  PHE A C   1 
ATOM   478 O  O   . PHE A 1 59 ? -2.767  -9.644  -1.074  1.00 33.86  ? 59  PHE A O   1 
ATOM   479 C  CB  . PHE A 1 59 ? -3.628  -6.419  -0.863  1.00 33.62  ? 59  PHE A CB  1 
ATOM   480 C  CG  . PHE A 1 59 ? -2.203  -6.370  -1.346  1.00 33.74  ? 59  PHE A CG  1 
ATOM   481 C  CD1 . PHE A 1 59 ? -1.179  -5.998  -0.501  1.00 30.63  ? 59  PHE A CD1 1 
ATOM   482 C  CD2 . PHE A 1 59 ? -1.891  -6.695  -2.686  1.00 34.18  ? 59  PHE A CD2 1 
ATOM   483 C  CE1 . PHE A 1 59 ? 0.128   -5.952  -0.954  1.00 30.54  ? 59  PHE A CE1 1 
ATOM   484 C  CE2 . PHE A 1 59 ? -0.573  -6.656  -3.145  1.00 34.13  ? 59  PHE A CE2 1 
ATOM   485 C  CZ  . PHE A 1 59 ? 0.433   -6.268  -2.275  1.00 33.63  ? 59  PHE A CZ  1 
ATOM   486 N  N   . ASP A 1 60 ? -4.682  -9.151  -2.158  1.00 37.11  ? 60  ASP A N   1 
ATOM   487 C  CA  . ASP A 1 60 ? -4.469  -9.926  -3.387  1.00 37.42  ? 60  ASP A CA  1 
ATOM   488 C  C   . ASP A 1 60 ? -4.652  -9.021  -4.606  1.00 38.31  ? 60  ASP A C   1 
ATOM   489 O  O   . ASP A 1 60 ? -5.144  -7.887  -4.485  1.00 32.07  ? 60  ASP A O   1 
ATOM   490 C  CB  . ASP A 1 60 ? -5.428  -11.138 -3.455  1.00 41.45  ? 60  ASP A CB  1 
ATOM   491 C  CG  . ASP A 1 60 ? -6.917  -10.762 -3.300  1.00 45.21  ? 60  ASP A CG  1 
ATOM   492 O  OD1 . ASP A 1 60 ? -7.377  -9.856  -4.039  1.00 52.20  ? 60  ASP A OD1 1 
ATOM   493 O  OD2 . ASP A 1 60 ? -7.632  -11.402 -2.467  1.00 40.09  ? 60  ASP A OD2 1 
ATOM   494 N  N   . LYS A 1 61 ? -4.260  -9.521  -5.774  1.00 41.15  ? 61  LYS A N   1 
ATOM   495 C  CA  . LYS A 1 61 ? -4.412  -8.800  -7.042  1.00 44.23  ? 61  LYS A CA  1 
ATOM   496 C  C   . LYS A 1 61 ? -5.825  -8.214  -7.286  1.00 48.49  ? 61  LYS A C   1 
ATOM   497 O  O   . LYS A 1 61 ? -5.977  -7.077  -7.782  1.00 51.70  ? 61  LYS A O   1 
ATOM   498 C  CB  . LYS A 1 61 ? -3.952  -9.671  -8.227  1.00 43.73  ? 61  LYS A CB  1 
ATOM   499 C  CG  . LYS A 1 61 ? -2.443  -9.777  -8.303  1.00 50.99  ? 61  LYS A CG  1 
ATOM   500 C  CD  . LYS A 1 61 ? -1.950  -10.617 -9.470  1.00 57.36  ? 61  LYS A CD  1 
ATOM   501 C  CE  . LYS A 1 61 ? -0.467  -10.349 -9.737  1.00 55.66  ? 61  LYS A CE  1 
ATOM   502 N  NZ  . LYS A 1 61 ? 0.404   -10.957 -8.696  1.00 50.37  ? 61  LYS A NZ  1 
ATOM   503 N  N   . GLU A 1 62 ? -6.867  -8.958  -6.937  1.00 48.50  ? 62  GLU A N   1 
ATOM   504 C  CA  . GLU A 1 62 ? -8.187  -8.477  -7.270  1.00 43.78  ? 62  GLU A CA  1 
ATOM   505 C  C   . GLU A 1 62 ? -8.563  -7.285  -6.417  1.00 42.60  ? 62  GLU A C   1 
ATOM   506 O  O   . GLU A 1 62 ? -9.353  -6.462  -6.846  1.00 45.79  ? 62  GLU A O   1 
ATOM   507 C  CB  . GLU A 1 62 ? -9.208  -9.596  -7.189  1.00 43.61  ? 62  GLU A CB  1 
ATOM   508 C  CG  . GLU A 1 62 ? -10.625 -9.135  -6.899  1.00 48.93  ? 62  GLU A CG  1 
ATOM   509 C  CD  . GLU A 1 62 ? -11.574 -10.290 -7.022  1.00 58.32  ? 62  GLU A CD  1 
ATOM   510 O  OE1 . GLU A 1 62 ? -11.951 -10.872 -5.970  1.00 62.96  ? 62  GLU A OE1 1 
ATOM   511 O  OE2 . GLU A 1 62 ? -11.880 -10.657 -8.181  1.00 63.22  ? 62  GLU A OE2 1 
ATOM   512 N  N   . ASP A 1 63 ? -8.006  -7.181  -5.215  1.00 39.64  ? 63  ASP A N   1 
ATOM   513 C  CA  . ASP A 1 63 ? -8.212  -5.995  -4.406  1.00 37.56  ? 63  ASP A CA  1 
ATOM   514 C  C   . ASP A 1 63 ? -7.552  -4.819  -5.083  1.00 38.66  ? 63  ASP A C   1 
ATOM   515 O  O   . ASP A 1 63 ? -7.909  -3.678  -4.788  1.00 43.25  ? 63  ASP A O   1 
ATOM   516 C  CB  . ASP A 1 63 ? -7.633  -6.147  -2.998  1.00 40.42  ? 63  ASP A CB  1 
ATOM   517 C  CG  . ASP A 1 63 ? -8.082  -7.436  -2.300  1.00 42.08  ? 63  ASP A CG  1 
ATOM   518 O  OD1 . ASP A 1 63 ? -9.062  -8.061  -2.730  1.00 35.09  ? 63  ASP A OD1 1 
ATOM   519 O  OD2 . ASP A 1 63 ? -7.454  -7.830  -1.304  1.00 45.65  ? 63  ASP A OD2 1 
ATOM   520 N  N   . LEU A 1 64 ? -6.614  -5.075  -6.000  1.00 34.46  ? 64  LEU A N   1 
ATOM   521 C  CA  . LEU A 1 64 ? -5.968  -3.976  -6.740  1.00 36.84  ? 64  LEU A CA  1 
ATOM   522 C  C   . LEU A 1 64 ? -6.706  -3.437  -7.985  1.00 43.09  ? 64  LEU A C   1 
ATOM   523 O  O   . LEU A 1 64 ? -6.511  -2.241  -8.325  1.00 47.46  ? 64  LEU A O   1 
ATOM   524 C  CB  . LEU A 1 64 ? -4.526  -4.314  -7.101  1.00 38.21  ? 64  LEU A CB  1 
ATOM   525 C  CG  . LEU A 1 64 ? -3.451  -4.569  -6.004  1.00 39.73  ? 64  LEU A CG  1 
ATOM   526 C  CD1 . LEU A 1 64 ? -2.069  -4.786  -6.619  1.00 34.78  ? 64  LEU A CD1 1 
ATOM   527 C  CD2 . LEU A 1 64 ? -3.391  -3.509  -4.899  1.00 35.00  ? 64  LEU A CD2 1 
ATOM   528 N  N   . ALA A 1 65 ? -7.526  -4.269  -8.665  1.00 35.51  ? 65  ALA A N   1 
ATOM   529 C  CA  . ALA A 1 65 ? -8.373  -3.749  -9.778  1.00 38.52  ? 65  ALA A CA  1 
ATOM   530 C  C   . ALA A 1 65 ? -8.904  -2.338  -9.530  1.00 34.65  ? 65  ALA A C   1 
ATOM   531 O  O   . ALA A 1 65 ? -8.566  -1.448  -10.297 1.00 38.88  ? 65  ALA A O   1 
ATOM   532 C  CB  . ALA A 1 65 ? -9.520  -4.696  -10.203 1.00 30.30  ? 65  ALA A CB  1 
ATOM   533 N  N   . GLU A 1 66 ? -9.667  -2.116  -8.451  1.00 36.46  ? 66  GLU A N   1 
ATOM   534 C  CA  . GLU A 1 66 ? -10.335 -0.800  -8.235  1.00 39.30  ? 66  GLU A CA  1 
ATOM   535 C  C   . GLU A 1 66 ? -9.420  0.448   -8.196  1.00 40.82  ? 66  GLU A C   1 
ATOM   536 O  O   . GLU A 1 66 ? -9.841  1.553   -8.517  1.00 41.73  ? 66  GLU A O   1 
ATOM   537 C  CB  . GLU A 1 66 ? -11.323 -0.803  -7.054  1.00 42.21  ? 66  GLU A CB  1 
ATOM   538 C  CG  . GLU A 1 66 ? -10.725 -1.223  -5.714  1.00 54.08  ? 66  GLU A CG  1 
ATOM   539 C  CD  . GLU A 1 66 ? -11.699 -1.127  -4.519  1.00 59.19  ? 66  GLU A CD  1 
ATOM   540 O  OE1 . GLU A 1 66 ? -12.214 -0.020  -4.273  1.00 63.12  ? 66  GLU A OE1 1 
ATOM   541 O  OE2 . GLU A 1 66 ? -11.926 -2.149  -3.795  1.00 66.79  ? 66  GLU A OE2 1 
ATOM   542 N  N   . TYR A 1 67 ? -8.169  0.271   -7.818  1.00 37.45  ? 67  TYR A N   1 
ATOM   543 C  CA  . TYR A 1 67 ? -7.361  1.414   -7.549  1.00 35.41  ? 67  TYR A CA  1 
ATOM   544 C  C   . TYR A 1 67 ? -6.619  1.738   -8.818  1.00 35.06  ? 67  TYR A C   1 
ATOM   545 O  O   . TYR A 1 67 ? -6.312  2.885   -9.079  1.00 37.41  ? 67  TYR A O   1 
ATOM   546 C  CB  . TYR A 1 67 ? -6.441  1.146   -6.358  1.00 35.83  ? 67  TYR A CB  1 
ATOM   547 C  CG  . TYR A 1 67 ? -7.149  0.780   -5.036  1.00 34.52  ? 67  TYR A CG  1 
ATOM   548 C  CD1 . TYR A 1 67 ? -7.698  1.760   -4.208  1.00 36.49  ? 67  TYR A CD1 1 
ATOM   549 C  CD2 . TYR A 1 67 ? -7.193  -0.531  -4.587  1.00 32.33  ? 67  TYR A CD2 1 
ATOM   550 C  CE1 . TYR A 1 67 ? -8.295  1.436   -2.977  1.00 33.87  ? 67  TYR A CE1 1 
ATOM   551 C  CE2 . TYR A 1 67 ? -7.807  -0.858  -3.406  1.00 32.07  ? 67  TYR A CE2 1 
ATOM   552 C  CZ  . TYR A 1 67 ? -8.349  0.127   -2.598  1.00 37.58  ? 67  TYR A CZ  1 
ATOM   553 O  OH  . TYR A 1 67 ? -8.950  -0.220  -1.386  1.00 46.12  ? 67  TYR A OH  1 
ATOM   554 N  N   . TYR A 1 68 ? -6.325  0.726   -9.627  1.00 40.39  ? 68  TYR A N   1 
ATOM   555 C  CA  . TYR A 1 68 ? -5.964  0.969   -11.048 1.00 40.51  ? 68  TYR A CA  1 
ATOM   556 C  C   . TYR A 1 68 ? -6.967  1.903   -11.718 1.00 40.76  ? 68  TYR A C   1 
ATOM   557 O  O   . TYR A 1 68 ? -6.586  2.816   -12.472 1.00 39.65  ? 68  TYR A O   1 
ATOM   558 C  CB  . TYR A 1 68 ? -5.811  -0.354  -11.833 1.00 38.93  ? 68  TYR A CB  1 
ATOM   559 C  CG  . TYR A 1 68 ? -4.450  -0.945  -11.547 1.00 41.09  ? 68  TYR A CG  1 
ATOM   560 C  CD1 . TYR A 1 68 ? -3.305  -0.465  -12.218 1.00 41.63  ? 68  TYR A CD1 1 
ATOM   561 C  CD2 . TYR A 1 68 ? -4.272  -1.913  -10.551 1.00 37.80  ? 68  TYR A CD2 1 
ATOM   562 C  CE1 . TYR A 1 68 ? -2.039  -0.943  -11.912 1.00 38.51  ? 68  TYR A CE1 1 
ATOM   563 C  CE2 . TYR A 1 68 ? -3.010  -2.413  -10.265 1.00 37.37  ? 68  TYR A CE2 1 
ATOM   564 C  CZ  . TYR A 1 68 ? -1.886  -1.915  -10.935 1.00 40.53  ? 68  TYR A CZ  1 
ATOM   565 O  OH  . TYR A 1 68 ? -0.595  -2.394  -10.650 1.00 43.67  ? 68  TYR A OH  1 
ATOM   566 N  N   . GLU A 1 69 ? -8.249  1.694   -11.412 1.00 43.70  ? 69  GLU A N   1 
ATOM   567 C  CA  . GLU A 1 69 ? -9.323  2.419   -12.109 1.00 43.39  ? 69  GLU A CA  1 
ATOM   568 C  C   . GLU A 1 69 ? -9.384  3.848   -11.652 1.00 41.78  ? 69  GLU A C   1 
ATOM   569 O  O   . GLU A 1 69 ? -9.293  4.745   -12.481 1.00 47.02  ? 69  GLU A O   1 
ATOM   570 C  CB  . GLU A 1 69 ? -10.671 1.707   -12.009 1.00 43.47  ? 69  GLU A CB  1 
ATOM   571 C  CG  . GLU A 1 69 ? -10.637 0.299   -12.600 1.00 45.47  ? 69  GLU A CG  1 
ATOM   572 C  CD  . GLU A 1 69 ? -11.964 -0.426  -12.465 1.00 48.62  ? 69  GLU A CD  1 
ATOM   573 O  OE1 . GLU A 1 69 ? -12.915 0.190   -11.932 1.00 49.74  ? 69  GLU A OE1 1 
ATOM   574 O  OE2 . GLU A 1 69 ? -12.083 -1.596  -12.910 1.00 52.86  ? 69  GLU A OE2 1 
ATOM   575 N  N   . GLU A 1 70 ? -9.483  4.067   -10.344 1.00 42.87  ? 70  GLU A N   1 
ATOM   576 C  CA  . GLU A 1 70 ? -9.325  5.420   -9.739  1.00 44.58  ? 70  GLU A CA  1 
ATOM   577 C  C   . GLU A 1 70 ? -8.089  6.192   -10.240 1.00 41.67  ? 70  GLU A C   1 
ATOM   578 O  O   . GLU A 1 70 ? -8.138  7.398   -10.399 1.00 40.93  ? 70  GLU A O   1 
ATOM   579 C  CB  . GLU A 1 70 ? -9.274  5.333   -8.212  1.00 43.79  ? 70  GLU A CB  1 
ATOM   580 C  CG  . GLU A 1 70 ? -10.138 4.208   -7.681  1.00 47.98  ? 70  GLU A CG  1 
ATOM   581 C  CD  . GLU A 1 70 ? -10.467 4.315   -6.206  1.00 57.07  ? 70  GLU A CD  1 
ATOM   582 O  OE1 . GLU A 1 70 ? -9.709  4.980   -5.442  1.00 59.94  ? 70  GLU A OE1 1 
ATOM   583 O  OE2 . GLU A 1 70 ? -11.499 3.708   -5.809  1.00 56.91  ? 70  GLU A OE2 1 
ATOM   584 N  N   . ALA A 1 71 ? -6.984  5.497   -10.481 1.00 45.00  ? 71  ALA A N   1 
ATOM   585 C  CA  . ALA A 1 71 ? -5.756  6.119   -10.987 1.00 44.61  ? 71  ALA A CA  1 
ATOM   586 C  C   . ALA A 1 71 ? -5.818  6.485   -12.478 1.00 47.39  ? 71  ALA A C   1 
ATOM   587 O  O   . ALA A 1 71 ? -5.103  7.383   -12.948 1.00 52.92  ? 71  ALA A O   1 
ATOM   588 C  CB  . ALA A 1 71 ? -4.576  5.213   -10.710 1.00 45.23  ? 71  ALA A CB  1 
ATOM   589 N  N   . GLY A 1 72 ? -6.674  5.828   -13.241 1.00 42.46  ? 72  GLY A N   1 
ATOM   590 C  CA  . GLY A 1 72 ? -6.706  6.161   -14.648 1.00 37.14  ? 72  GLY A CA  1 
ATOM   591 C  C   . GLY A 1 72 ? -5.748  5.312   -15.451 1.00 37.01  ? 72  GLY A C   1 
ATOM   592 O  O   . GLY A 1 72 ? -5.432  5.667   -16.569 1.00 39.90  ? 72  GLY A O   1 
ATOM   593 N  N   . ILE A 1 73 ? -5.312  4.181   -14.891 1.00 37.69  ? 73  ILE A N   1 
ATOM   594 C  CA  . ILE A 1 73 ? -4.348  3.265   -15.556 1.00 44.29  ? 73  ILE A CA  1 
ATOM   595 C  C   . ILE A 1 73 ? -4.795  1.812   -15.561 1.00 43.53  ? 73  ILE A C   1 
ATOM   596 O  O   . ILE A 1 73 ? -5.803  1.463   -14.987 1.00 44.03  ? 73  ILE A O   1 
ATOM   597 C  CB  . ILE A 1 73 ? -2.930  3.268   -14.911 1.00 43.67  ? 73  ILE A CB  1 
ATOM   598 C  CG1 . ILE A 1 73 ? -3.003  3.151   -13.379 1.00 42.01  ? 73  ILE A CG1 1 
ATOM   599 C  CG2 . ILE A 1 73 ? -2.125  4.481   -15.357 1.00 42.32  ? 73  ILE A CG2 1 
ATOM   600 C  CD1 . ILE A 1 73 ? -1.666  3.379   -12.691 1.00 41.04  ? 73  ILE A CD1 1 
ATOM   601 N  N   . HIS A 1 74 ? -4.002  0.969   -16.195 1.00 44.62  ? 74  HIS A N   1 
ATOM   602 C  CA  . HIS A 1 74 ? -4.327  -0.444  -16.290 1.00 49.30  ? 74  HIS A CA  1 
ATOM   603 C  C   . HIS A 1 74 ? -3.209  -1.248  -15.711 1.00 47.21  ? 74  HIS A C   1 
ATOM   604 O  O   . HIS A 1 74 ? -2.071  -0.808  -15.728 1.00 47.76  ? 74  HIS A O   1 
ATOM   605 C  CB  . HIS A 1 74 ? -4.569  -0.818  -17.755 1.00 48.61  ? 74  HIS A CB  1 
ATOM   606 C  CG  . HIS A 1 74 ? -5.777  -0.151  -18.329 1.00 50.88  ? 74  HIS A CG  1 
ATOM   607 N  ND1 . HIS A 1 74 ? -5.710  1.032   -18.992 1.00 52.74  ? 74  HIS A ND1 1 
ATOM   608 C  CD2 . HIS A 1 74 ? -7.115  -0.513  -18.296 1.00 49.13  ? 74  HIS A CD2 1 
ATOM   609 C  CE1 . HIS A 1 74 ? -6.946  1.406   -19.363 1.00 52.44  ? 74  HIS A CE1 1 
ATOM   610 N  NE2 . HIS A 1 74 ? -7.810  0.463   -18.936 1.00 55.74  ? 74  HIS A NE2 1 
ATOM   611 N  N   . PRO A 1 75 ? -3.507  -2.441  -15.208 1.00 49.17  ? 75  PRO A N   1 
ATOM   612 C  CA  . PRO A 1 75 ? -2.444  -3.294  -14.732 1.00 49.97  ? 75  PRO A CA  1 
ATOM   613 C  C   . PRO A 1 75 ? -1.545  -3.841  -15.849 1.00 52.79  ? 75  PRO A C   1 
ATOM   614 O  O   . PRO A 1 75 ? -2.029  -4.026  -16.961 1.00 57.61  ? 75  PRO A O   1 
ATOM   615 C  CB  . PRO A 1 75 ? -3.213  -4.432  -14.053 1.00 52.94  ? 75  PRO A CB  1 
ATOM   616 C  CG  . PRO A 1 75 ? -4.585  -4.404  -14.612 1.00 50.09  ? 75  PRO A CG  1 
ATOM   617 C  CD  . PRO A 1 75 ? -4.834  -2.942  -14.798 1.00 54.99  ? 75  PRO A CD  1 
ATOM   618 N  N   . PRO A 1 76 ? -0.236  -4.091  -15.552 1.00 54.55  ? 76  PRO A N   1 
ATOM   619 C  CA  . PRO A 1 76 ? 0.748   -4.725  -16.477 1.00 53.16  ? 76  PRO A CA  1 
ATOM   620 C  C   . PRO A 1 76 ? 0.279   -6.038  -17.116 1.00 58.03  ? 76  PRO A C   1 
ATOM   621 O  O   . PRO A 1 76 ? 0.727   -6.384  -18.207 1.00 55.48  ? 76  PRO A O   1 
ATOM   622 C  CB  . PRO A 1 76 ? 1.950   -5.011  -15.580 1.00 48.62  ? 76  PRO A CB  1 
ATOM   623 C  CG  . PRO A 1 76 ? 1.849   -4.024  -14.467 1.00 52.45  ? 76  PRO A CG  1 
ATOM   624 C  CD  . PRO A 1 76 ? 0.422   -3.555  -14.341 1.00 51.14  ? 76  PRO A CD  1 
ATOM   625 N  N   . GLU A 1 77 ? -0.568  -6.768  -16.399 1.00 58.42  ? 77  GLU A N   1 
ATOM   626 C  CA  . GLU A 1 77 ? -1.264  -7.932  -16.898 1.00 63.12  ? 77  GLU A CA  1 
ATOM   627 C  C   . GLU A 1 77 ? -2.696  -7.885  -16.374 1.00 65.82  ? 77  GLU A C   1 
ATOM   628 O  O   . GLU A 1 77 ? -2.939  -7.329  -15.312 1.00 64.67  ? 77  GLU A O   1 
ATOM   629 C  CB  . GLU A 1 77 ? -0.549  -9.181  -16.439 1.00 65.45  ? 77  GLU A CB  1 
ATOM   630 C  CG  . GLU A 1 77 ? 0.723   -9.378  -17.231 1.00 75.59  ? 77  GLU A CG  1 
ATOM   631 C  CD  . GLU A 1 77 ? 1.698   -10.289 -16.544 1.00 88.05  ? 77  GLU A CD  1 
ATOM   632 O  OE1 . GLU A 1 77 ? 2.004   -10.036 -15.357 1.00 96.41  ? 77  GLU A OE1 1 
ATOM   633 O  OE2 . GLU A 1 77 ? 2.160   -11.253 -17.197 1.00 98.48  ? 77  GLU A OE2 1 
ATOM   634 N  N   . PRO A 1 78 ? -3.663  -8.425  -17.135 1.00 70.59  ? 78  PRO A N   1 
ATOM   635 C  CA  . PRO A 1 78 ? -5.052  -8.340  -16.660 1.00 65.94  ? 78  PRO A CA  1 
ATOM   636 C  C   . PRO A 1 78 ? -5.282  -9.088  -15.342 1.00 65.85  ? 78  PRO A C   1 
ATOM   637 O  O   . PRO A 1 78 ? -4.561  -10.041 -15.041 1.00 58.93  ? 78  PRO A O   1 
ATOM   638 C  CB  . PRO A 1 78 ? -5.841  -8.980  -17.803 1.00 72.47  ? 78  PRO A CB  1 
ATOM   639 C  CG  . PRO A 1 78 ? -5.008  -8.684  -19.016 1.00 70.46  ? 78  PRO A CG  1 
ATOM   640 C  CD  . PRO A 1 78 ? -3.590  -8.878  -18.539 1.00 68.96  ? 78  PRO A CD  1 
ATOM   641 N  N   . ILE A 1 79 ? -6.256  -8.618  -14.558 1.00 63.87  ? 79  ILE A N   1 
ATOM   642 C  CA  . ILE A 1 79 ? -6.637  -9.232  -13.274 1.00 60.99  ? 79  ILE A CA  1 
ATOM   643 C  C   . ILE A 1 79 ? -7.979  -9.967  -13.426 1.00 62.29  ? 79  ILE A C   1 
ATOM   644 O  O   . ILE A 1 79 ? -7.995  -11.184 -13.630 1.00 70.69  ? 79  ILE A O   1 
ATOM   645 C  CB  . ILE A 1 79 ? -6.709  -8.181  -12.126 1.00 53.00  ? 79  ILE A CB  1 
ATOM   646 C  CG1 . ILE A 1 79 ? -5.408  -7.367  -12.065 1.00 47.17  ? 79  ILE A CG1 1 
ATOM   647 C  CG2 . ILE A 1 79 ? -7.105  -8.815  -10.776 1.00 47.98  ? 79  ILE A CG2 1 
ATOM   648 C  CD1 . ILE A 1 79 ? -5.471  -6.157  -11.158 1.00 37.92  ? 79  ILE A CD1 1 
HETATM 649 CD CD  A CD  B 2 .  ? 6.799   2.814   -8.682  0.50 41.36  ? 101 CD  A CD  1 
HETATM 650 CD CD  A CD  C 2 .  ? 10.021  -5.059  0.204   0.50 52.25  ? 102 CD  A CD  1 
HETATM 651 CD CD  B CD  D 2 .  ? -9.405  -10.061 -1.976  0.50 41.36  ? 103 CD  A CD  1 
HETATM 652 CD CD  B CD  E 2 .  ? -14.446 -1.559  -11.616 0.50 52.25  ? 104 CD  A CD  1 
HETATM 653 O  O   . HOH F 3 .  ? 7.484   12.588  11.519  1.00 63.03  ? 201 HOH A O   1 
HETATM 654 O  O   . HOH F 3 .  ? 4.481   9.784   -4.606  1.00 33.21  ? 202 HOH A O   1 
HETATM 655 O  O   . HOH F 3 .  ? -7.235  -13.013 -0.643  1.00 44.61  ? 203 HOH A O   1 
HETATM 656 O  O   . HOH F 3 .  ? -3.578  12.239  -5.529  1.00 47.50  ? 204 HOH A O   1 
HETATM 657 O  O   . HOH F 3 .  ? -14.607 -4.277  -13.276 1.00 41.69  ? 205 HOH A O   1 
# 
